data_6KEX
#
_entry.id   6KEX
#
_cell.length_a   49.835
_cell.length_b   80.359
_cell.length_c   103.087
_cell.angle_alpha   70.100
_cell.angle_beta   82.260
_cell.angle_gamma   89.850
#
_symmetry.space_group_name_H-M   'P 1'
#
loop_
_entity.id
_entity.type
_entity.pdbx_description
1 polymer Phosphoribulokinase
2 water water
#
_entity_poly.entity_id   1
_entity_poly.type   'polypeptide(L)'
_entity_poly.pdbx_seq_one_letter_code
;MGAQETIVIGLAADSGCGKSTFMRRLTSVFGGAAKPPKGGNPDSNTLISDTTTVICLDDYHSLDRYGRKEQKVTALDPRA
NDFDLMYEQVKALKNGIAVEKPIYNHVTGLLDPPELIQPPKILVIEGLHPMFDERVRDLLDFSIYLDISNEVKFAWKIQR
DMAERGHSLESIKASIEARKPDFDAFIDPQKQYADAVIEVLPTTLIPDDNEGKVLRVRLIMKEGVKYFSPVYLFDEGSTI
SWIPCGRKLTCSYPGIKFNYEPDSYFDHEVSVLEMDGQFDRLDELIYVESHLSNLSTKFYGEVTQQMLKHADFPGSNNGT
GLFQTIVGLKIRDLYEQLIANKATARAEAKALEHHHHHH
;
_entity_poly.pdbx_strand_id   A,B,C,D
#
# COMPACT_ATOMS: atom_id res chain seq x y z
N GLU A 5 29.99 -3.84 27.22
CA GLU A 5 29.82 -2.60 27.96
C GLU A 5 28.35 -2.23 28.13
N THR A 6 27.49 -3.22 28.06
CA THR A 6 26.05 -3.02 28.04
C THR A 6 25.43 -3.69 29.26
N ILE A 7 24.70 -2.92 30.07
CA ILE A 7 23.96 -3.45 31.21
C ILE A 7 22.51 -3.64 30.79
N VAL A 8 21.96 -4.82 31.06
CA VAL A 8 20.59 -5.15 30.66
C VAL A 8 19.72 -5.20 31.91
N ILE A 9 18.66 -4.40 31.92
CA ILE A 9 17.74 -4.30 33.05
C ILE A 9 16.40 -4.88 32.62
N GLY A 10 15.82 -5.72 33.46
CA GLY A 10 14.53 -6.32 33.20
C GLY A 10 13.43 -5.57 33.94
N LEU A 11 12.42 -5.15 33.18
CA LEU A 11 11.26 -4.45 33.73
C LEU A 11 10.00 -5.23 33.34
N ALA A 12 9.53 -6.10 34.23
CA ALA A 12 8.29 -6.82 34.01
C ALA A 12 7.13 -5.98 34.55
N ALA A 13 6.22 -5.60 33.65
CA ALA A 13 5.07 -4.80 34.07
C ALA A 13 3.88 -5.06 33.16
N ASP A 14 2.70 -4.95 33.75
CA ASP A 14 1.45 -5.17 33.04
C ASP A 14 1.19 -4.01 32.10
N SER A 15 0.49 -4.33 31.02
CA SER A 15 0.30 -3.39 29.93
C SER A 15 -0.90 -2.50 30.24
N GLY A 16 -0.64 -1.22 30.43
CA GLY A 16 -1.69 -0.23 30.35
C GLY A 16 -1.87 0.66 31.56
N CYS A 17 -1.09 0.50 32.60
CA CYS A 17 -1.35 1.27 33.82
C CYS A 17 -0.19 2.19 34.20
N GLY A 18 0.84 1.65 34.84
CA GLY A 18 1.91 2.49 35.36
C GLY A 18 3.28 2.17 34.80
N LYS A 19 3.32 1.18 33.90
CA LYS A 19 4.58 0.75 33.27
C LYS A 19 5.20 1.89 32.46
N SER A 20 4.40 2.61 31.69
CA SER A 20 4.90 3.77 30.93
C SER A 20 5.48 4.85 31.85
N THR A 21 4.75 5.20 32.91
CA THR A 21 5.21 6.20 33.88
C THR A 21 6.49 5.75 34.58
N PHE A 22 6.57 4.46 34.93
CA PHE A 22 7.77 3.94 35.58
C PHE A 22 9.00 4.08 34.69
N MET A 23 8.88 3.65 33.43
CA MET A 23 10.03 3.67 32.54
C MET A 23 10.56 5.09 32.36
N ARG A 24 9.68 6.09 32.38
CA ARG A 24 10.13 7.48 32.23
C ARG A 24 10.86 7.97 33.46
N ARG A 25 10.48 7.51 34.65
CA ARG A 25 11.22 7.90 35.85
C ARG A 25 12.61 7.27 35.87
N LEU A 26 12.77 6.10 35.28
CA LEU A 26 14.10 5.49 35.22
C LEU A 26 15.00 6.24 34.24
N THR A 27 14.47 6.57 33.04
CA THR A 27 15.30 7.26 32.05
C THR A 27 15.73 8.64 32.54
N SER A 28 14.90 9.31 33.34
CA SER A 28 15.32 10.57 33.93
C SER A 28 16.56 10.39 34.79
N VAL A 29 16.62 9.30 35.55
CA VAL A 29 17.78 9.02 36.39
C VAL A 29 18.95 8.53 35.55
N PHE A 30 18.68 7.64 34.59
CA PHE A 30 19.76 7.02 33.83
C PHE A 30 20.49 8.03 32.96
N GLY A 31 19.80 9.07 32.49
CA GLY A 31 20.41 10.06 31.62
C GLY A 31 19.47 11.13 31.11
N GLY A 32 19.69 11.58 29.88
CA GLY A 32 18.90 12.64 29.29
C GLY A 32 17.53 12.15 28.84
N ALA A 33 16.84 13.02 28.11
CA ALA A 33 15.51 12.69 27.61
C ALA A 33 15.58 11.53 26.62
N ALA A 34 14.62 10.61 26.75
CA ALA A 34 14.55 9.42 25.91
C ALA A 34 13.51 9.64 24.82
N LYS A 35 13.95 9.64 23.57
CA LYS A 35 13.13 9.94 22.40
C LYS A 35 13.09 8.76 21.43
N PRO A 36 12.09 8.72 20.55
CA PRO A 36 12.03 7.66 19.54
C PRO A 36 13.21 7.74 18.59
N PRO A 37 13.48 6.68 17.83
CA PRO A 37 14.57 6.76 16.83
C PRO A 37 14.29 7.85 15.81
N LYS A 38 15.34 8.60 15.47
CA LYS A 38 15.21 9.74 14.59
C LYS A 38 14.54 9.34 13.28
N GLY A 39 13.52 10.10 12.88
CA GLY A 39 12.73 9.73 11.72
C GLY A 39 12.07 8.38 11.93
N GLY A 40 12.14 7.54 10.89
CA GLY A 40 11.71 6.17 11.01
C GLY A 40 10.22 5.99 11.34
N ASN A 41 9.92 4.77 11.78
CA ASN A 41 8.54 4.37 12.05
C ASN A 41 7.91 5.26 13.11
N PRO A 42 6.82 5.95 12.80
CA PRO A 42 6.18 6.80 13.82
C PRO A 42 5.63 6.02 15.00
N ASP A 43 5.28 4.75 14.82
CA ASP A 43 4.69 3.96 15.88
C ASP A 43 5.70 3.04 16.58
N SER A 44 6.99 3.27 16.38
CA SER A 44 7.99 2.45 17.04
C SER A 44 7.97 2.70 18.55
N ASN A 45 8.11 1.62 19.31
CA ASN A 45 8.06 1.68 20.76
C ASN A 45 9.42 1.91 21.40
N THR A 46 10.48 1.99 20.61
CA THR A 46 11.81 2.21 21.16
C THR A 46 11.98 3.66 21.60
N LEU A 47 12.49 3.85 22.82
CA LEU A 47 12.89 5.16 23.30
C LEU A 47 14.40 5.18 23.45
N ILE A 48 15.04 6.21 22.90
CA ILE A 48 16.50 6.28 22.83
C ILE A 48 16.97 7.50 23.62
N SER A 49 17.95 7.27 24.49
CA SER A 49 18.59 8.30 25.28
C SER A 49 20.09 8.28 24.97
N ASP A 50 20.81 9.26 25.51
CA ASP A 50 22.26 9.23 25.40
C ASP A 50 22.83 7.98 26.05
N THR A 51 22.25 7.56 27.16
CA THR A 51 22.72 6.37 27.88
C THR A 51 21.83 5.15 27.68
N THR A 52 20.53 5.34 27.50
CA THR A 52 19.57 4.26 27.61
C THR A 52 18.81 4.04 26.30
N THR A 53 18.59 2.76 25.98
CA THR A 53 17.66 2.35 24.94
C THR A 53 16.68 1.38 25.58
N VAL A 54 15.40 1.74 25.53
CA VAL A 54 14.34 0.93 26.10
C VAL A 54 13.61 0.20 24.99
N ILE A 55 13.51 -1.12 25.13
CA ILE A 55 12.85 -1.97 24.15
C ILE A 55 11.55 -2.49 24.74
N CYS A 56 10.45 -2.28 24.02
CA CYS A 56 9.18 -2.90 24.36
C CYS A 56 9.17 -4.33 23.85
N LEU A 57 8.92 -5.29 24.74
CA LEU A 57 8.94 -6.69 24.32
C LEU A 57 7.76 -7.08 23.46
N ASP A 58 6.74 -6.22 23.34
CA ASP A 58 5.69 -6.44 22.36
C ASP A 58 6.26 -6.65 20.97
N ASP A 59 7.44 -6.07 20.71
CA ASP A 59 8.08 -6.20 19.41
C ASP A 59 8.36 -7.64 19.06
N TYR A 60 8.54 -8.50 20.05
CA TYR A 60 8.83 -9.91 19.81
C TYR A 60 7.59 -10.79 19.88
N HIS A 61 6.41 -10.17 19.86
CA HIS A 61 5.19 -10.90 19.55
C HIS A 61 5.39 -11.71 18.27
N SER A 62 4.90 -12.96 18.29
CA SER A 62 4.88 -13.75 17.08
C SER A 62 3.52 -13.73 16.40
N LEU A 63 2.43 -13.68 17.16
CA LEU A 63 1.09 -13.53 16.61
C LEU A 63 0.67 -12.07 16.69
N ASP A 64 0.19 -11.52 15.57
CA ASP A 64 -0.28 -10.16 15.60
C ASP A 64 -1.69 -10.12 16.19
N ARG A 65 -2.27 -8.92 16.25
CA ARG A 65 -3.58 -8.74 16.88
C ARG A 65 -4.62 -9.68 16.30
N TYR A 66 -4.67 -9.78 14.97
CA TYR A 66 -5.70 -10.58 14.32
C TYR A 66 -5.37 -12.07 14.39
N GLY A 67 -4.09 -12.41 14.26
CA GLY A 67 -3.69 -13.79 14.48
C GLY A 67 -4.05 -14.28 15.87
N ARG A 68 -3.85 -13.43 16.89
CA ARG A 68 -4.27 -13.80 18.25
C ARG A 68 -5.79 -13.96 18.32
N LYS A 69 -6.52 -13.15 17.55
CA LYS A 69 -7.98 -13.30 17.51
C LYS A 69 -8.37 -14.68 16.99
N GLU A 70 -7.75 -15.13 15.89
CA GLU A 70 -8.16 -16.40 15.30
C GLU A 70 -7.51 -17.61 15.95
N GLN A 71 -6.36 -17.46 16.61
CA GLN A 71 -5.76 -18.59 17.31
C GLN A 71 -6.28 -18.74 18.72
N LYS A 72 -7.16 -17.85 19.17
CA LYS A 72 -7.82 -17.92 20.48
C LYS A 72 -6.81 -17.89 21.63
N VAL A 73 -5.94 -16.88 21.58
CA VAL A 73 -4.78 -16.83 22.45
C VAL A 73 -4.49 -15.37 22.74
N THR A 74 -4.07 -15.08 23.97
CA THR A 74 -3.79 -13.70 24.35
C THR A 74 -2.32 -13.35 24.07
N ALA A 75 -2.01 -12.06 24.22
CA ALA A 75 -0.62 -11.63 24.15
C ALA A 75 0.19 -12.03 25.39
N LEU A 76 -0.48 -12.51 26.44
CA LEU A 76 0.21 -12.97 27.63
C LEU A 76 0.69 -14.40 27.50
N ASP A 77 0.20 -15.10 26.51
CA ASP A 77 0.51 -16.49 26.29
C ASP A 77 1.87 -16.63 25.62
N PRO A 78 2.68 -17.60 26.05
CA PRO A 78 3.97 -17.81 25.37
C PRO A 78 3.83 -18.16 23.89
N ARG A 79 2.73 -18.80 23.50
CA ARG A 79 2.56 -19.16 22.09
C ARG A 79 2.49 -17.95 21.18
N ALA A 80 2.16 -16.77 21.71
CA ALA A 80 2.04 -15.57 20.90
C ALA A 80 3.32 -14.74 20.88
N ASN A 81 4.41 -15.26 21.43
CA ASN A 81 5.67 -14.51 21.50
C ASN A 81 6.81 -15.36 20.95
N ASP A 82 7.75 -14.70 20.29
CA ASP A 82 8.95 -15.38 19.76
C ASP A 82 10.11 -15.08 20.70
N PHE A 83 10.30 -15.97 21.67
CA PHE A 83 11.36 -15.84 22.66
C PHE A 83 12.74 -16.17 22.10
N ASP A 84 12.81 -16.99 21.05
CA ASP A 84 14.10 -17.26 20.41
C ASP A 84 14.70 -15.99 19.84
N LEU A 85 13.91 -15.24 19.06
CA LEU A 85 14.39 -13.99 18.50
C LEU A 85 14.71 -12.98 19.60
N MET A 86 13.83 -12.88 20.60
CA MET A 86 14.10 -12.00 21.73
C MET A 86 15.42 -12.34 22.39
N TYR A 87 15.64 -13.61 22.70
CA TYR A 87 16.90 -14.03 23.29
C TYR A 87 18.09 -13.65 22.41
N GLU A 88 18.07 -14.11 21.16
CA GLU A 88 19.18 -13.83 20.23
C GLU A 88 19.51 -12.34 20.19
N GLN A 89 18.49 -11.49 20.14
CA GLN A 89 18.75 -10.07 19.95
C GLN A 89 19.17 -9.37 21.23
N VAL A 90 18.80 -9.91 22.40
CA VAL A 90 19.27 -9.33 23.65
C VAL A 90 20.73 -9.68 23.90
N LYS A 91 21.13 -10.93 23.57
CA LYS A 91 22.54 -11.29 23.72
C LYS A 91 23.42 -10.53 22.74
N ALA A 92 22.94 -10.35 21.50
CA ALA A 92 23.69 -9.58 20.52
C ALA A 92 23.94 -8.16 21.00
N LEU A 93 22.87 -7.49 21.47
CA LEU A 93 23.03 -6.15 22.00
C LEU A 93 24.00 -6.13 23.18
N LYS A 94 23.88 -7.10 24.08
CA LYS A 94 24.82 -7.20 25.20
C LYS A 94 26.24 -7.46 24.73
N ASN A 95 26.43 -8.04 23.53
CA ASN A 95 27.75 -8.23 22.95
C ASN A 95 28.17 -7.10 22.02
N GLY A 96 27.58 -5.93 22.16
CA GLY A 96 27.97 -4.81 21.32
C GLY A 96 27.60 -4.94 19.87
N ILE A 97 26.67 -5.82 19.53
CA ILE A 97 26.21 -6.03 18.15
C ILE A 97 24.89 -5.32 17.96
N ALA A 98 24.80 -4.52 16.90
CA ALA A 98 23.52 -3.93 16.54
C ALA A 98 22.58 -5.01 16.04
N VAL A 99 21.27 -4.78 16.20
CA VAL A 99 20.26 -5.69 15.71
C VAL A 99 19.21 -4.93 14.94
N GLU A 100 18.64 -5.60 13.94
CA GLU A 100 17.45 -5.12 13.25
C GLU A 100 16.25 -5.77 13.93
N LYS A 101 15.45 -4.96 14.64
CA LYS A 101 14.41 -5.51 15.49
C LYS A 101 13.03 -5.17 14.98
N PRO A 102 12.14 -6.14 14.82
CA PRO A 102 10.79 -5.85 14.33
C PRO A 102 10.02 -4.96 15.30
N ILE A 103 9.01 -4.28 14.75
CA ILE A 103 8.21 -3.31 15.49
C ILE A 103 6.77 -3.81 15.54
N TYR A 104 6.23 -3.94 16.74
CA TYR A 104 4.81 -4.24 16.90
C TYR A 104 4.03 -2.94 16.90
N ASN A 105 3.17 -2.76 15.91
CA ASN A 105 2.38 -1.55 15.77
C ASN A 105 1.11 -1.68 16.62
N HIS A 106 0.96 -0.79 17.60
CA HIS A 106 -0.20 -0.87 18.46
C HIS A 106 -1.46 -0.25 17.84
N VAL A 107 -1.31 0.64 16.87
CA VAL A 107 -2.49 1.19 16.21
C VAL A 107 -3.01 0.23 15.14
N THR A 108 -2.13 -0.32 14.30
CA THR A 108 -2.61 -1.25 13.29
C THR A 108 -2.74 -2.67 13.83
N GLY A 109 -1.98 -3.03 14.86
CA GLY A 109 -1.96 -4.39 15.34
C GLY A 109 -1.12 -5.33 14.53
N LEU A 110 -0.27 -4.83 13.64
CA LEU A 110 0.51 -5.63 12.73
C LEU A 110 1.99 -5.61 13.12
N LEU A 111 2.73 -6.56 12.56
CA LEU A 111 4.18 -6.55 12.63
C LEU A 111 4.72 -5.79 11.41
N ASP A 112 5.48 -4.73 11.67
CA ASP A 112 6.00 -3.82 10.68
C ASP A 112 7.49 -4.07 10.45
N PRO A 113 8.06 -3.51 9.38
CA PRO A 113 9.47 -3.75 9.11
C PRO A 113 10.34 -3.36 10.29
N PRO A 114 11.50 -3.98 10.44
CA PRO A 114 12.30 -3.80 11.65
C PRO A 114 13.14 -2.53 11.64
N GLU A 115 13.48 -2.09 12.85
CA GLU A 115 14.33 -0.95 13.08
C GLU A 115 15.66 -1.40 13.66
N LEU A 116 16.76 -0.89 13.10
CA LEU A 116 18.08 -1.23 13.63
C LEU A 116 18.30 -0.57 14.99
N ILE A 117 18.85 -1.34 15.93
CA ILE A 117 19.07 -0.89 17.30
C ILE A 117 20.57 -0.93 17.59
N GLN A 118 21.12 0.22 18.01
CA GLN A 118 22.53 0.21 18.40
C GLN A 118 22.67 -0.17 19.87
N PRO A 119 23.72 -0.92 20.21
CA PRO A 119 23.91 -1.37 21.60
C PRO A 119 24.14 -0.19 22.53
N PRO A 120 23.30 -0.04 23.55
CA PRO A 120 23.39 1.12 24.42
C PRO A 120 24.29 0.85 25.64
N LYS A 121 24.56 1.92 26.38
CA LYS A 121 25.18 1.78 27.69
C LYS A 121 24.28 0.97 28.60
N ILE A 122 23.00 1.33 28.65
CA ILE A 122 21.99 0.67 29.48
C ILE A 122 20.86 0.24 28.55
N LEU A 123 20.56 -1.06 28.54
CA LEU A 123 19.47 -1.62 27.77
C LEU A 123 18.40 -2.05 28.74
N VAL A 124 17.26 -1.38 28.72
CA VAL A 124 16.11 -1.81 29.50
C VAL A 124 15.17 -2.56 28.58
N ILE A 125 14.78 -3.75 28.97
CA ILE A 125 13.76 -4.48 28.26
C ILE A 125 12.62 -4.54 29.25
N GLU A 126 11.48 -4.04 28.83
CA GLU A 126 10.30 -3.98 29.62
C GLU A 126 9.14 -4.54 28.86
N GLY A 127 8.24 -5.13 29.61
CA GLY A 127 7.10 -5.76 29.00
C GLY A 127 6.48 -6.88 29.80
N LEU A 128 5.91 -7.82 29.08
CA LEU A 128 5.22 -8.93 29.69
C LEU A 128 6.12 -10.06 30.15
N HIS A 129 7.22 -10.36 29.44
CA HIS A 129 7.97 -11.60 29.65
C HIS A 129 9.49 -11.41 29.71
N PRO A 130 9.99 -10.40 30.45
CA PRO A 130 11.46 -10.26 30.54
C PRO A 130 12.12 -11.35 31.37
N MET A 131 11.43 -11.89 32.39
CA MET A 131 11.97 -12.94 33.23
C MET A 131 11.35 -14.30 32.96
N PHE A 132 10.55 -14.43 31.90
CA PHE A 132 9.86 -15.71 31.66
C PHE A 132 10.78 -16.77 31.07
N ASP A 133 11.81 -16.35 30.35
CA ASP A 133 12.73 -17.27 29.69
C ASP A 133 14.06 -17.25 30.42
N GLU A 134 14.57 -18.43 30.79
CA GLU A 134 15.77 -18.47 31.62
C GLU A 134 17.00 -17.99 30.86
N ARG A 135 17.07 -18.26 29.55
CA ARG A 135 18.16 -17.72 28.74
C ARG A 135 18.17 -16.20 28.77
N VAL A 136 17.01 -15.57 28.62
CA VAL A 136 16.95 -14.12 28.67
C VAL A 136 17.08 -13.62 30.09
N ARG A 137 16.52 -14.35 31.06
CA ARG A 137 16.74 -14.02 32.47
C ARG A 137 18.21 -14.02 32.80
N ASP A 138 18.97 -14.93 32.20
CA ASP A 138 20.40 -15.08 32.46
C ASP A 138 21.21 -13.89 31.95
N LEU A 139 20.67 -13.07 31.06
CA LEU A 139 21.37 -11.90 30.55
C LEU A 139 21.08 -10.64 31.35
N LEU A 140 20.15 -10.70 32.30
CA LEU A 140 19.77 -9.51 33.04
C LEU A 140 20.76 -9.23 34.16
N ASP A 141 21.18 -7.97 34.27
CA ASP A 141 22.02 -7.52 35.36
C ASP A 141 21.21 -6.99 36.53
N PHE A 142 19.88 -6.90 36.37
CA PHE A 142 18.94 -6.44 37.37
C PHE A 142 17.54 -6.61 36.79
N SER A 143 16.55 -6.84 37.65
CA SER A 143 15.20 -7.09 37.18
C SER A 143 14.19 -6.48 38.14
N ILE A 144 13.15 -5.88 37.57
CA ILE A 144 12.08 -5.20 38.30
C ILE A 144 10.75 -5.80 37.87
N TYR A 145 9.82 -5.91 38.81
CA TYR A 145 8.48 -6.40 38.52
C TYR A 145 7.48 -5.44 39.15
N LEU A 146 6.67 -4.80 38.31
CA LEU A 146 5.60 -3.91 38.78
C LEU A 146 4.34 -4.73 39.00
N ASP A 147 3.90 -4.81 40.24
CA ASP A 147 2.81 -5.70 40.62
C ASP A 147 1.61 -4.85 41.03
N ILE A 148 0.81 -4.45 40.05
CA ILE A 148 -0.42 -3.72 40.33
C ILE A 148 -1.47 -4.71 40.82
N SER A 149 -2.05 -4.43 41.98
CA SER A 149 -3.10 -5.31 42.47
C SER A 149 -4.31 -5.23 41.56
N ASN A 150 -5.14 -6.28 41.62
CA ASN A 150 -6.31 -6.31 40.77
C ASN A 150 -7.29 -5.21 41.13
N GLU A 151 -7.35 -4.81 42.40
CA GLU A 151 -8.23 -3.72 42.78
C GLU A 151 -7.79 -2.41 42.15
N VAL A 152 -6.48 -2.17 42.09
CA VAL A 152 -5.98 -0.89 41.57
C VAL A 152 -5.99 -0.82 40.04
N LYS A 153 -5.82 -1.94 39.34
CA LYS A 153 -5.98 -1.92 37.89
C LYS A 153 -7.36 -1.43 37.51
N PHE A 154 -8.38 -1.97 38.20
CA PHE A 154 -9.75 -1.58 37.91
C PHE A 154 -9.97 -0.11 38.22
N ALA A 155 -9.45 0.35 39.35
CA ALA A 155 -9.57 1.75 39.72
C ALA A 155 -8.99 2.63 38.62
N TRP A 156 -7.79 2.29 38.15
CA TRP A 156 -7.15 3.12 37.15
C TRP A 156 -7.89 3.09 35.82
N LYS A 157 -8.45 1.93 35.46
CA LYS A 157 -9.24 1.86 34.23
C LYS A 157 -10.45 2.77 34.28
N ILE A 158 -11.13 2.80 35.44
CA ILE A 158 -12.31 3.66 35.59
C ILE A 158 -11.89 5.10 35.82
N GLN A 159 -10.99 5.34 36.77
CA GLN A 159 -10.67 6.70 37.17
C GLN A 159 -9.80 7.43 36.15
N ARG A 160 -8.88 6.72 35.48
CA ARG A 160 -7.83 7.38 34.72
C ARG A 160 -7.92 7.12 33.23
N ASP A 161 -7.81 5.87 32.78
CA ASP A 161 -7.76 5.59 31.35
C ASP A 161 -9.00 6.13 30.65
N MET A 162 -8.81 7.04 29.70
CA MET A 162 -9.95 7.56 28.95
C MET A 162 -10.44 6.55 27.93
N ALA A 163 -9.56 5.69 27.42
CA ALA A 163 -9.95 4.72 26.41
C ALA A 163 -10.98 3.73 26.95
N GLU A 164 -10.90 3.38 28.24
CA GLU A 164 -11.87 2.45 28.81
C GLU A 164 -13.26 3.06 29.00
N ARG A 165 -13.40 4.38 28.87
CA ARG A 165 -14.71 5.00 29.03
C ARG A 165 -15.72 4.54 28.00
N GLY A 166 -15.26 4.02 26.86
CA GLY A 166 -16.20 3.47 25.88
C GLY A 166 -16.85 2.19 26.35
N HIS A 167 -16.17 1.42 27.19
CA HIS A 167 -16.70 0.16 27.71
C HIS A 167 -17.42 0.40 29.03
N SER A 168 -18.41 -0.44 29.30
CA SER A 168 -19.05 -0.45 30.60
C SER A 168 -18.26 -1.35 31.54
N LEU A 169 -18.68 -1.41 32.81
CA LEU A 169 -17.93 -2.13 33.81
C LEU A 169 -17.86 -3.62 33.49
N GLU A 170 -18.97 -4.19 33.01
CA GLU A 170 -19.01 -5.62 32.69
C GLU A 170 -17.93 -5.99 31.70
N SER A 171 -17.81 -5.23 30.61
CA SER A 171 -16.79 -5.52 29.62
C SER A 171 -15.38 -5.35 30.21
N ILE A 172 -15.20 -4.33 31.04
CA ILE A 172 -13.89 -4.12 31.64
C ILE A 172 -13.52 -5.28 32.57
N LYS A 173 -14.47 -5.71 33.41
CA LYS A 173 -14.14 -6.79 34.33
C LYS A 173 -14.10 -8.14 33.62
N ALA A 174 -14.90 -8.32 32.57
CA ALA A 174 -14.81 -9.54 31.78
C ALA A 174 -13.44 -9.65 31.09
N SER A 175 -12.97 -8.54 30.52
CA SER A 175 -11.65 -8.55 29.89
C SER A 175 -10.55 -8.88 30.89
N ILE A 176 -10.63 -8.32 32.10
CA ILE A 176 -9.68 -8.67 33.15
C ILE A 176 -9.75 -10.17 33.45
N GLU A 177 -10.97 -10.68 33.67
CA GLU A 177 -11.15 -12.10 33.89
C GLU A 177 -10.67 -12.93 32.72
N ALA A 178 -10.85 -12.42 31.49
CA ALA A 178 -10.46 -13.17 30.30
C ALA A 178 -8.96 -13.39 30.22
N ARG A 179 -8.18 -12.48 30.76
CA ARG A 179 -6.75 -12.62 30.76
C ARG A 179 -6.19 -13.13 32.05
N LYS A 180 -7.02 -13.36 33.04
CA LYS A 180 -6.51 -13.75 34.35
C LYS A 180 -5.76 -15.06 34.34
N PRO A 181 -6.25 -16.15 33.72
CA PRO A 181 -5.46 -17.40 33.75
C PRO A 181 -4.05 -17.24 33.19
N ASP A 182 -3.91 -16.63 32.01
CA ASP A 182 -2.59 -16.42 31.44
C ASP A 182 -1.73 -15.55 32.33
N PHE A 183 -2.33 -14.57 33.00
CA PHE A 183 -1.55 -13.73 33.90
C PHE A 183 -1.05 -14.52 35.09
N ASP A 184 -1.93 -15.29 35.73
CA ASP A 184 -1.54 -16.09 36.88
C ASP A 184 -0.47 -17.12 36.50
N ALA A 185 -0.57 -17.68 35.29
CA ALA A 185 0.33 -18.75 34.92
C ALA A 185 1.67 -18.24 34.41
N PHE A 186 1.67 -17.14 33.66
CA PHE A 186 2.86 -16.74 32.91
C PHE A 186 3.47 -15.41 33.34
N ILE A 187 2.70 -14.50 33.93
CA ILE A 187 3.24 -13.18 34.23
C ILE A 187 3.57 -13.09 35.72
N ASP A 188 2.57 -13.33 36.54
CA ASP A 188 2.74 -13.22 38.00
C ASP A 188 3.95 -13.97 38.54
N PRO A 189 4.26 -15.20 38.13
CA PRO A 189 5.42 -15.90 38.72
C PRO A 189 6.75 -15.23 38.47
N GLN A 190 6.85 -14.27 37.55
CA GLN A 190 8.14 -13.62 37.32
C GLN A 190 8.58 -12.77 38.50
N LYS A 191 7.66 -12.42 39.40
CA LYS A 191 8.02 -11.75 40.66
C LYS A 191 9.24 -12.37 41.31
N GLN A 192 9.28 -13.71 41.37
CA GLN A 192 10.30 -14.40 42.16
C GLN A 192 11.71 -14.13 41.63
N TYR A 193 11.85 -13.76 40.37
CA TYR A 193 13.15 -13.45 39.81
C TYR A 193 13.52 -11.97 39.95
N ALA A 194 12.63 -11.16 40.50
CA ALA A 194 12.83 -9.72 40.53
C ALA A 194 13.68 -9.32 41.73
N ASP A 195 14.73 -8.54 41.48
CA ASP A 195 15.52 -7.98 42.56
C ASP A 195 14.73 -6.96 43.35
N ALA A 196 13.89 -6.18 42.68
CA ALA A 196 13.01 -5.22 43.34
C ALA A 196 11.60 -5.38 42.78
N VAL A 197 10.63 -5.44 43.68
CA VAL A 197 9.23 -5.55 43.32
C VAL A 197 8.49 -4.37 43.93
N ILE A 198 7.71 -3.66 43.12
CA ILE A 198 6.82 -2.62 43.60
C ILE A 198 5.40 -3.15 43.48
N GLU A 199 4.73 -3.28 44.61
CA GLU A 199 3.41 -3.87 44.70
C GLU A 199 2.43 -2.77 45.10
N VAL A 200 1.43 -2.53 44.27
CA VAL A 200 0.54 -1.38 44.43
C VAL A 200 -0.82 -1.89 44.87
N LEU A 201 -1.21 -1.51 46.08
CA LEU A 201 -2.38 -2.05 46.77
C LEU A 201 -3.29 -0.90 47.18
N PRO A 202 -4.55 -1.18 47.47
CA PRO A 202 -5.44 -0.12 47.95
C PRO A 202 -5.05 0.35 49.35
N THR A 203 -5.40 1.60 49.64
CA THR A 203 -5.02 2.22 50.90
C THR A 203 -5.72 1.54 52.08
N THR A 204 -5.08 1.64 53.25
CA THR A 204 -5.75 1.31 54.50
C THR A 204 -6.17 2.54 55.28
N LEU A 205 -5.58 3.70 55.00
CA LEU A 205 -5.91 4.90 55.76
C LEU A 205 -7.34 5.35 55.50
N ILE A 206 -7.78 5.29 54.25
CA ILE A 206 -9.17 5.51 53.90
C ILE A 206 -9.83 4.13 53.77
N PRO A 207 -10.64 3.70 54.72
CA PRO A 207 -11.29 2.41 54.59
C PRO A 207 -12.22 2.42 53.40
N ASP A 208 -12.18 1.33 52.62
CA ASP A 208 -13.06 1.08 51.49
C ASP A 208 -12.69 1.92 50.27
N ASP A 209 -11.63 2.72 50.33
CA ASP A 209 -11.24 3.52 49.17
C ASP A 209 -10.86 2.62 48.00
N ASN A 210 -11.26 3.02 46.80
CA ASN A 210 -10.99 2.22 45.62
C ASN A 210 -10.78 3.12 44.41
N GLU A 211 -10.28 4.32 44.61
CA GLU A 211 -10.17 5.30 43.55
C GLU A 211 -8.77 5.42 42.98
N GLY A 212 -7.82 4.58 43.44
CA GLY A 212 -6.53 4.48 42.79
C GLY A 212 -5.62 5.67 42.96
N LYS A 213 -5.95 6.61 43.83
CA LYS A 213 -5.13 7.79 44.08
C LYS A 213 -4.47 7.76 45.44
N VAL A 214 -5.15 7.26 46.46
CA VAL A 214 -4.56 7.03 47.77
C VAL A 214 -4.14 5.57 47.82
N LEU A 215 -2.84 5.31 47.86
CA LEU A 215 -2.32 3.97 47.60
C LEU A 215 -1.44 3.48 48.73
N ARG A 216 -1.43 2.17 48.91
CA ARG A 216 -0.51 1.46 49.80
C ARG A 216 0.49 0.71 48.92
N VAL A 217 1.72 1.21 48.85
CA VAL A 217 2.72 0.72 47.92
C VAL A 217 3.83 0.03 48.71
N ARG A 218 4.15 -1.22 48.34
CA ARG A 218 5.19 -2.01 48.97
C ARG A 218 6.40 -2.08 48.03
N LEU A 219 7.55 -1.63 48.52
CA LEU A 219 8.81 -1.80 47.79
C LEU A 219 9.52 -3.02 48.37
N ILE A 220 9.60 -4.08 47.59
CA ILE A 220 10.16 -5.35 48.04
C ILE A 220 11.54 -5.50 47.43
N MET A 221 12.55 -5.58 48.28
CA MET A 221 13.94 -5.54 47.84
C MET A 221 14.62 -6.85 48.18
N LYS A 222 15.11 -7.55 47.16
CA LYS A 222 15.72 -8.86 47.36
C LYS A 222 17.06 -8.70 48.07
N GLU A 223 17.23 -9.46 49.16
CA GLU A 223 18.46 -9.40 49.95
C GLU A 223 19.55 -10.29 49.35
N GLY A 224 20.80 -9.96 49.68
CA GLY A 224 21.92 -10.78 49.26
C GLY A 224 22.28 -10.66 47.80
N VAL A 225 21.99 -9.53 47.18
CA VAL A 225 22.28 -9.30 45.77
C VAL A 225 23.45 -8.34 45.68
N LYS A 226 24.49 -8.74 44.94
CA LYS A 226 25.71 -7.93 44.88
C LYS A 226 25.42 -6.56 44.28
N TYR A 227 26.06 -5.54 44.84
CA TYR A 227 25.96 -4.14 44.44
C TYR A 227 24.60 -3.51 44.74
N PHE A 228 23.75 -4.16 45.53
CA PHE A 228 22.39 -3.69 45.79
C PHE A 228 22.14 -3.75 47.30
N SER A 229 22.29 -2.59 47.96
CA SER A 229 22.09 -2.50 49.41
C SER A 229 20.71 -1.93 49.67
N PRO A 230 19.74 -2.74 50.09
CA PRO A 230 18.34 -2.28 50.13
C PRO A 230 18.14 -1.04 51.01
N VAL A 231 17.20 -0.20 50.58
CA VAL A 231 16.75 0.92 51.39
C VAL A 231 16.24 0.42 52.73
N TYR A 232 16.51 1.19 53.78
CA TYR A 232 15.99 0.87 55.10
C TYR A 232 15.61 2.15 55.82
N LEU A 233 14.81 2.01 56.88
CA LEU A 233 14.25 3.12 57.62
C LEU A 233 14.65 3.01 59.09
N PHE A 234 15.52 3.93 59.54
CA PHE A 234 15.94 4.05 60.94
C PHE A 234 16.85 2.91 61.39
N ASP A 235 16.34 1.68 61.43
CA ASP A 235 17.06 0.56 62.06
C ASP A 235 16.92 -0.67 61.15
N GLU A 236 17.95 -0.93 60.35
CA GLU A 236 17.91 -2.00 59.37
C GLU A 236 17.60 -3.34 60.03
N GLY A 237 16.64 -4.08 59.44
CA GLY A 237 16.28 -5.39 59.92
C GLY A 237 15.17 -5.42 60.95
N SER A 238 14.85 -4.27 61.56
CA SER A 238 13.77 -4.23 62.53
C SER A 238 12.43 -4.11 61.82
N THR A 239 11.36 -4.18 62.61
CA THR A 239 10.00 -4.02 62.12
C THR A 239 9.50 -2.66 62.63
N ILE A 240 9.30 -1.73 61.71
CA ILE A 240 9.05 -0.33 62.05
C ILE A 240 7.79 0.16 61.35
N SER A 241 6.96 0.91 62.08
CA SER A 241 5.94 1.76 61.50
C SER A 241 6.23 3.20 61.90
N TRP A 242 6.01 4.12 60.96
CA TRP A 242 6.43 5.51 61.11
C TRP A 242 5.36 6.42 60.54
N ILE A 243 4.82 7.30 61.38
CA ILE A 243 3.92 8.34 60.88
C ILE A 243 4.63 9.68 61.05
N PRO A 244 5.23 10.23 59.99
CA PRO A 244 6.02 11.46 60.15
C PRO A 244 5.17 12.68 60.45
N CYS A 245 3.88 12.63 60.15
CA CYS A 245 3.01 13.77 60.37
C CYS A 245 2.89 14.08 61.86
N GLY A 246 2.83 15.37 62.19
CA GLY A 246 2.76 15.77 63.58
C GLY A 246 2.87 17.28 63.69
N ARG A 247 3.27 17.72 64.89
CA ARG A 247 3.33 19.14 65.18
C ARG A 247 4.44 19.84 64.39
N LYS A 248 5.51 19.12 64.03
CA LYS A 248 6.60 19.72 63.27
C LYS A 248 6.53 19.44 61.78
N LEU A 249 5.68 18.52 61.34
CA LEU A 249 5.39 18.32 59.91
C LEU A 249 3.89 18.12 59.77
N THR A 250 3.20 19.14 59.28
CA THR A 250 1.75 19.10 59.18
C THR A 250 1.32 18.45 57.88
N CYS A 251 0.32 17.56 57.98
CA CYS A 251 -0.21 16.85 56.84
C CYS A 251 -1.72 17.07 56.74
N SER A 252 -2.23 16.86 55.53
CA SER A 252 -3.67 16.89 55.29
C SER A 252 -4.26 15.53 55.66
N TYR A 253 -5.54 15.39 55.42
CA TYR A 253 -6.14 14.09 55.39
C TYR A 253 -5.90 13.47 54.00
N PRO A 254 -5.52 12.19 53.93
CA PRO A 254 -5.40 11.19 55.00
C PRO A 254 -4.04 11.10 55.69
N GLY A 255 -2.96 11.54 55.04
CA GLY A 255 -1.65 11.57 55.66
C GLY A 255 -0.68 10.56 55.07
N ILE A 256 0.43 10.39 55.78
CA ILE A 256 1.52 9.49 55.39
C ILE A 256 1.70 8.46 56.48
N LYS A 257 1.96 7.21 56.07
CA LYS A 257 2.25 6.14 57.01
C LYS A 257 3.21 5.16 56.35
N PHE A 258 4.33 4.91 57.00
CA PHE A 258 5.37 4.04 56.48
C PHE A 258 5.46 2.75 57.30
N ASN A 259 5.84 1.67 56.63
CA ASN A 259 6.13 0.41 57.30
C ASN A 259 7.44 -0.14 56.74
N TYR A 260 8.31 -0.59 57.64
CA TYR A 260 9.58 -1.18 57.28
C TYR A 260 9.69 -2.53 57.98
N GLU A 261 9.94 -3.58 57.22
CA GLU A 261 9.73 -4.92 57.76
C GLU A 261 10.50 -5.94 56.94
N PRO A 262 11.15 -6.91 57.57
CA PRO A 262 11.74 -8.01 56.80
C PRO A 262 10.69 -9.06 56.44
N ASP A 263 10.96 -9.80 55.37
CA ASP A 263 9.99 -10.82 54.96
C ASP A 263 10.69 -11.89 54.14
N SER A 264 9.95 -12.97 53.87
CA SER A 264 10.36 -14.01 52.95
C SER A 264 9.43 -13.99 51.75
N TYR A 265 10.00 -13.92 50.56
CA TYR A 265 9.25 -13.70 49.34
C TYR A 265 9.71 -14.74 48.32
N PHE A 266 8.87 -15.75 48.07
CA PHE A 266 9.25 -16.90 47.23
C PHE A 266 10.51 -17.55 47.78
N ASP A 267 10.60 -17.63 49.10
CA ASP A 267 11.68 -18.33 49.80
C ASP A 267 13.04 -17.68 49.57
N HIS A 268 13.05 -16.38 49.29
CA HIS A 268 14.25 -15.57 49.38
C HIS A 268 14.02 -14.47 50.41
N GLU A 269 15.10 -14.11 51.12
CA GLU A 269 14.98 -13.04 52.10
C GLU A 269 14.81 -11.70 51.42
N VAL A 270 13.80 -10.94 51.86
CA VAL A 270 13.57 -9.61 51.30
C VAL A 270 13.39 -8.61 52.42
N SER A 271 13.69 -7.36 52.10
CA SER A 271 13.43 -6.21 52.95
C SER A 271 12.40 -5.36 52.23
N VAL A 272 11.28 -5.05 52.90
CA VAL A 272 10.19 -4.36 52.24
C VAL A 272 9.87 -3.06 52.97
N LEU A 273 9.73 -1.98 52.19
CA LEU A 273 9.41 -0.65 52.66
C LEU A 273 8.05 -0.26 52.09
N GLU A 274 7.18 0.28 52.94
CA GLU A 274 5.81 0.57 52.54
C GLU A 274 5.48 2.04 52.75
N MET A 275 4.80 2.63 51.77
CA MET A 275 4.18 3.94 51.93
C MET A 275 2.68 3.79 51.69
N ASP A 276 1.90 4.21 52.67
CA ASP A 276 0.46 4.34 52.55
C ASP A 276 0.08 5.82 52.63
N GLY A 277 -0.85 6.24 51.80
CA GLY A 277 -1.29 7.63 51.82
C GLY A 277 -0.74 8.43 50.66
N GLN A 278 -0.62 9.74 50.83
CA GLN A 278 -0.13 10.57 49.74
C GLN A 278 0.47 11.85 50.30
N PHE A 279 1.39 12.44 49.53
CA PHE A 279 1.93 13.74 49.84
C PHE A 279 1.00 14.83 49.34
N ASP A 280 0.79 15.86 50.16
CA ASP A 280 0.07 17.04 49.71
C ASP A 280 0.91 18.32 49.76
N ARG A 281 1.99 18.34 50.53
CA ARG A 281 2.92 19.45 50.50
C ARG A 281 4.32 18.92 50.20
N LEU A 282 5.14 19.77 49.59
CA LEU A 282 6.49 19.37 49.23
C LEU A 282 7.33 19.06 50.48
N ASP A 283 7.06 19.74 51.60
CA ASP A 283 7.80 19.46 52.83
C ASP A 283 7.69 17.99 53.23
N GLU A 284 6.54 17.37 52.99
CA GLU A 284 6.37 15.97 53.35
C GLU A 284 7.32 15.08 52.57
N LEU A 285 7.51 15.37 51.29
CA LEU A 285 8.43 14.57 50.48
C LEU A 285 9.88 14.76 50.93
N ILE A 286 10.29 16.02 51.12
CA ILE A 286 11.67 16.28 51.55
C ILE A 286 11.93 15.64 52.91
N TYR A 287 10.95 15.71 53.81
CA TYR A 287 11.12 15.15 55.15
C TYR A 287 11.28 13.64 55.09
N VAL A 288 10.45 12.97 54.28
CA VAL A 288 10.53 11.52 54.16
C VAL A 288 11.87 11.11 53.58
N GLU A 289 12.27 11.72 52.47
CA GLU A 289 13.55 11.39 51.85
C GLU A 289 14.70 11.60 52.83
N SER A 290 14.64 12.67 53.61
CA SER A 290 15.73 12.98 54.53
C SER A 290 15.89 11.94 55.61
N HIS A 291 14.81 11.23 55.94
CA HIS A 291 14.85 10.28 57.04
C HIS A 291 15.07 8.84 56.59
N LEU A 292 15.13 8.58 55.30
CA LEU A 292 15.45 7.25 54.82
C LEU A 292 16.96 7.10 54.65
N SER A 293 17.40 5.84 54.65
CA SER A 293 18.81 5.49 54.50
C SER A 293 18.98 4.52 53.34
N ASN A 294 20.22 4.45 52.83
CA ASN A 294 20.57 3.62 51.68
C ASN A 294 19.75 3.98 50.44
N LEU A 295 19.69 5.29 50.14
CA LEU A 295 18.95 5.75 48.96
C LEU A 295 19.80 5.82 47.71
N SER A 296 21.13 5.71 47.83
CA SER A 296 22.04 5.88 46.69
C SER A 296 21.84 7.24 46.03
N THR A 297 21.42 8.25 46.78
CA THR A 297 21.43 9.59 46.26
C THR A 297 22.87 10.07 46.15
N LYS A 298 23.12 10.99 45.23
CA LYS A 298 24.43 11.60 45.13
C LYS A 298 24.53 12.88 45.94
N PHE A 299 23.44 13.31 46.58
CA PHE A 299 23.39 14.54 47.35
C PHE A 299 22.00 14.65 47.97
N TYR A 300 21.88 15.58 48.91
CA TYR A 300 20.62 15.80 49.62
C TYR A 300 19.52 16.21 48.65
N GLY A 301 18.40 15.50 48.71
CA GLY A 301 17.22 15.87 47.95
C GLY A 301 17.21 15.44 46.50
N GLU A 302 18.01 14.44 46.13
CA GLU A 302 18.02 14.00 44.74
C GLU A 302 16.67 13.41 44.33
N VAL A 303 16.08 12.59 45.20
CA VAL A 303 14.78 12.00 44.90
C VAL A 303 13.75 13.11 44.68
N THR A 304 13.63 14.02 45.64
CA THR A 304 12.72 15.16 45.52
C THR A 304 12.94 15.90 44.20
N GLN A 305 14.20 16.21 43.90
CA GLN A 305 14.52 16.93 42.68
C GLN A 305 14.12 16.14 41.44
N GLN A 306 14.39 14.83 41.44
CA GLN A 306 14.04 14.01 40.30
C GLN A 306 12.52 13.96 40.10
N MET A 307 11.76 13.97 41.20
CA MET A 307 10.31 13.90 41.07
C MET A 307 9.72 15.24 40.63
N LEU A 308 10.35 16.35 40.99
CA LEU A 308 9.85 17.64 40.56
C LEU A 308 10.08 17.88 39.08
N LYS A 309 11.08 17.22 38.48
CA LYS A 309 11.23 17.24 37.03
C LYS A 309 9.97 16.75 36.34
N HIS A 310 9.27 15.80 36.94
CA HIS A 310 8.13 15.13 36.32
C HIS A 310 6.89 15.26 37.19
N ALA A 311 6.67 16.46 37.72
CA ALA A 311 5.64 16.65 38.74
C ALA A 311 4.27 16.21 38.28
N ASP A 312 3.93 16.39 37.00
CA ASP A 312 2.59 16.03 36.56
C ASP A 312 2.45 14.56 36.21
N PHE A 313 3.50 13.75 36.39
CA PHE A 313 3.39 12.30 36.26
C PHE A 313 2.31 11.77 37.18
N PRO A 314 1.61 10.70 36.81
CA PRO A 314 0.70 10.05 37.76
C PRO A 314 1.49 9.40 38.89
N GLY A 315 0.88 9.35 40.06
CA GLY A 315 1.55 8.81 41.23
C GLY A 315 2.66 9.66 41.78
N SER A 316 2.76 10.92 41.34
CA SER A 316 3.82 11.80 41.82
C SER A 316 3.65 12.22 43.27
N ASN A 317 2.49 11.95 43.88
CA ASN A 317 2.27 12.32 45.28
C ASN A 317 2.08 11.12 46.19
N ASN A 318 2.41 9.90 45.75
CA ASN A 318 2.33 8.73 46.61
C ASN A 318 3.56 7.85 46.38
N GLY A 319 3.57 6.68 47.02
CA GLY A 319 4.74 5.81 47.00
C GLY A 319 5.08 5.25 45.63
N THR A 320 4.13 5.25 44.71
CA THR A 320 4.43 4.78 43.36
C THR A 320 5.53 5.65 42.72
N GLY A 321 5.37 6.96 42.78
CA GLY A 321 6.43 7.83 42.29
C GLY A 321 7.67 7.77 43.15
N LEU A 322 7.50 7.77 44.47
CA LEU A 322 8.64 7.76 45.39
C LEU A 322 9.52 6.54 45.17
N PHE A 323 8.91 5.34 45.16
CA PHE A 323 9.71 4.13 45.13
C PHE A 323 10.22 3.79 43.75
N GLN A 324 9.56 4.27 42.69
CA GLN A 324 10.12 4.08 41.35
C GLN A 324 11.37 4.93 41.16
N THR A 325 11.32 6.19 41.60
CA THR A 325 12.50 7.04 41.57
C THR A 325 13.67 6.40 42.29
N ILE A 326 13.39 5.79 43.45
CA ILE A 326 14.46 5.21 44.26
C ILE A 326 15.02 3.96 43.61
N VAL A 327 14.15 3.14 43.01
CA VAL A 327 14.63 1.99 42.25
C VAL A 327 15.55 2.44 41.12
N GLY A 328 15.26 3.59 40.52
CA GLY A 328 16.18 4.15 39.53
C GLY A 328 17.54 4.45 40.11
N LEU A 329 17.56 5.08 41.29
CA LEU A 329 18.82 5.44 41.93
C LEU A 329 19.60 4.22 42.42
N LYS A 330 18.89 3.18 42.87
CA LYS A 330 19.59 1.94 43.22
C LYS A 330 20.20 1.30 41.99
N ILE A 331 19.46 1.27 40.88
CA ILE A 331 19.98 0.69 39.65
C ILE A 331 21.20 1.46 39.16
N ARG A 332 21.09 2.80 39.14
CA ARG A 332 22.20 3.63 38.70
C ARG A 332 23.46 3.31 39.49
N ASP A 333 23.31 3.28 40.82
CA ASP A 333 24.41 2.89 41.70
C ASP A 333 24.95 1.53 41.33
N LEU A 334 24.05 0.57 41.08
CA LEU A 334 24.49 -0.80 40.77
C LEU A 334 25.30 -0.85 39.48
N TYR A 335 24.83 -0.18 38.42
CA TYR A 335 25.59 -0.26 37.17
C TYR A 335 26.84 0.59 37.20
N GLU A 336 26.91 1.60 38.07
CA GLU A 336 28.17 2.30 38.26
C GLU A 336 29.22 1.37 38.85
N GLN A 337 28.84 0.59 39.87
CA GLN A 337 29.76 -0.35 40.50
C GLN A 337 30.13 -1.48 39.54
N LEU A 338 29.16 -1.96 38.77
CA LEU A 338 29.43 -3.07 37.85
C LEU A 338 30.30 -2.63 36.69
N ILE A 339 30.07 -1.43 36.17
CA ILE A 339 30.91 -0.89 35.09
C ILE A 339 32.33 -0.72 35.60
N ALA A 340 32.51 -0.08 36.76
CA ALA A 340 33.83 0.04 37.36
C ALA A 340 34.45 -1.33 37.59
N ASN A 341 33.67 -2.27 38.13
CA ASN A 341 34.17 -3.63 38.32
C ASN A 341 34.55 -4.26 37.00
N LYS A 342 33.71 -4.11 35.98
CA LYS A 342 34.03 -4.60 34.63
C LYS A 342 35.23 -3.87 34.05
N ALA A 343 35.40 -2.59 34.37
CA ALA A 343 36.52 -1.82 33.84
C ALA A 343 37.83 -2.20 34.54
N THR A 344 37.81 -2.33 35.88
CA THR A 344 38.97 -2.88 36.59
C THR A 344 39.38 -4.24 36.03
N ALA A 345 38.40 -5.10 35.74
CA ALA A 345 38.70 -6.43 35.20
C ALA A 345 39.38 -6.33 33.83
N ARG A 346 38.87 -5.47 32.94
CA ARG A 346 39.46 -5.31 31.61
C ARG A 346 40.91 -4.82 31.70
N ALA A 347 41.17 -3.82 32.54
CA ALA A 347 42.54 -3.32 32.69
C ALA A 347 43.47 -4.43 33.17
N GLU A 348 43.05 -5.21 34.17
CA GLU A 348 43.83 -6.37 34.60
C GLU A 348 44.09 -7.33 33.44
N ALA A 349 43.08 -7.62 32.64
CA ALA A 349 43.28 -8.47 31.47
C ALA A 349 44.25 -7.82 30.47
N LYS A 350 44.24 -6.50 30.37
CA LYS A 350 45.12 -5.84 29.42
C LYS A 350 46.55 -5.78 29.96
N ALA A 351 46.74 -5.61 31.27
CA ALA A 351 48.08 -5.74 31.82
C ALA A 351 48.61 -7.15 31.63
N LEU A 352 47.72 -8.15 31.68
CA LEU A 352 48.16 -9.53 31.51
C LEU A 352 48.75 -9.75 30.12
N GLU A 353 48.24 -9.06 29.11
CA GLU A 353 48.77 -9.15 27.76
C GLU A 353 49.96 -8.20 27.61
N GLU B 5 -3.46 14.71 2.90
CA GLU B 5 -4.31 13.69 3.51
C GLU B 5 -5.75 14.18 3.61
N THR B 6 -6.69 13.28 3.30
CA THR B 6 -8.12 13.56 3.28
C THR B 6 -8.81 12.79 4.39
N ILE B 7 -9.53 13.51 5.25
CA ILE B 7 -10.29 12.89 6.33
C ILE B 7 -11.78 13.00 6.00
N VAL B 8 -12.53 11.96 6.33
CA VAL B 8 -13.92 11.83 5.93
C VAL B 8 -14.81 11.95 7.16
N ILE B 9 -15.82 12.79 7.07
CA ILE B 9 -16.80 12.99 8.14
C ILE B 9 -18.18 12.65 7.59
N GLY B 10 -18.92 11.83 8.33
CA GLY B 10 -20.28 11.48 7.97
C GLY B 10 -21.27 12.37 8.70
N LEU B 11 -22.22 12.90 7.93
CA LEU B 11 -23.33 13.68 8.47
C LEU B 11 -24.63 13.01 8.03
N ALA B 12 -25.25 12.27 8.94
CA ALA B 12 -26.55 11.66 8.70
C ALA B 12 -27.65 12.61 9.18
N ALA B 13 -28.50 13.02 8.26
CA ALA B 13 -29.61 13.90 8.62
C ALA B 13 -30.72 13.77 7.57
N ASP B 14 -31.91 14.22 7.96
CA ASP B 14 -33.08 14.25 7.10
C ASP B 14 -32.94 15.36 6.07
N SER B 15 -33.78 15.27 5.04
CA SER B 15 -33.78 16.27 3.99
C SER B 15 -34.18 17.63 4.54
N GLY B 16 -33.60 18.68 3.95
CA GLY B 16 -33.86 20.04 4.37
C GLY B 16 -33.49 20.24 5.83
N CYS B 17 -34.53 20.50 6.63
CA CYS B 17 -34.55 20.48 8.11
C CYS B 17 -33.36 21.34 8.59
N GLY B 18 -32.64 20.93 9.64
CA GLY B 18 -31.42 21.60 10.05
C GLY B 18 -30.14 21.15 9.37
N LYS B 19 -30.24 20.22 8.43
CA LYS B 19 -29.06 19.71 7.72
C LYS B 19 -28.33 20.84 6.98
N SER B 20 -29.06 21.68 6.23
CA SER B 20 -28.45 22.85 5.61
C SER B 20 -27.71 23.70 6.66
N THR B 21 -28.43 24.15 7.70
CA THR B 21 -27.82 24.95 8.78
C THR B 21 -26.63 24.24 9.41
N PHE B 22 -26.76 22.95 9.74
CA PHE B 22 -25.66 22.19 10.33
C PHE B 22 -24.44 22.20 9.41
N MET B 23 -24.64 21.91 8.13
CA MET B 23 -23.53 21.89 7.19
C MET B 23 -22.82 23.24 7.13
N ARG B 24 -23.60 24.32 7.03
CA ARG B 24 -22.99 25.65 6.95
C ARG B 24 -22.17 25.95 8.18
N ARG B 25 -22.67 25.58 9.38
CA ARG B 25 -21.91 25.79 10.60
C ARG B 25 -20.63 24.97 10.60
N LEU B 26 -20.69 23.74 10.09
CA LEU B 26 -19.50 22.90 10.03
C LEU B 26 -18.44 23.52 9.12
N THR B 27 -18.84 23.98 7.94
CA THR B 27 -17.87 24.56 7.01
C THR B 27 -17.26 25.84 7.55
N SER B 28 -18.03 26.63 8.31
CA SER B 28 -17.48 27.86 8.86
C SER B 28 -16.34 27.59 9.82
N VAL B 29 -16.39 26.46 10.54
CA VAL B 29 -15.30 26.10 11.45
C VAL B 29 -14.10 25.57 10.68
N PHE B 30 -14.35 24.81 9.60
CA PHE B 30 -13.26 24.13 8.92
C PHE B 30 -12.41 25.08 8.09
N GLY B 31 -13.00 26.18 7.60
CA GLY B 31 -12.23 27.16 6.87
C GLY B 31 -13.04 28.26 6.22
N GLY B 32 -12.87 28.43 4.90
CA GLY B 32 -13.47 29.52 4.18
C GLY B 32 -14.89 29.22 3.73
N ALA B 33 -15.46 30.18 3.01
CA ALA B 33 -16.81 30.04 2.48
C ALA B 33 -16.86 28.93 1.43
N ALA B 34 -17.84 28.05 1.56
CA ALA B 34 -17.99 26.92 0.66
C ALA B 34 -19.03 27.25 -0.40
N LYS B 35 -18.65 27.07 -1.67
CA LYS B 35 -19.46 27.47 -2.81
C LYS B 35 -19.60 26.31 -3.79
N PRO B 36 -20.68 26.27 -4.55
CA PRO B 36 -20.83 25.25 -5.60
C PRO B 36 -19.69 25.32 -6.60
N PRO B 37 -19.44 24.26 -7.36
CA PRO B 37 -18.34 24.29 -8.33
C PRO B 37 -18.63 25.30 -9.42
N LYS B 38 -17.72 26.27 -9.57
CA LYS B 38 -17.85 27.22 -10.67
C LYS B 38 -17.70 26.48 -12.00
N GLY B 39 -18.39 26.98 -13.01
CA GLY B 39 -18.38 26.32 -14.30
C GLY B 39 -18.88 24.89 -14.21
N GLY B 40 -20.02 24.70 -13.57
CA GLY B 40 -20.62 23.38 -13.46
C GLY B 40 -22.12 23.46 -13.61
N ASN B 41 -22.75 22.28 -13.55
CA ASN B 41 -24.19 22.17 -13.49
C ASN B 41 -24.73 23.08 -12.39
N PRO B 42 -25.58 24.06 -12.72
CA PRO B 42 -26.05 25.00 -11.68
C PRO B 42 -26.84 24.31 -10.59
N ASP B 43 -27.40 23.13 -10.85
CA ASP B 43 -28.13 22.37 -9.84
C ASP B 43 -27.25 21.39 -9.08
N SER B 44 -25.93 21.50 -9.23
CA SER B 44 -25.02 20.64 -8.48
C SER B 44 -25.20 20.85 -6.98
N ASN B 45 -25.09 19.75 -6.23
CA ASN B 45 -25.28 19.76 -4.79
C ASN B 45 -23.96 19.79 -4.03
N THR B 46 -22.83 19.87 -4.72
CA THR B 46 -21.53 19.89 -4.08
C THR B 46 -21.17 21.32 -3.67
N LEU B 47 -20.76 21.48 -2.42
CA LEU B 47 -20.21 22.74 -1.92
C LEU B 47 -18.72 22.55 -1.67
N ILE B 48 -17.91 23.44 -2.22
CA ILE B 48 -16.46 23.32 -2.14
C ILE B 48 -15.90 24.54 -1.43
N SER B 49 -14.90 24.32 -0.59
CA SER B 49 -14.18 25.37 0.09
C SER B 49 -12.69 25.16 -0.14
N ASP B 50 -11.89 26.12 0.32
CA ASP B 50 -10.45 25.94 0.33
C ASP B 50 -10.04 24.77 1.23
N THR B 51 -10.90 24.36 2.14
CA THR B 51 -10.57 23.35 3.13
C THR B 51 -11.49 22.13 3.08
N THR B 52 -12.73 22.29 2.62
CA THR B 52 -13.75 21.26 2.78
C THR B 52 -14.54 21.13 1.49
N THR B 53 -14.93 19.90 1.17
CA THR B 53 -15.84 19.63 0.07
C THR B 53 -17.00 18.81 0.60
N VAL B 54 -18.20 19.33 0.49
CA VAL B 54 -19.41 18.65 0.88
C VAL B 54 -19.91 17.81 -0.29
N ILE B 55 -20.37 16.60 0.00
CA ILE B 55 -21.01 15.75 -1.00
C ILE B 55 -22.38 15.38 -0.48
N CYS B 56 -23.42 15.81 -1.19
CA CYS B 56 -24.79 15.37 -0.90
C CYS B 56 -24.96 13.93 -1.37
N LEU B 57 -25.34 13.05 -0.46
CA LEU B 57 -25.44 11.63 -0.78
C LEU B 57 -26.60 11.32 -1.73
N ASP B 58 -27.50 12.26 -1.98
CA ASP B 58 -28.53 12.05 -3.00
C ASP B 58 -27.90 11.69 -4.35
N ASP B 59 -26.72 12.23 -4.62
CA ASP B 59 -26.05 12.00 -5.90
C ASP B 59 -25.82 10.53 -6.21
N TYR B 60 -25.83 9.65 -5.20
CA TYR B 60 -25.67 8.22 -5.42
C TYR B 60 -26.98 7.47 -5.38
N HIS B 61 -28.09 8.17 -5.62
CA HIS B 61 -29.38 7.51 -5.81
C HIS B 61 -29.34 6.57 -6.99
N SER B 62 -29.87 5.36 -6.80
CA SER B 62 -30.05 4.44 -7.92
C SER B 62 -31.26 4.83 -8.75
N LEU B 63 -32.38 5.07 -8.09
CA LEU B 63 -33.64 5.37 -8.76
C LEU B 63 -33.89 6.87 -8.77
N ASP B 64 -34.15 7.43 -9.94
CA ASP B 64 -34.51 8.83 -9.99
C ASP B 64 -35.95 9.01 -9.48
N ARG B 65 -36.40 10.26 -9.45
CA ARG B 65 -37.69 10.57 -8.82
C ARG B 65 -38.82 9.82 -9.48
N TYR B 66 -38.79 9.68 -10.81
CA TYR B 66 -39.88 9.02 -11.50
C TYR B 66 -39.73 7.51 -11.46
N GLY B 67 -38.49 7.01 -11.44
CA GLY B 67 -38.28 5.59 -11.22
C GLY B 67 -38.82 5.13 -9.87
N ARG B 68 -38.56 5.92 -8.82
CA ARG B 68 -39.02 5.56 -7.48
C ARG B 68 -40.54 5.54 -7.37
N LYS B 69 -41.23 6.37 -8.17
CA LYS B 69 -42.68 6.32 -8.17
C LYS B 69 -43.19 5.03 -8.81
N GLU B 70 -42.40 4.45 -9.71
CA GLU B 70 -42.80 3.23 -10.40
C GLU B 70 -42.40 1.96 -9.65
N GLN B 71 -41.32 2.01 -8.88
CA GLN B 71 -40.89 0.85 -8.11
C GLN B 71 -41.60 0.72 -6.78
N LYS B 72 -42.49 1.66 -6.44
CA LYS B 72 -43.22 1.69 -5.17
C LYS B 72 -42.25 1.72 -3.99
N VAL B 73 -41.33 2.68 -4.04
CA VAL B 73 -40.23 2.77 -3.11
C VAL B 73 -39.90 4.26 -2.92
N THR B 74 -39.32 4.58 -1.77
CA THR B 74 -38.90 5.95 -1.46
C THR B 74 -37.38 6.06 -1.54
N ALA B 75 -36.88 7.24 -1.20
CA ALA B 75 -35.44 7.46 -1.16
C ALA B 75 -34.82 7.02 0.15
N LEU B 76 -35.62 6.63 1.14
CA LEU B 76 -35.08 6.04 2.36
C LEU B 76 -34.65 4.58 2.16
N ASP B 77 -35.23 3.91 1.18
CA ASP B 77 -34.93 2.51 0.95
C ASP B 77 -33.54 2.38 0.31
N PRO B 78 -32.77 1.35 0.69
CA PRO B 78 -31.44 1.19 0.09
C PRO B 78 -31.48 0.71 -1.34
N ARG B 79 -32.55 0.05 -1.76
CA ARG B 79 -32.70 -0.29 -3.18
C ARG B 79 -32.67 0.94 -4.06
N ALA B 80 -32.96 2.12 -3.51
CA ALA B 80 -32.96 3.36 -4.27
C ALA B 80 -31.60 4.03 -4.30
N ASN B 81 -30.56 3.40 -3.75
CA ASN B 81 -29.24 4.01 -3.63
C ASN B 81 -28.17 3.04 -4.09
N ASP B 82 -27.14 3.58 -4.75
CA ASP B 82 -26.02 2.79 -5.24
C ASP B 82 -24.91 2.89 -4.21
N PHE B 83 -24.93 1.97 -3.23
CA PHE B 83 -23.90 1.96 -2.21
C PHE B 83 -22.57 1.43 -2.73
N ASP B 84 -22.57 0.67 -3.82
CA ASP B 84 -21.31 0.26 -4.42
C ASP B 84 -20.56 1.45 -5.00
N LEU B 85 -21.26 2.29 -5.76
CA LEU B 85 -20.63 3.48 -6.33
C LEU B 85 -20.19 4.44 -5.23
N MET B 86 -21.05 4.65 -4.23
CA MET B 86 -20.72 5.52 -3.12
C MET B 86 -19.44 5.06 -2.41
N TYR B 87 -19.35 3.76 -2.12
CA TYR B 87 -18.18 3.24 -1.44
C TYR B 87 -16.93 3.44 -2.29
N GLU B 88 -17.00 3.09 -3.57
CA GLU B 88 -15.82 3.18 -4.42
C GLU B 88 -15.31 4.61 -4.52
N GLN B 89 -16.21 5.58 -4.72
CA GLN B 89 -15.77 6.95 -4.93
C GLN B 89 -15.25 7.57 -3.64
N VAL B 90 -15.93 7.35 -2.51
CA VAL B 90 -15.46 7.89 -1.24
C VAL B 90 -14.08 7.35 -0.92
N LYS B 91 -13.85 6.05 -1.14
CA LYS B 91 -12.53 5.48 -0.95
C LYS B 91 -11.51 6.14 -1.87
N ALA B 92 -11.85 6.30 -3.14
CA ALA B 92 -10.93 6.95 -4.08
C ALA B 92 -10.52 8.32 -3.57
N LEU B 93 -11.50 9.16 -3.19
CA LEU B 93 -11.19 10.49 -2.69
C LEU B 93 -10.29 10.42 -1.46
N LYS B 94 -10.53 9.45 -0.58
CA LYS B 94 -9.70 9.31 0.62
C LYS B 94 -8.26 8.98 0.27
N ASN B 95 -8.03 8.19 -0.78
CA ASN B 95 -6.70 7.81 -1.21
C ASN B 95 -6.10 8.78 -2.21
N GLY B 96 -6.71 9.94 -2.41
CA GLY B 96 -6.14 10.95 -3.28
C GLY B 96 -6.48 10.80 -4.75
N ILE B 97 -7.61 10.20 -5.08
CA ILE B 97 -8.03 10.01 -6.47
C ILE B 97 -9.28 10.84 -6.71
N ALA B 98 -9.28 11.61 -7.80
CA ALA B 98 -10.46 12.35 -8.21
C ALA B 98 -11.49 11.39 -8.80
N VAL B 99 -12.77 11.76 -8.67
CA VAL B 99 -13.87 10.89 -9.09
C VAL B 99 -14.86 11.70 -9.92
N GLU B 100 -15.48 11.01 -10.88
CA GLU B 100 -16.59 11.56 -11.64
C GLU B 100 -17.86 11.20 -10.86
N LYS B 101 -18.36 12.14 -10.07
CA LYS B 101 -19.49 11.88 -9.22
C LYS B 101 -20.76 12.32 -9.91
N PRO B 102 -21.72 11.42 -10.14
CA PRO B 102 -22.99 11.83 -10.75
C PRO B 102 -23.66 12.92 -9.94
N ILE B 103 -24.51 13.69 -10.61
CA ILE B 103 -25.26 14.78 -9.99
C ILE B 103 -26.73 14.40 -10.00
N TYR B 104 -27.36 14.41 -8.83
CA TYR B 104 -28.81 14.25 -8.73
C TYR B 104 -29.44 15.63 -8.72
N ASN B 105 -30.12 15.97 -9.82
CA ASN B 105 -30.75 17.29 -9.99
C ASN B 105 -32.08 17.31 -9.23
N HIS B 106 -32.11 18.03 -8.12
CA HIS B 106 -33.33 18.07 -7.31
C HIS B 106 -34.46 18.85 -7.99
N VAL B 107 -34.15 19.68 -8.98
CA VAL B 107 -35.22 20.41 -9.68
C VAL B 107 -35.97 19.46 -10.62
N THR B 108 -35.24 18.81 -11.53
CA THR B 108 -35.86 17.95 -12.52
C THR B 108 -36.08 16.52 -12.03
N GLY B 109 -35.53 16.16 -10.88
CA GLY B 109 -35.69 14.80 -10.38
C GLY B 109 -34.97 13.74 -11.18
N LEU B 110 -33.84 14.08 -11.79
CA LEU B 110 -33.14 13.16 -12.67
C LEU B 110 -31.67 13.07 -12.28
N LEU B 111 -31.01 12.03 -12.78
CA LEU B 111 -29.57 11.85 -12.62
C LEU B 111 -28.86 12.53 -13.78
N ASP B 112 -28.09 13.57 -13.49
CA ASP B 112 -27.38 14.35 -14.50
C ASP B 112 -25.95 13.85 -14.64
N PRO B 113 -25.26 14.25 -15.71
CA PRO B 113 -23.87 13.79 -15.92
C PRO B 113 -22.96 14.20 -14.78
N PRO B 114 -21.85 13.50 -14.59
CA PRO B 114 -21.04 13.67 -13.37
C PRO B 114 -20.16 14.92 -13.40
N GLU B 115 -19.62 15.23 -12.22
CA GLU B 115 -18.71 16.35 -12.02
C GLU B 115 -17.42 15.84 -11.42
N LEU B 116 -16.30 16.28 -11.98
CA LEU B 116 -15.00 15.90 -11.44
C LEU B 116 -14.83 16.51 -10.05
N ILE B 117 -14.68 15.65 -9.05
CA ILE B 117 -14.44 16.07 -7.67
C ILE B 117 -12.97 15.83 -7.36
N GLN B 118 -12.28 16.88 -6.81
CA GLN B 118 -10.90 16.66 -6.40
C GLN B 118 -10.84 16.32 -4.92
N PRO B 119 -9.84 15.55 -4.51
CA PRO B 119 -9.69 15.22 -3.08
C PRO B 119 -9.53 16.48 -2.26
N PRO B 120 -10.29 16.60 -1.17
CA PRO B 120 -10.12 17.76 -0.29
C PRO B 120 -9.36 17.39 0.97
N LYS B 121 -8.91 18.38 1.75
CA LYS B 121 -8.41 18.06 3.07
C LYS B 121 -9.49 17.39 3.91
N ILE B 122 -10.72 17.90 3.82
CA ILE B 122 -11.86 17.38 4.57
C ILE B 122 -13.00 17.15 3.60
N LEU B 123 -13.39 15.89 3.45
CA LEU B 123 -14.59 15.52 2.72
C LEU B 123 -15.70 15.23 3.73
N VAL B 124 -16.84 15.87 3.53
CA VAL B 124 -18.04 15.58 4.33
C VAL B 124 -19.06 14.96 3.39
N ILE B 125 -19.53 13.76 3.72
CA ILE B 125 -20.66 13.17 3.03
C ILE B 125 -21.87 13.31 3.94
N GLU B 126 -22.92 13.94 3.41
CA GLU B 126 -24.12 14.19 4.18
C GLU B 126 -25.34 13.73 3.40
N GLY B 127 -26.34 13.30 4.11
CA GLY B 127 -27.58 12.85 3.52
C GLY B 127 -28.20 11.77 4.39
N LEU B 128 -28.90 10.84 3.73
CA LEU B 128 -29.69 9.85 4.43
C LEU B 128 -28.91 8.60 4.83
N HIS B 129 -27.82 8.27 4.15
CA HIS B 129 -27.21 6.96 4.37
C HIS B 129 -25.70 6.95 4.54
N PRO B 130 -25.07 7.90 5.23
CA PRO B 130 -23.60 7.84 5.33
C PRO B 130 -23.10 6.67 6.17
N MET B 131 -23.88 6.20 7.15
CA MET B 131 -23.47 5.09 8.00
C MET B 131 -24.30 3.82 7.77
N PHE B 132 -25.03 3.75 6.65
CA PHE B 132 -25.85 2.57 6.41
C PHE B 132 -25.03 1.40 5.91
N ASP B 133 -23.97 1.65 5.15
CA ASP B 133 -23.17 0.61 4.55
C ASP B 133 -21.84 0.49 5.30
N GLU B 134 -21.53 -0.72 5.75
CA GLU B 134 -20.38 -0.93 6.61
C GLU B 134 -19.08 -0.52 5.93
N ARG B 135 -18.98 -0.71 4.62
CA ARG B 135 -17.75 -0.36 3.91
C ARG B 135 -17.53 1.15 3.91
N VAL B 136 -18.59 1.93 3.75
CA VAL B 136 -18.47 3.38 3.83
C VAL B 136 -18.33 3.80 5.28
N ARG B 137 -18.95 3.06 6.20
CA ARG B 137 -18.78 3.32 7.63
C ARG B 137 -17.32 3.22 8.03
N ASP B 138 -16.59 2.24 7.49
CA ASP B 138 -15.19 2.04 7.84
C ASP B 138 -14.24 2.99 7.14
N LEU B 139 -14.75 3.92 6.33
CA LEU B 139 -13.93 4.98 5.76
C LEU B 139 -14.08 6.30 6.50
N LEU B 140 -15.00 6.40 7.43
CA LEU B 140 -15.27 7.65 8.13
C LEU B 140 -14.33 7.81 9.31
N ASP B 141 -13.87 9.04 9.52
CA ASP B 141 -13.09 9.40 10.69
C ASP B 141 -13.93 10.04 11.78
N PHE B 142 -15.15 10.46 11.45
CA PHE B 142 -16.12 10.91 12.44
C PHE B 142 -17.51 10.78 11.85
N SER B 143 -18.49 10.61 12.73
CA SER B 143 -19.87 10.42 12.32
C SER B 143 -20.77 11.32 13.16
N ILE B 144 -21.65 12.06 12.49
CA ILE B 144 -22.62 12.91 13.13
C ILE B 144 -24.02 12.44 12.72
N TYR B 145 -24.94 12.44 13.68
CA TYR B 145 -26.33 12.11 13.41
C TYR B 145 -27.21 13.22 13.96
N LEU B 146 -27.94 13.89 13.07
CA LEU B 146 -28.96 14.86 13.48
C LEU B 146 -30.30 14.14 13.57
N ASP B 147 -30.75 13.90 14.80
CA ASP B 147 -32.01 13.20 15.08
C ASP B 147 -33.05 14.25 15.47
N ILE B 148 -33.94 14.57 14.54
CA ILE B 148 -35.03 15.50 14.82
C ILE B 148 -36.23 14.70 15.30
N SER B 149 -36.80 15.11 16.43
CA SER B 149 -38.00 14.47 16.95
C SER B 149 -39.12 14.57 15.93
N ASN B 150 -40.08 13.63 16.04
CA ASN B 150 -41.25 13.69 15.18
C ASN B 150 -42.08 14.93 15.46
N GLU B 151 -42.25 15.26 16.75
CA GLU B 151 -43.02 16.43 17.14
C GLU B 151 -42.38 17.71 16.62
N VAL B 152 -41.05 17.76 16.53
CA VAL B 152 -40.38 18.96 16.05
C VAL B 152 -40.38 19.01 14.52
N LYS B 153 -40.18 17.87 13.86
CA LYS B 153 -40.32 17.81 12.41
C LYS B 153 -41.68 18.36 11.98
N PHE B 154 -42.73 17.98 12.71
CA PHE B 154 -44.06 18.48 12.43
C PHE B 154 -44.13 19.99 12.61
N ALA B 155 -43.63 20.48 13.74
CA ALA B 155 -43.69 21.91 14.03
C ALA B 155 -43.01 22.74 12.95
N TRP B 156 -41.86 22.28 12.46
CA TRP B 156 -41.11 23.06 11.48
C TRP B 156 -41.80 23.10 10.12
N LYS B 157 -42.48 22.02 9.74
CA LYS B 157 -43.24 22.05 8.49
C LYS B 157 -44.38 23.05 8.54
N ILE B 158 -44.96 23.25 9.73
CA ILE B 158 -46.09 24.16 9.87
C ILE B 158 -45.60 25.60 9.97
N GLN B 159 -44.59 25.84 10.81
CA GLN B 159 -44.20 27.17 11.23
C GLN B 159 -43.07 27.78 10.40
N ARG B 160 -42.38 26.99 9.58
CA ARG B 160 -41.24 27.51 8.82
C ARG B 160 -41.27 27.12 7.35
N ASP B 161 -41.57 25.86 7.05
CA ASP B 161 -41.54 25.34 5.68
C ASP B 161 -42.73 25.89 4.91
N MET B 162 -42.50 26.94 4.12
CA MET B 162 -43.58 27.54 3.34
C MET B 162 -44.09 26.61 2.25
N ALA B 163 -43.32 25.58 1.88
CA ALA B 163 -43.72 24.71 0.77
C ALA B 163 -44.85 23.78 1.17
N GLU B 164 -44.96 23.41 2.45
CA GLU B 164 -46.01 22.54 2.92
C GLU B 164 -47.32 23.29 3.18
N ARG B 165 -47.39 24.56 2.79
CA ARG B 165 -48.55 25.38 3.12
C ARG B 165 -49.81 24.89 2.42
N GLY B 166 -49.68 24.29 1.24
CA GLY B 166 -50.82 23.81 0.50
C GLY B 166 -51.49 22.57 1.07
N HIS B 167 -50.84 21.90 2.02
CA HIS B 167 -51.38 20.68 2.62
C HIS B 167 -51.96 20.97 4.00
N SER B 168 -52.99 20.22 4.35
CA SER B 168 -53.66 20.37 5.63
C SER B 168 -52.83 19.73 6.75
N LEU B 169 -53.03 20.22 7.97
CA LEU B 169 -52.39 19.61 9.14
C LEU B 169 -52.58 18.11 9.16
N GLU B 170 -53.77 17.64 8.77
CA GLU B 170 -54.01 16.20 8.69
C GLU B 170 -53.18 15.57 7.58
N SER B 171 -53.01 16.28 6.46
CA SER B 171 -52.27 15.72 5.34
C SER B 171 -50.78 15.62 5.64
N ILE B 172 -50.23 16.58 6.39
CA ILE B 172 -48.82 16.56 6.74
C ILE B 172 -48.55 15.49 7.78
N LYS B 173 -49.37 15.44 8.84
CA LYS B 173 -49.26 14.38 9.83
C LYS B 173 -49.34 13.01 9.16
N ALA B 174 -50.31 12.83 8.26
CA ALA B 174 -50.48 11.53 7.61
C ALA B 174 -49.28 11.18 6.74
N SER B 175 -48.58 12.17 6.22
CA SER B 175 -47.38 11.87 5.43
C SER B 175 -46.26 11.34 6.32
N ILE B 176 -46.11 11.90 7.52
CA ILE B 176 -45.04 11.46 8.42
C ILE B 176 -45.21 9.99 8.77
N GLU B 177 -46.44 9.55 9.05
CA GLU B 177 -46.66 8.16 9.45
C GLU B 177 -46.33 7.20 8.30
N ALA B 178 -46.61 7.59 7.06
CA ALA B 178 -46.34 6.70 5.93
C ALA B 178 -44.84 6.57 5.66
N ARG B 179 -44.07 7.57 6.05
CA ARG B 179 -42.62 7.58 5.90
C ARG B 179 -41.91 6.92 7.08
N LYS B 180 -42.57 6.84 8.23
CA LYS B 180 -41.92 6.34 9.44
C LYS B 180 -41.39 4.91 9.32
N PRO B 181 -42.11 3.94 8.76
CA PRO B 181 -41.55 2.58 8.70
C PRO B 181 -40.22 2.50 7.97
N ASP B 182 -40.12 3.09 6.78
CA ASP B 182 -38.83 3.11 6.09
C ASP B 182 -37.80 3.89 6.88
N PHE B 183 -38.21 5.00 7.50
CA PHE B 183 -37.30 5.76 8.33
C PHE B 183 -36.80 4.92 9.50
N ASP B 184 -37.72 4.24 10.19
CA ASP B 184 -37.33 3.40 11.32
C ASP B 184 -36.44 2.25 10.90
N ALA B 185 -36.66 1.71 9.70
CA ALA B 185 -35.91 0.53 9.27
C ALA B 185 -34.54 0.87 8.69
N PHE B 186 -34.34 2.10 8.20
CA PHE B 186 -33.20 2.36 7.33
C PHE B 186 -32.33 3.54 7.77
N ILE B 187 -32.91 4.53 8.42
CA ILE B 187 -32.21 5.77 8.76
C ILE B 187 -31.90 5.83 10.25
N ASP B 188 -32.91 5.64 11.10
CA ASP B 188 -32.72 5.79 12.54
C ASP B 188 -31.66 4.85 13.14
N PRO B 189 -31.56 3.57 12.75
CA PRO B 189 -30.48 2.73 13.29
C PRO B 189 -29.07 3.28 13.11
N GLN B 190 -28.83 4.16 12.14
CA GLN B 190 -27.48 4.66 11.94
C GLN B 190 -26.95 5.40 13.15
N LYS B 191 -27.84 5.83 14.06
CA LYS B 191 -27.41 6.57 15.25
C LYS B 191 -26.37 5.79 16.03
N GLN B 192 -26.53 4.47 16.11
CA GLN B 192 -25.62 3.65 16.90
C GLN B 192 -24.16 3.81 16.48
N TYR B 193 -23.89 4.18 15.23
CA TYR B 193 -22.53 4.38 14.73
C TYR B 193 -22.07 5.82 14.85
N ALA B 194 -22.92 6.72 15.34
CA ALA B 194 -22.57 8.13 15.38
C ALA B 194 -21.63 8.39 16.55
N ASP B 195 -20.53 9.10 16.27
CA ASP B 195 -19.69 9.58 17.35
C ASP B 195 -20.39 10.69 18.14
N ALA B 196 -21.16 11.52 17.47
CA ALA B 196 -21.92 12.59 18.11
C ALA B 196 -23.33 12.58 17.57
N VAL B 197 -24.32 12.57 18.46
CA VAL B 197 -25.72 12.68 18.09
C VAL B 197 -26.28 13.94 18.72
N ILE B 198 -27.05 14.69 17.94
CA ILE B 198 -27.77 15.86 18.38
C ILE B 198 -29.25 15.57 18.20
N GLU B 199 -29.95 15.30 19.31
CA GLU B 199 -31.37 14.98 19.30
C GLU B 199 -32.16 16.23 19.72
N VAL B 200 -33.17 16.57 18.93
CA VAL B 200 -33.90 17.83 19.08
C VAL B 200 -35.34 17.52 19.46
N LEU B 201 -35.74 17.92 20.65
CA LEU B 201 -37.04 17.63 21.25
C LEU B 201 -37.77 18.94 21.57
N PRO B 202 -39.07 18.88 21.85
CA PRO B 202 -39.79 20.08 22.29
C PRO B 202 -39.47 20.37 23.76
N THR B 203 -39.74 21.61 24.14
CA THR B 203 -39.34 22.10 25.46
C THR B 203 -40.09 21.38 26.57
N THR B 204 -39.43 21.28 27.72
CA THR B 204 -40.09 20.96 28.97
C THR B 204 -40.36 22.19 29.82
N LEU B 205 -39.70 23.31 29.52
CA LEU B 205 -39.94 24.54 30.25
C LEU B 205 -41.33 25.12 29.97
N ILE B 206 -41.84 24.94 28.75
CA ILE B 206 -43.14 25.46 28.37
C ILE B 206 -44.06 24.27 28.12
N PRO B 207 -44.99 23.96 29.02
CA PRO B 207 -45.88 22.80 28.81
C PRO B 207 -46.74 22.96 27.57
N ASP B 208 -46.86 21.85 26.82
CA ASP B 208 -47.67 21.77 25.61
C ASP B 208 -47.23 22.81 24.58
N ASP B 209 -45.92 23.04 24.49
CA ASP B 209 -45.34 23.92 23.49
C ASP B 209 -44.92 23.08 22.30
N ASN B 210 -45.37 23.49 21.10
CA ASN B 210 -45.12 22.73 19.89
C ASN B 210 -44.70 23.63 18.74
N GLU B 211 -44.11 24.79 19.02
CA GLU B 211 -43.90 25.81 18.00
C GLU B 211 -42.53 25.73 17.34
N GLY B 212 -41.66 24.81 17.76
CA GLY B 212 -40.39 24.59 17.11
C GLY B 212 -39.33 25.65 17.38
N LYS B 213 -39.62 26.66 18.20
CA LYS B 213 -38.67 27.73 18.46
C LYS B 213 -37.87 27.51 19.74
N VAL B 214 -38.55 27.18 20.84
CA VAL B 214 -37.90 26.82 22.09
C VAL B 214 -37.83 25.30 22.15
N LEU B 215 -36.62 24.77 22.33
CA LEU B 215 -36.38 23.35 22.15
C LEU B 215 -35.53 22.80 23.27
N ARG B 216 -35.67 21.50 23.48
CA ARG B 216 -34.83 20.70 24.36
C ARG B 216 -33.97 19.80 23.48
N VAL B 217 -32.70 20.13 23.33
CA VAL B 217 -31.81 19.42 22.41
C VAL B 217 -30.72 18.72 23.21
N ARG B 218 -30.43 17.47 22.84
CA ARG B 218 -29.46 16.65 23.54
C ARG B 218 -28.25 16.41 22.65
N LEU B 219 -27.06 16.64 23.20
CA LEU B 219 -25.80 16.34 22.54
C LEU B 219 -25.28 15.03 23.12
N ILE B 220 -25.40 13.95 22.35
CA ILE B 220 -24.98 12.63 22.78
C ILE B 220 -23.59 12.40 22.18
N MET B 221 -22.62 12.09 23.04
CA MET B 221 -21.22 12.02 22.64
C MET B 221 -20.64 10.67 23.02
N LYS B 222 -20.19 9.92 22.02
CA LYS B 222 -19.62 8.61 22.29
C LYS B 222 -18.33 8.75 23.09
N GLU B 223 -18.25 8.01 24.19
CA GLU B 223 -17.05 7.98 25.00
C GLU B 223 -16.04 7.01 24.42
N GLY B 224 -14.76 7.27 24.70
CA GLY B 224 -13.71 6.36 24.33
C GLY B 224 -13.26 6.43 22.88
N VAL B 225 -13.66 7.46 22.14
CA VAL B 225 -13.21 7.65 20.78
C VAL B 225 -11.89 8.40 20.81
N LYS B 226 -10.90 7.90 20.08
CA LYS B 226 -9.57 8.47 20.10
C LYS B 226 -9.56 9.89 19.52
N TYR B 227 -8.87 10.79 20.21
CA TYR B 227 -8.76 12.19 19.81
C TYR B 227 -10.11 12.90 19.85
N PHE B 228 -11.03 12.44 20.71
CA PHE B 228 -12.32 13.10 20.89
C PHE B 228 -12.65 13.09 22.38
N SER B 229 -12.42 14.23 23.04
CA SER B 229 -12.68 14.37 24.46
C SER B 229 -14.01 15.08 24.65
N PRO B 230 -15.06 14.38 25.06
CA PRO B 230 -16.40 15.00 25.09
C PRO B 230 -16.45 16.22 26.00
N VAL B 231 -17.29 17.17 25.59
CA VAL B 231 -17.67 18.35 26.37
C VAL B 231 -18.21 17.88 27.71
N TYR B 232 -18.02 18.67 28.77
CA TYR B 232 -18.62 18.34 30.04
C TYR B 232 -18.93 19.62 30.80
N LEU B 233 -19.79 19.49 31.80
CA LEU B 233 -20.24 20.61 32.61
C LEU B 233 -19.83 20.36 34.06
N PHE B 234 -18.88 21.16 34.55
CA PHE B 234 -18.45 21.18 35.95
C PHE B 234 -17.69 19.93 36.38
N ASP B 235 -18.32 18.76 36.31
CA ASP B 235 -17.74 17.55 36.90
C ASP B 235 -18.00 16.37 35.96
N GLU B 236 -16.97 15.96 35.22
CA GLU B 236 -17.12 14.91 34.21
C GLU B 236 -17.67 13.63 34.83
N GLY B 237 -18.72 13.10 34.22
CA GLY B 237 -19.27 11.83 34.63
C GLY B 237 -20.38 11.90 35.65
N SER B 238 -20.55 13.02 36.34
CA SER B 238 -21.63 13.11 37.32
C SER B 238 -22.93 13.50 36.63
N THR B 239 -23.99 13.65 37.42
CA THR B 239 -25.32 13.95 36.93
C THR B 239 -25.72 15.32 37.45
N ILE B 240 -25.70 16.32 36.56
CA ILE B 240 -25.89 17.72 36.94
C ILE B 240 -27.07 18.29 36.16
N SER B 241 -27.83 19.15 36.82
CA SER B 241 -28.72 20.09 36.14
C SER B 241 -28.30 21.50 36.54
N TRP B 242 -28.29 22.40 35.56
CA TRP B 242 -27.71 23.73 35.75
C TRP B 242 -28.61 24.78 35.11
N ILE B 243 -29.21 25.63 35.93
CA ILE B 243 -29.91 26.82 35.46
C ILE B 243 -28.97 28.01 35.68
N PRO B 244 -28.41 28.62 34.63
CA PRO B 244 -27.46 29.72 34.84
C PRO B 244 -28.15 31.01 35.24
N CYS B 245 -29.44 31.16 34.94
CA CYS B 245 -30.15 32.39 35.24
C CYS B 245 -30.17 32.65 36.74
N GLY B 246 -29.66 33.80 37.13
CA GLY B 246 -29.69 34.23 38.51
C GLY B 246 -29.65 35.74 38.61
N ARG B 247 -29.29 36.21 39.82
CA ARG B 247 -29.22 37.64 40.09
C ARG B 247 -28.23 38.35 39.18
N LYS B 248 -27.16 37.67 38.79
CA LYS B 248 -26.15 38.27 37.91
C LYS B 248 -26.38 37.95 36.44
N LEU B 249 -27.32 37.05 36.12
CA LEU B 249 -27.64 36.71 34.72
C LEU B 249 -29.15 36.59 34.62
N THR B 250 -29.81 37.68 34.22
CA THR B 250 -31.27 37.71 34.16
C THR B 250 -31.75 37.18 32.81
N CYS B 251 -32.78 36.34 32.86
CA CYS B 251 -33.34 35.69 31.69
C CYS B 251 -34.81 36.02 31.56
N SER B 252 -35.27 36.10 30.31
CA SER B 252 -36.70 36.15 30.05
C SER B 252 -37.30 34.76 30.22
N TYR B 253 -38.62 34.70 30.16
CA TYR B 253 -39.29 33.40 30.18
C TYR B 253 -39.03 32.69 28.87
N PRO B 254 -38.67 31.39 28.89
CA PRO B 254 -38.58 30.50 30.03
C PRO B 254 -37.15 30.26 30.52
N GLY B 255 -36.19 30.94 29.92
CA GLY B 255 -34.82 30.85 30.39
C GLY B 255 -34.06 29.67 29.79
N ILE B 256 -33.06 29.23 30.54
CA ILE B 256 -32.11 28.21 30.11
C ILE B 256 -32.00 27.18 31.22
N LYS B 257 -31.98 25.90 30.84
CA LYS B 257 -31.72 24.83 31.78
C LYS B 257 -30.84 23.77 31.12
N PHE B 258 -29.75 23.42 31.79
CA PHE B 258 -28.79 22.46 31.27
C PHE B 258 -28.84 21.15 32.04
N ASN B 259 -28.52 20.06 31.36
CA ASN B 259 -28.43 18.76 32.00
C ASN B 259 -27.22 18.02 31.50
N TYR B 260 -26.48 17.40 32.42
CA TYR B 260 -25.27 16.66 32.10
C TYR B 260 -25.34 15.32 32.81
N GLU B 261 -25.24 14.23 32.04
CA GLU B 261 -25.44 12.92 32.61
C GLU B 261 -24.76 11.86 31.74
N PRO B 262 -24.19 10.82 32.32
CA PRO B 262 -23.76 9.67 31.52
C PRO B 262 -24.95 8.86 31.08
N ASP B 263 -24.73 8.00 30.09
CA ASP B 263 -25.79 7.12 29.65
C ASP B 263 -25.21 6.00 28.79
N SER B 264 -26.04 4.98 28.59
CA SER B 264 -25.74 3.87 27.69
C SER B 264 -26.64 3.99 26.47
N TYR B 265 -26.05 4.20 25.31
CA TYR B 265 -26.78 4.52 24.09
C TYR B 265 -26.41 3.48 23.03
N PHE B 266 -27.35 2.57 22.74
CA PHE B 266 -27.12 1.43 21.85
C PHE B 266 -26.01 0.53 22.37
N ASP B 267 -26.00 0.31 23.69
CA ASP B 267 -25.01 -0.51 24.38
C ASP B 267 -23.59 0.03 24.20
N HIS B 268 -23.49 1.34 23.97
CA HIS B 268 -22.23 2.05 24.02
C HIS B 268 -22.32 3.09 25.13
N GLU B 269 -21.17 3.43 25.72
CA GLU B 269 -21.13 4.44 26.76
C GLU B 269 -21.04 5.82 26.12
N VAL B 270 -21.89 6.75 26.57
CA VAL B 270 -21.92 8.11 26.08
C VAL B 270 -22.10 9.08 27.24
N SER B 271 -21.69 10.32 27.00
CA SER B 271 -22.01 11.44 27.87
C SER B 271 -22.95 12.38 27.14
N VAL B 272 -23.96 12.88 27.85
CA VAL B 272 -25.05 13.63 27.25
C VAL B 272 -25.13 15.02 27.87
N LEU B 273 -25.03 16.03 27.02
CA LEU B 273 -25.26 17.42 27.40
C LEU B 273 -26.57 17.89 26.79
N GLU B 274 -27.48 18.40 27.62
CA GLU B 274 -28.75 18.93 27.18
C GLU B 274 -28.83 20.43 27.42
N MET B 275 -29.38 21.15 26.44
CA MET B 275 -29.85 22.51 26.67
C MET B 275 -31.34 22.56 26.37
N ASP B 276 -32.11 22.95 27.38
CA ASP B 276 -33.54 23.20 27.22
C ASP B 276 -33.78 24.69 27.38
N GLY B 277 -34.54 25.26 26.45
CA GLY B 277 -34.83 26.68 26.48
C GLY B 277 -34.22 27.41 25.31
N GLN B 278 -33.89 28.68 25.50
CA GLN B 278 -33.38 29.50 24.42
C GLN B 278 -32.61 30.68 25.01
N PHE B 279 -31.53 31.06 24.34
CA PHE B 279 -30.87 32.31 24.69
C PHE B 279 -31.81 33.46 24.36
N ASP B 280 -32.08 34.28 25.37
CA ASP B 280 -32.87 35.49 25.22
C ASP B 280 -31.99 36.69 24.89
N ARG B 281 -30.85 36.79 25.56
CA ARG B 281 -29.86 37.85 25.33
C ARG B 281 -28.52 37.20 25.00
N LEU B 282 -27.67 37.97 24.31
CA LEU B 282 -26.36 37.45 23.96
C LEU B 282 -25.51 37.13 25.18
N ASP B 283 -25.71 37.89 26.28
CA ASP B 283 -24.95 37.65 27.49
C ASP B 283 -25.05 36.21 27.95
N GLU B 284 -26.22 35.60 27.76
CA GLU B 284 -26.47 34.25 28.24
C GLU B 284 -25.60 33.22 27.54
N LEU B 285 -25.32 33.43 26.25
CA LEU B 285 -24.43 32.53 25.53
C LEU B 285 -22.99 32.69 26.00
N ILE B 286 -22.55 33.94 26.21
CA ILE B 286 -21.22 34.20 26.76
C ILE B 286 -21.06 33.50 28.10
N TYR B 287 -22.10 33.52 28.92
CA TYR B 287 -22.03 32.92 30.24
C TYR B 287 -21.93 31.41 30.16
N VAL B 288 -22.76 30.79 29.32
CA VAL B 288 -22.78 29.34 29.18
C VAL B 288 -21.41 28.84 28.71
N GLU B 289 -20.94 29.34 27.57
CA GLU B 289 -19.66 28.91 27.03
C GLU B 289 -18.56 29.04 28.07
N SER B 290 -18.53 30.18 28.77
CA SER B 290 -17.54 30.41 29.81
C SER B 290 -17.56 29.33 30.90
N HIS B 291 -18.69 28.67 31.10
CA HIS B 291 -18.81 27.64 32.13
C HIS B 291 -18.74 26.22 31.60
N LEU B 292 -18.70 26.01 30.28
CA LEU B 292 -18.56 24.68 29.72
C LEU B 292 -17.08 24.31 29.59
N SER B 293 -16.83 23.00 29.48
CA SER B 293 -15.47 22.47 29.48
C SER B 293 -15.27 21.54 28.30
N ASN B 294 -14.01 21.46 27.84
CA ASN B 294 -13.62 20.63 26.69
C ASN B 294 -14.37 21.06 25.43
N LEU B 295 -14.34 22.36 25.15
CA LEU B 295 -15.00 22.91 23.98
C LEU B 295 -14.13 22.92 22.73
N SER B 296 -12.84 22.60 22.87
CA SER B 296 -11.88 22.58 21.76
C SER B 296 -11.72 23.94 21.08
N THR B 297 -11.78 25.02 21.86
CA THR B 297 -11.65 26.35 21.31
C THR B 297 -10.20 26.77 21.24
N LYS B 298 -9.87 27.62 20.26
CA LYS B 298 -8.51 28.13 20.12
C LYS B 298 -8.25 29.28 21.10
N PHE B 299 -9.16 30.24 21.16
CA PHE B 299 -9.12 31.32 22.13
C PHE B 299 -10.35 31.20 23.05
N TYR B 300 -10.78 32.31 23.63
CA TYR B 300 -11.92 32.33 24.53
C TYR B 300 -13.07 33.07 23.85
N GLY B 301 -14.25 32.44 23.85
CA GLY B 301 -15.39 32.98 23.17
C GLY B 301 -15.54 32.54 21.73
N GLU B 302 -14.75 31.57 21.27
CA GLU B 302 -14.78 31.18 19.86
C GLU B 302 -16.14 30.64 19.46
N VAL B 303 -16.79 29.89 20.34
CA VAL B 303 -18.14 29.38 20.07
C VAL B 303 -19.08 30.53 19.76
N THR B 304 -19.05 31.57 20.61
CA THR B 304 -19.89 32.75 20.39
C THR B 304 -19.56 33.43 19.07
N GLN B 305 -18.28 33.60 18.78
CA GLN B 305 -17.86 34.26 17.55
C GLN B 305 -18.40 33.53 16.32
N GLN B 306 -18.25 32.20 16.28
CA GLN B 306 -18.77 31.43 15.17
C GLN B 306 -20.29 31.58 15.07
N MET B 307 -20.98 31.57 16.22
CA MET B 307 -22.43 31.74 16.17
C MET B 307 -22.82 33.14 15.73
N LEU B 308 -21.98 34.14 16.03
CA LEU B 308 -22.32 35.52 15.65
C LEU B 308 -22.12 35.78 14.16
N LYS B 309 -21.29 34.97 13.48
CA LYS B 309 -21.25 35.03 12.02
C LYS B 309 -22.60 34.65 11.42
N HIS B 310 -23.33 33.75 12.09
CA HIS B 310 -24.56 33.17 11.55
C HIS B 310 -25.75 33.51 12.44
N ALA B 311 -25.90 34.80 12.78
CA ALA B 311 -26.98 35.19 13.69
C ALA B 311 -28.36 34.96 13.07
N ASP B 312 -28.48 35.12 11.75
CA ASP B 312 -29.75 34.92 11.07
C ASP B 312 -30.19 33.46 11.04
N PHE B 313 -29.27 32.54 11.30
CA PHE B 313 -29.56 31.11 11.13
C PHE B 313 -30.68 30.67 12.07
N PRO B 314 -31.57 29.79 11.62
CA PRO B 314 -32.57 29.22 12.53
C PRO B 314 -31.89 28.37 13.59
N GLY B 315 -32.38 28.47 14.82
CA GLY B 315 -31.73 27.77 15.91
C GLY B 315 -30.49 28.45 16.43
N SER B 316 -30.21 29.68 16.02
CA SER B 316 -29.08 30.41 16.59
C SER B 316 -29.34 30.92 18.01
N ASN B 317 -30.57 30.80 18.52
CA ASN B 317 -30.89 31.24 19.87
C ASN B 317 -31.16 30.08 20.82
N ASN B 318 -30.91 28.84 20.41
CA ASN B 318 -31.18 27.69 21.26
C ASN B 318 -30.03 26.69 21.11
N GLY B 319 -30.21 25.49 21.66
CA GLY B 319 -29.13 24.52 21.72
C GLY B 319 -28.77 23.86 20.39
N THR B 320 -29.62 23.97 19.37
CA THR B 320 -29.24 23.41 18.07
C THR B 320 -28.04 24.16 17.50
N GLY B 321 -28.12 25.50 17.48
CA GLY B 321 -26.97 26.28 17.04
C GLY B 321 -25.74 26.07 17.89
N LEU B 322 -25.92 25.97 19.21
CA LEU B 322 -24.77 25.86 20.10
C LEU B 322 -24.05 24.53 19.93
N PHE B 323 -24.80 23.42 20.00
CA PHE B 323 -24.16 22.11 19.98
C PHE B 323 -23.56 21.78 18.62
N GLN B 324 -24.20 22.22 17.54
CA GLN B 324 -23.63 22.01 16.21
C GLN B 324 -22.30 22.75 16.06
N THR B 325 -22.25 24.00 16.52
CA THR B 325 -20.99 24.75 16.50
C THR B 325 -19.93 24.01 17.29
N ILE B 326 -20.29 23.55 18.49
CA ILE B 326 -19.36 22.80 19.34
C ILE B 326 -18.90 21.55 18.62
N VAL B 327 -19.86 20.78 18.07
CA VAL B 327 -19.49 19.62 17.26
C VAL B 327 -18.52 20.03 16.15
N GLY B 328 -18.74 21.21 15.56
CA GLY B 328 -17.78 21.71 14.59
C GLY B 328 -16.37 21.79 15.13
N LEU B 329 -16.22 22.45 16.29
CA LEU B 329 -14.89 22.60 16.89
C LEU B 329 -14.31 21.25 17.29
N LYS B 330 -15.13 20.36 17.86
CA LYS B 330 -14.64 19.03 18.19
C LYS B 330 -14.07 18.33 16.96
N ILE B 331 -14.77 18.42 15.82
CA ILE B 331 -14.28 17.81 14.60
C ILE B 331 -12.91 18.38 14.25
N ARG B 332 -12.79 19.70 14.29
CA ARG B 332 -11.57 20.36 13.85
C ARG B 332 -10.37 19.93 14.70
N ASP B 333 -10.56 19.86 16.02
CA ASP B 333 -9.54 19.29 16.90
C ASP B 333 -9.18 17.88 16.47
N LEU B 334 -10.18 17.07 16.13
CA LEU B 334 -9.93 15.68 15.80
C LEU B 334 -9.06 15.55 14.55
N TYR B 335 -9.35 16.31 13.50
CA TYR B 335 -8.54 16.13 12.29
C TYR B 335 -7.16 16.78 12.44
N GLU B 336 -7.03 17.81 13.27
CA GLU B 336 -5.70 18.37 13.53
C GLU B 336 -4.85 17.37 14.32
N GLN B 337 -5.46 16.64 15.26
CA GLN B 337 -4.75 15.52 15.88
C GLN B 337 -4.55 14.39 14.88
N LEU B 338 -5.52 14.17 14.00
CA LEU B 338 -5.39 13.13 12.99
C LEU B 338 -4.37 13.53 11.93
N ILE B 339 -4.37 14.81 11.54
CA ILE B 339 -3.49 15.25 10.46
C ILE B 339 -2.05 15.37 10.93
N ALA B 340 -1.83 15.75 12.19
CA ALA B 340 -0.47 15.75 12.73
C ALA B 340 0.12 14.34 12.66
N ASN B 341 -0.70 13.33 12.94
CA ASN B 341 -0.23 11.94 12.98
C ASN B 341 0.34 11.51 11.63
N LYS B 342 -0.46 11.62 10.58
CA LYS B 342 -0.03 11.18 9.25
C LYS B 342 0.88 12.19 8.57
N ALA B 343 0.92 13.43 9.05
CA ALA B 343 1.93 14.37 8.55
C ALA B 343 3.32 13.85 8.86
N THR B 344 3.56 13.46 10.12
CA THR B 344 4.82 12.83 10.49
C THR B 344 5.02 11.51 9.75
N ALA B 345 3.94 10.74 9.58
CA ALA B 345 4.05 9.45 8.91
C ALA B 345 4.44 9.61 7.44
N ARG B 346 3.99 10.68 6.79
CA ARG B 346 4.33 10.92 5.39
C ARG B 346 5.52 11.84 5.22
N ALA B 347 6.09 12.37 6.31
CA ALA B 347 7.34 13.08 6.23
C ALA B 347 8.47 12.06 6.09
N GLU C 5 16.62 -8.24 -4.27
CA GLU C 5 15.18 -8.48 -4.08
C GLU C 5 14.80 -9.96 -4.20
N THR C 6 13.79 -10.34 -3.43
CA THR C 6 13.16 -11.65 -3.54
C THR C 6 12.11 -11.62 -4.64
N ILE C 7 12.03 -12.71 -5.40
CA ILE C 7 11.02 -12.83 -6.44
C ILE C 7 10.07 -13.96 -6.08
N VAL C 8 8.79 -13.72 -6.34
CA VAL C 8 7.73 -14.51 -5.75
C VAL C 8 6.98 -15.23 -6.86
N ILE C 9 6.73 -16.51 -6.64
CA ILE C 9 6.14 -17.41 -7.62
C ILE C 9 4.91 -18.07 -7.01
N GLY C 10 3.74 -17.87 -7.62
CA GLY C 10 2.54 -18.54 -7.17
C GLY C 10 2.33 -19.88 -7.85
N LEU C 11 1.90 -20.87 -7.08
CA LEU C 11 1.59 -22.20 -7.61
C LEU C 11 0.22 -22.62 -7.07
N ALA C 12 -0.80 -22.56 -7.93
CA ALA C 12 -2.14 -22.96 -7.54
C ALA C 12 -2.35 -24.42 -7.92
N ALA C 13 -2.63 -25.24 -6.91
CA ALA C 13 -2.92 -26.65 -7.11
C ALA C 13 -3.67 -27.20 -5.90
N ASP C 14 -4.42 -28.27 -6.13
CA ASP C 14 -4.93 -29.13 -5.06
C ASP C 14 -3.83 -30.00 -4.52
N SER C 15 -3.82 -30.18 -3.20
CA SER C 15 -2.57 -30.53 -2.52
C SER C 15 -2.17 -31.95 -2.75
N GLY C 16 -3.03 -32.71 -3.41
CA GLY C 16 -3.07 -34.14 -3.18
C GLY C 16 -1.85 -34.81 -3.79
N CYS C 17 -1.62 -34.54 -5.09
CA CYS C 17 -0.80 -35.43 -5.89
C CYS C 17 0.23 -34.66 -6.71
N GLY C 18 -0.18 -33.92 -7.75
CA GLY C 18 0.80 -33.33 -8.69
C GLY C 18 1.59 -32.22 -8.07
N LYS C 19 0.95 -31.45 -7.18
CA LYS C 19 1.58 -30.29 -6.57
C LYS C 19 2.90 -30.66 -5.89
N SER C 20 2.90 -31.72 -5.07
CA SER C 20 4.14 -32.20 -4.46
C SER C 20 5.19 -32.52 -5.53
N THR C 21 4.82 -33.32 -6.53
CA THR C 21 5.75 -33.66 -7.60
C THR C 21 6.13 -32.45 -8.43
N PHE C 22 5.16 -31.60 -8.77
CA PHE C 22 5.46 -30.35 -9.48
C PHE C 22 6.43 -29.50 -8.67
N MET C 23 6.15 -29.33 -7.36
CA MET C 23 7.02 -28.50 -6.54
C MET C 23 8.42 -29.05 -6.47
N ARG C 24 8.57 -30.37 -6.32
CA ARG C 24 9.89 -30.98 -6.33
C ARG C 24 10.60 -30.70 -7.65
N ARG C 25 9.89 -30.82 -8.77
CA ARG C 25 10.49 -30.53 -10.07
C ARG C 25 10.92 -29.07 -10.17
N LEU C 26 10.10 -28.16 -9.63
CA LEU C 26 10.46 -26.74 -9.67
C LEU C 26 11.66 -26.45 -8.78
N THR C 27 11.71 -27.08 -7.60
CA THR C 27 12.82 -26.87 -6.67
C THR C 27 14.14 -27.31 -7.29
N SER C 28 14.14 -28.44 -8.00
CA SER C 28 15.39 -29.02 -8.50
C SER C 28 16.06 -28.14 -9.56
N VAL C 29 15.28 -27.40 -10.36
CA VAL C 29 15.93 -26.50 -11.32
C VAL C 29 16.31 -25.18 -10.67
N PHE C 30 15.65 -24.80 -9.57
CA PHE C 30 15.99 -23.54 -8.92
C PHE C 30 17.23 -23.64 -8.02
N GLY C 31 17.48 -24.81 -7.45
CA GLY C 31 18.67 -24.97 -6.62
C GLY C 31 18.82 -26.34 -6.00
N GLY C 32 19.35 -26.37 -4.78
CA GLY C 32 19.59 -27.61 -4.08
C GLY C 32 18.32 -28.19 -3.49
N ALA C 33 18.51 -29.23 -2.70
CA ALA C 33 17.38 -29.92 -2.09
C ALA C 33 16.66 -29.01 -1.11
N ALA C 34 15.33 -29.03 -1.17
CA ALA C 34 14.50 -28.27 -0.24
C ALA C 34 14.15 -29.15 0.94
N LYS C 35 14.48 -28.71 2.14
CA LYS C 35 14.27 -29.46 3.37
C LYS C 35 13.51 -28.62 4.37
N PRO C 36 12.83 -29.25 5.32
CA PRO C 36 12.16 -28.50 6.39
C PRO C 36 13.17 -27.69 7.20
N PRO C 37 12.70 -26.68 7.94
CA PRO C 37 13.62 -25.93 8.81
C PRO C 37 14.20 -26.81 9.91
N LYS C 38 15.39 -26.42 10.37
CA LYS C 38 16.22 -27.32 11.17
C LYS C 38 15.55 -27.70 12.49
N GLY C 39 15.24 -26.72 13.33
CA GLY C 39 14.61 -26.98 14.61
C GLY C 39 13.11 -26.93 14.53
N GLY C 40 12.49 -26.49 15.62
CA GLY C 40 11.08 -26.17 15.58
C GLY C 40 10.19 -27.37 15.32
N ASN C 41 9.14 -27.14 14.54
CA ASN C 41 8.01 -28.06 14.46
C ASN C 41 8.30 -29.16 13.45
N PRO C 42 8.20 -30.44 13.84
CA PRO C 42 8.33 -31.53 12.87
C PRO C 42 7.19 -31.57 11.86
N ASP C 43 6.03 -31.00 12.18
CA ASP C 43 4.92 -30.94 11.24
C ASP C 43 4.92 -29.65 10.43
N SER C 44 6.06 -28.97 10.34
CA SER C 44 6.15 -27.77 9.52
C SER C 44 6.06 -28.11 8.04
N ASN C 45 5.17 -27.40 7.33
CA ASN C 45 5.01 -27.59 5.90
C ASN C 45 6.08 -26.88 5.09
N THR C 46 6.87 -26.01 5.72
CA THR C 46 7.84 -25.23 4.99
C THR C 46 8.96 -26.10 4.44
N LEU C 47 9.36 -25.82 3.19
CA LEU C 47 10.53 -26.42 2.57
C LEU C 47 11.54 -25.31 2.28
N ILE C 48 12.79 -25.53 2.65
CA ILE C 48 13.83 -24.51 2.55
C ILE C 48 15.01 -25.08 1.78
N SER C 49 15.54 -24.29 0.85
CA SER C 49 16.74 -24.66 0.12
C SER C 49 17.66 -23.45 0.06
N ASP C 50 18.74 -23.59 -0.69
CA ASP C 50 19.74 -22.52 -0.76
C ASP C 50 19.20 -21.28 -1.45
N THR C 51 18.31 -21.46 -2.44
CA THR C 51 17.74 -20.34 -3.17
C THR C 51 16.24 -20.17 -2.95
N THR C 52 15.51 -21.24 -2.65
CA THR C 52 14.05 -21.19 -2.65
C THR C 52 13.50 -21.61 -1.30
N THR C 53 12.44 -20.92 -0.89
CA THR C 53 11.60 -21.30 0.23
C THR C 53 10.19 -21.55 -0.29
N VAL C 54 9.62 -22.69 0.07
CA VAL C 54 8.28 -23.06 -0.35
C VAL C 54 7.37 -22.91 0.86
N ILE C 55 6.36 -22.06 0.74
CA ILE C 55 5.38 -21.86 1.79
C ILE C 55 4.07 -22.50 1.35
N CYS C 56 3.54 -23.38 2.19
CA CYS C 56 2.25 -24.00 1.96
C CYS C 56 1.15 -23.06 2.47
N LEU C 57 0.22 -22.68 1.60
CA LEU C 57 -0.77 -21.67 1.99
C LEU C 57 -1.80 -22.19 2.98
N ASP C 58 -1.77 -23.47 3.35
CA ASP C 58 -2.58 -23.95 4.46
C ASP C 58 -2.24 -23.22 5.76
N ASP C 59 -0.98 -22.79 5.91
CA ASP C 59 -0.55 -22.11 7.11
C ASP C 59 -1.38 -20.87 7.40
N TYR C 60 -1.93 -20.25 6.35
CA TYR C 60 -2.78 -19.09 6.50
C TYR C 60 -4.25 -19.46 6.67
N HIS C 61 -4.53 -20.70 7.04
CA HIS C 61 -5.88 -21.09 7.43
C HIS C 61 -6.32 -20.28 8.65
N SER C 62 -7.34 -19.46 8.47
CA SER C 62 -7.94 -18.74 9.59
C SER C 62 -8.90 -19.63 10.38
N LEU C 63 -9.19 -20.83 9.88
CA LEU C 63 -10.21 -21.69 10.50
C LEU C 63 -9.61 -23.06 10.75
N ASP C 64 -9.40 -23.36 12.03
CA ASP C 64 -9.01 -24.68 12.52
C ASP C 64 -9.85 -25.78 11.87
N ARG C 65 -9.27 -26.99 11.80
CA ARG C 65 -10.01 -28.11 11.21
C ARG C 65 -11.33 -28.36 11.93
N TYR C 66 -11.32 -28.32 13.25
CA TYR C 66 -12.57 -28.48 14.00
C TYR C 66 -13.42 -27.23 13.92
N GLY C 67 -12.80 -26.06 13.77
CA GLY C 67 -13.57 -24.86 13.53
C GLY C 67 -14.33 -24.93 12.22
N ARG C 68 -13.68 -25.43 11.18
CA ARG C 68 -14.35 -25.62 9.89
C ARG C 68 -15.47 -26.65 10.02
N LYS C 69 -15.26 -27.69 10.79
CA LYS C 69 -16.28 -28.68 10.95
C LYS C 69 -17.52 -28.11 11.59
N GLU C 70 -17.35 -27.26 12.58
CA GLU C 70 -18.47 -26.62 13.24
C GLU C 70 -19.11 -25.65 12.33
N GLN C 71 -18.34 -25.16 11.41
CA GLN C 71 -18.81 -24.12 10.51
C GLN C 71 -19.43 -24.72 9.25
N LYS C 72 -20.11 -23.87 8.49
CA LYS C 72 -20.61 -24.28 7.18
C LYS C 72 -19.47 -24.64 6.24
N VAL C 73 -18.25 -24.16 6.52
CA VAL C 73 -17.22 -24.01 5.50
C VAL C 73 -16.35 -25.25 5.32
N THR C 74 -15.44 -25.15 4.37
CA THR C 74 -14.47 -26.16 4.00
C THR C 74 -13.14 -25.44 3.81
N ALA C 75 -12.08 -26.18 3.49
CA ALA C 75 -10.80 -25.52 3.28
C ALA C 75 -10.77 -24.67 2.02
N LEU C 76 -11.65 -24.95 1.05
CA LEU C 76 -11.68 -24.16 -0.17
C LEU C 76 -12.31 -22.79 0.04
N ASP C 77 -13.12 -22.63 1.09
CA ASP C 77 -13.87 -21.40 1.27
C ASP C 77 -12.96 -20.24 1.69
N PRO C 78 -13.12 -19.06 1.10
CA PRO C 78 -12.33 -17.89 1.54
C PRO C 78 -12.59 -17.50 2.99
N ARG C 79 -13.76 -17.83 3.55
CA ARG C 79 -13.97 -17.61 4.97
C ARG C 79 -12.91 -18.32 5.80
N ALA C 80 -12.37 -19.42 5.29
CA ALA C 80 -11.48 -20.29 6.04
C ALA C 80 -10.01 -19.87 5.96
N ASN C 81 -9.69 -18.82 5.22
CA ASN C 81 -8.31 -18.43 5.01
C ASN C 81 -8.14 -16.94 5.29
N ASP C 82 -6.94 -16.57 5.71
CA ASP C 82 -6.62 -15.22 6.12
C ASP C 82 -5.76 -14.58 5.04
N PHE C 83 -6.42 -13.88 4.11
CA PHE C 83 -5.70 -13.26 3.01
C PHE C 83 -5.03 -11.96 3.39
N ASP C 84 -5.49 -11.30 4.45
CA ASP C 84 -4.78 -10.13 4.97
C ASP C 84 -3.38 -10.51 5.44
N LEU C 85 -3.30 -11.50 6.34
CA LEU C 85 -2.00 -11.98 6.78
C LEU C 85 -1.18 -12.54 5.63
N MET C 86 -1.82 -13.29 4.73
CA MET C 86 -1.10 -13.85 3.57
C MET C 86 -0.51 -12.75 2.71
N TYR C 87 -1.31 -11.72 2.42
CA TYR C 87 -0.82 -10.59 1.65
C TYR C 87 0.33 -9.88 2.37
N GLU C 88 0.12 -9.55 3.64
CA GLU C 88 1.11 -8.79 4.38
C GLU C 88 2.44 -9.54 4.48
N GLN C 89 2.37 -10.84 4.78
CA GLN C 89 3.61 -11.59 4.99
C GLN C 89 4.33 -11.84 3.67
N VAL C 90 3.60 -12.20 2.60
CA VAL C 90 4.21 -12.33 1.29
C VAL C 90 4.82 -11.00 0.88
N LYS C 91 4.11 -9.90 1.11
CA LYS C 91 4.62 -8.58 0.80
C LYS C 91 5.90 -8.28 1.59
N ALA C 92 5.91 -8.63 2.88
CA ALA C 92 7.09 -8.36 3.71
C ALA C 92 8.28 -9.18 3.24
N LEU C 93 8.07 -10.45 2.88
CA LEU C 93 9.20 -11.27 2.46
C LEU C 93 9.82 -10.74 1.17
N LYS C 94 8.98 -10.30 0.22
CA LYS C 94 9.50 -9.77 -1.03
C LYS C 94 10.40 -8.56 -0.81
N ASN C 95 10.13 -7.77 0.23
CA ASN C 95 10.96 -6.62 0.58
C ASN C 95 12.05 -6.98 1.58
N GLY C 96 12.41 -8.25 1.69
CA GLY C 96 13.50 -8.66 2.54
C GLY C 96 13.22 -8.59 4.03
N ILE C 97 11.97 -8.71 4.45
CA ILE C 97 11.60 -8.69 5.87
C ILE C 97 11.19 -10.09 6.30
N ALA C 98 11.68 -10.51 7.46
CA ALA C 98 11.34 -11.81 8.02
C ALA C 98 9.95 -11.77 8.63
N VAL C 99 9.27 -12.92 8.61
CA VAL C 99 7.88 -12.99 9.02
C VAL C 99 7.67 -14.13 10.00
N GLU C 100 6.72 -13.93 10.90
CA GLU C 100 6.29 -14.97 11.84
C GLU C 100 5.09 -15.65 11.22
N LYS C 101 5.28 -16.85 10.69
CA LYS C 101 4.23 -17.50 9.92
C LYS C 101 3.64 -18.65 10.69
N PRO C 102 2.36 -18.61 11.05
CA PRO C 102 1.73 -19.76 11.72
C PRO C 102 1.89 -21.04 10.92
N ILE C 103 1.70 -22.16 11.61
CA ILE C 103 1.86 -23.49 11.02
C ILE C 103 0.54 -24.21 11.17
N TYR C 104 -0.01 -24.68 10.04
CA TYR C 104 -1.20 -25.52 10.08
C TYR C 104 -0.76 -26.98 10.15
N ASN C 105 -0.95 -27.61 11.30
CA ASN C 105 -0.55 -28.98 11.53
C ASN C 105 -1.55 -29.92 10.87
N HIS C 106 -1.12 -30.63 9.82
CA HIS C 106 -2.05 -31.49 9.09
C HIS C 106 -2.40 -32.75 9.88
N VAL C 107 -1.45 -33.27 10.68
CA VAL C 107 -1.74 -34.44 11.50
C VAL C 107 -2.82 -34.12 12.53
N THR C 108 -2.61 -33.06 13.32
CA THR C 108 -3.57 -32.71 14.35
C THR C 108 -4.69 -31.80 13.86
N GLY C 109 -4.59 -31.28 12.64
CA GLY C 109 -5.58 -30.33 12.17
C GLY C 109 -5.68 -29.08 13.02
N LEU C 110 -4.57 -28.64 13.61
CA LEU C 110 -4.53 -27.50 14.50
C LEU C 110 -3.58 -26.44 13.98
N LEU C 111 -3.81 -25.20 14.42
CA LEU C 111 -2.90 -24.08 14.15
C LEU C 111 -1.83 -24.05 15.25
N ASP C 112 -0.59 -24.28 14.87
CA ASP C 112 0.51 -24.30 15.82
C ASP C 112 1.13 -22.92 15.92
N PRO C 113 1.96 -22.69 16.95
CA PRO C 113 2.70 -21.44 17.02
C PRO C 113 3.54 -21.24 15.78
N PRO C 114 3.82 -20.00 15.42
CA PRO C 114 4.44 -19.69 14.11
C PRO C 114 5.93 -19.97 14.09
N GLU C 115 6.48 -19.89 12.88
CA GLU C 115 7.90 -20.03 12.63
C GLU C 115 8.40 -18.79 11.91
N LEU C 116 9.59 -18.35 12.27
CA LEU C 116 10.24 -17.20 11.63
C LEU C 116 10.83 -17.65 10.30
N ILE C 117 10.36 -17.04 9.20
CA ILE C 117 10.83 -17.35 7.85
C ILE C 117 11.81 -16.27 7.40
N GLN C 118 13.01 -16.69 6.96
CA GLN C 118 13.87 -15.62 6.43
C GLN C 118 13.58 -15.38 4.95
N PRO C 119 13.74 -14.13 4.49
CA PRO C 119 13.49 -13.82 3.08
C PRO C 119 14.40 -14.62 2.17
N PRO C 120 13.84 -15.34 1.20
CA PRO C 120 14.67 -16.11 0.25
C PRO C 120 14.95 -15.36 -1.03
N LYS C 121 15.79 -15.93 -1.90
CA LYS C 121 15.94 -15.38 -3.25
C LYS C 121 14.72 -15.68 -4.10
N ILE C 122 14.18 -16.90 -3.97
CA ILE C 122 12.99 -17.32 -4.71
C ILE C 122 11.98 -17.80 -3.67
N LEU C 123 10.82 -17.16 -3.63
CA LEU C 123 9.73 -17.54 -2.75
C LEU C 123 8.61 -18.13 -3.58
N VAL C 124 8.18 -19.34 -3.25
CA VAL C 124 7.07 -20.00 -3.93
C VAL C 124 5.93 -20.18 -2.95
N ILE C 125 4.81 -19.53 -3.21
CA ILE C 125 3.59 -19.79 -2.46
C ILE C 125 2.75 -20.79 -3.24
N GLU C 126 2.29 -21.81 -2.56
CA GLU C 126 1.75 -22.99 -3.21
C GLU C 126 0.55 -23.48 -2.42
N GLY C 127 -0.56 -23.66 -3.11
CA GLY C 127 -1.75 -24.19 -2.46
C GLY C 127 -3.01 -23.83 -3.23
N LEU C 128 -4.10 -23.66 -2.48
CA LEU C 128 -5.41 -23.50 -3.06
C LEU C 128 -5.69 -22.07 -3.53
N HIS C 129 -5.19 -21.07 -2.80
CA HIS C 129 -5.60 -19.71 -3.09
C HIS C 129 -4.46 -18.73 -3.33
N PRO C 130 -3.41 -19.09 -4.07
CA PRO C 130 -2.33 -18.11 -4.27
C PRO C 130 -2.72 -16.95 -5.16
N MET C 131 -3.65 -17.15 -6.08
CA MET C 131 -4.08 -16.08 -6.98
C MET C 131 -5.46 -15.54 -6.63
N PHE C 132 -6.05 -15.97 -5.52
CA PHE C 132 -7.43 -15.62 -5.22
C PHE C 132 -7.57 -14.17 -4.81
N ASP C 133 -6.72 -13.70 -3.91
CA ASP C 133 -6.77 -12.31 -3.45
C ASP C 133 -5.94 -11.44 -4.38
N GLU C 134 -6.50 -10.28 -4.74
CA GLU C 134 -5.87 -9.45 -5.77
C GLU C 134 -4.59 -8.78 -5.25
N ARG C 135 -4.51 -8.46 -3.97
CA ARG C 135 -3.30 -7.86 -3.43
C ARG C 135 -2.12 -8.82 -3.52
N VAL C 136 -2.34 -10.07 -3.09
CA VAL C 136 -1.33 -11.11 -3.23
C VAL C 136 -0.95 -11.29 -4.69
N ARG C 137 -1.96 -11.39 -5.56
CA ARG C 137 -1.73 -11.65 -6.97
C ARG C 137 -0.82 -10.61 -7.58
N ASP C 138 -1.01 -9.33 -7.22
CA ASP C 138 -0.18 -8.27 -7.78
C ASP C 138 1.27 -8.34 -7.32
N LEU C 139 1.57 -9.16 -6.29
CA LEU C 139 2.94 -9.32 -5.81
C LEU C 139 3.71 -10.37 -6.60
N LEU C 140 3.03 -11.32 -7.21
CA LEU C 140 3.69 -12.44 -7.87
C LEU C 140 4.38 -11.98 -9.15
N ASP C 141 5.59 -12.47 -9.35
CA ASP C 141 6.30 -12.27 -10.61
C ASP C 141 5.93 -13.32 -11.64
N PHE C 142 5.39 -14.46 -11.22
CA PHE C 142 4.96 -15.51 -12.13
C PHE C 142 3.92 -16.37 -11.43
N SER C 143 2.96 -16.86 -12.20
CA SER C 143 1.82 -17.59 -11.67
C SER C 143 1.69 -18.92 -12.40
N ILE C 144 1.45 -19.98 -11.64
CA ILE C 144 1.26 -21.32 -12.19
C ILE C 144 -0.07 -21.86 -11.71
N TYR C 145 -0.76 -22.57 -12.61
CA TYR C 145 -1.98 -23.28 -12.26
C TYR C 145 -1.87 -24.71 -12.78
N LEU C 146 -1.92 -25.69 -11.87
CA LEU C 146 -1.95 -27.09 -12.22
C LEU C 146 -3.41 -27.54 -12.18
N ASP C 147 -3.99 -27.80 -13.35
CA ASP C 147 -5.42 -28.08 -13.50
C ASP C 147 -5.61 -29.54 -13.88
N ILE C 148 -6.00 -30.36 -12.91
CA ILE C 148 -6.35 -31.75 -13.16
C ILE C 148 -7.83 -31.83 -13.50
N SER C 149 -8.16 -32.45 -14.63
CA SER C 149 -9.55 -32.73 -14.92
C SER C 149 -10.11 -33.69 -13.88
N ASN C 150 -11.44 -33.69 -13.76
CA ASN C 150 -12.06 -34.58 -12.77
C ASN C 150 -11.86 -36.05 -13.13
N GLU C 151 -11.83 -36.37 -14.43
CA GLU C 151 -11.63 -37.76 -14.86
C GLU C 151 -10.31 -38.32 -14.33
N VAL C 152 -9.23 -37.55 -14.49
CA VAL C 152 -7.93 -38.02 -14.05
C VAL C 152 -7.83 -37.99 -12.53
N LYS C 153 -8.39 -36.95 -11.91
CA LYS C 153 -8.46 -36.89 -10.45
C LYS C 153 -9.05 -38.16 -9.87
N PHE C 154 -10.11 -38.66 -10.47
CA PHE C 154 -10.73 -39.89 -10.01
C PHE C 154 -9.80 -41.09 -10.21
N ALA C 155 -9.15 -41.17 -11.37
CA ALA C 155 -8.29 -42.30 -11.66
C ALA C 155 -7.16 -42.42 -10.65
N TRP C 156 -6.52 -41.30 -10.32
CA TRP C 156 -5.36 -41.32 -9.44
C TRP C 156 -5.75 -41.83 -8.05
N LYS C 157 -6.91 -41.41 -7.54
CA LYS C 157 -7.37 -41.90 -6.25
C LYS C 157 -7.48 -43.42 -6.23
N ILE C 158 -7.99 -43.99 -7.33
CA ILE C 158 -8.16 -45.45 -7.38
C ILE C 158 -6.86 -46.13 -7.74
N GLN C 159 -6.17 -45.63 -8.78
CA GLN C 159 -4.99 -46.30 -9.29
C GLN C 159 -3.73 -46.02 -8.49
N ARG C 160 -3.68 -44.91 -7.73
CA ARG C 160 -2.41 -44.51 -7.15
C ARG C 160 -2.50 -44.04 -5.71
N ASP C 161 -3.54 -44.42 -4.97
CA ASP C 161 -3.71 -44.00 -3.59
C ASP C 161 -4.06 -45.19 -2.72
N MET C 162 -3.56 -45.16 -1.49
CA MET C 162 -3.86 -46.20 -0.51
C MET C 162 -4.85 -45.74 0.55
N ALA C 163 -4.87 -44.44 0.87
CA ALA C 163 -5.84 -43.92 1.83
C ALA C 163 -7.27 -44.12 1.32
N GLU C 164 -7.51 -43.80 0.05
CA GLU C 164 -8.85 -43.92 -0.54
C GLU C 164 -9.31 -45.36 -0.68
N ARG C 165 -8.42 -46.34 -0.47
CA ARG C 165 -8.76 -47.72 -0.79
C ARG C 165 -9.91 -48.25 0.07
N GLY C 166 -10.10 -47.68 1.26
CA GLY C 166 -11.21 -48.09 2.11
C GLY C 166 -12.58 -47.66 1.61
N HIS C 167 -12.64 -46.77 0.63
CA HIS C 167 -13.90 -46.26 0.10
C HIS C 167 -14.23 -46.90 -1.24
N SER C 168 -15.53 -46.99 -1.52
CA SER C 168 -16.00 -47.53 -2.79
C SER C 168 -15.87 -46.48 -3.90
N LEU C 169 -15.99 -46.96 -5.14
CA LEU C 169 -16.01 -46.06 -6.29
C LEU C 169 -17.14 -45.04 -6.16
N GLU C 170 -18.32 -45.52 -5.76
CA GLU C 170 -19.45 -44.62 -5.54
C GLU C 170 -19.10 -43.54 -4.54
N SER C 171 -18.55 -43.93 -3.40
CA SER C 171 -18.28 -42.98 -2.34
C SER C 171 -17.18 -41.99 -2.73
N ILE C 172 -16.17 -42.45 -3.48
CA ILE C 172 -15.06 -41.57 -3.83
C ILE C 172 -15.51 -40.49 -4.80
N LYS C 173 -16.27 -40.88 -5.84
CA LYS C 173 -16.75 -39.88 -6.77
C LYS C 173 -17.95 -39.11 -6.24
N ALA C 174 -18.66 -39.64 -5.24
CA ALA C 174 -19.65 -38.83 -4.54
C ALA C 174 -18.98 -37.65 -3.87
N SER C 175 -17.86 -37.89 -3.19
CA SER C 175 -17.13 -36.82 -2.51
C SER C 175 -16.60 -35.81 -3.52
N ILE C 176 -16.16 -36.27 -4.68
CA ILE C 176 -15.56 -35.38 -5.66
C ILE C 176 -16.55 -34.32 -6.12
N GLU C 177 -17.73 -34.75 -6.55
CA GLU C 177 -18.74 -33.80 -7.01
C GLU C 177 -19.39 -33.05 -5.85
N ALA C 178 -19.37 -33.62 -4.65
CA ALA C 178 -19.89 -32.90 -3.49
C ALA C 178 -19.01 -31.69 -3.16
N ARG C 179 -17.72 -31.76 -3.45
CA ARG C 179 -16.82 -30.62 -3.30
C ARG C 179 -16.72 -29.77 -4.55
N LYS C 180 -17.30 -30.23 -5.67
CA LYS C 180 -17.16 -29.52 -6.94
C LYS C 180 -17.72 -28.10 -6.94
N PRO C 181 -18.89 -27.81 -6.33
CA PRO C 181 -19.35 -26.41 -6.35
C PRO C 181 -18.40 -25.42 -5.70
N ASP C 182 -17.85 -25.75 -4.52
CA ASP C 182 -16.87 -24.85 -3.90
C ASP C 182 -15.63 -24.72 -4.76
N PHE C 183 -15.15 -25.84 -5.30
CA PHE C 183 -13.98 -25.80 -6.17
C PHE C 183 -14.22 -24.91 -7.38
N ASP C 184 -15.36 -25.08 -8.05
CA ASP C 184 -15.66 -24.27 -9.22
C ASP C 184 -15.84 -22.80 -8.85
N ALA C 185 -16.31 -22.52 -7.63
CA ALA C 185 -16.55 -21.15 -7.23
C ALA C 185 -15.26 -20.44 -6.84
N PHE C 186 -14.32 -21.16 -6.23
CA PHE C 186 -13.23 -20.50 -5.51
C PHE C 186 -11.83 -20.85 -5.97
N ILE C 187 -11.62 -22.01 -6.59
CA ILE C 187 -10.30 -22.45 -7.02
C ILE C 187 -10.14 -22.34 -8.53
N ASP C 188 -11.10 -22.85 -9.28
CA ASP C 188 -10.96 -22.92 -10.74
C ASP C 188 -10.85 -21.56 -11.42
N PRO C 189 -11.55 -20.50 -11.01
CA PRO C 189 -11.37 -19.19 -11.67
C PRO C 189 -9.98 -18.60 -11.52
N GLN C 190 -9.11 -19.17 -10.67
CA GLN C 190 -7.75 -18.67 -10.56
C GLN C 190 -6.92 -18.90 -11.82
N LYS C 191 -7.35 -19.83 -12.68
CA LYS C 191 -6.65 -20.10 -13.94
C LYS C 191 -6.37 -18.83 -14.71
N GLN C 192 -7.33 -17.89 -14.69
CA GLN C 192 -7.28 -16.74 -15.58
C GLN C 192 -6.10 -15.84 -15.27
N TYR C 193 -5.55 -15.93 -14.07
CA TYR C 193 -4.44 -15.10 -13.67
C TYR C 193 -3.10 -15.78 -13.86
N ALA C 194 -3.11 -17.04 -14.26
CA ALA C 194 -1.88 -17.81 -14.37
C ALA C 194 -1.15 -17.48 -15.66
N ASP C 195 0.16 -17.38 -15.57
CA ASP C 195 0.98 -17.23 -16.77
C ASP C 195 1.18 -18.56 -17.49
N ALA C 196 1.11 -19.67 -16.75
CA ALA C 196 1.34 -21.00 -17.29
C ALA C 196 0.35 -21.95 -16.63
N VAL C 197 -0.45 -22.63 -17.44
CA VAL C 197 -1.45 -23.58 -16.94
C VAL C 197 -1.14 -24.95 -17.54
N ILE C 198 -1.06 -25.97 -16.68
CA ILE C 198 -0.92 -27.35 -17.10
C ILE C 198 -2.24 -28.06 -16.80
N GLU C 199 -2.99 -28.34 -17.86
CA GLU C 199 -4.25 -29.07 -17.79
C GLU C 199 -3.99 -30.54 -18.10
N VAL C 200 -4.57 -31.43 -17.30
CA VAL C 200 -4.28 -32.87 -17.37
C VAL C 200 -5.57 -33.62 -17.67
N LEU C 201 -5.62 -34.26 -18.83
CA LEU C 201 -6.81 -34.91 -19.36
C LEU C 201 -6.52 -36.36 -19.68
N PRO C 202 -7.55 -37.20 -19.82
CA PRO C 202 -7.34 -38.55 -20.31
C PRO C 202 -6.89 -38.53 -21.77
N THR C 203 -6.11 -39.54 -22.13
CA THR C 203 -5.58 -39.61 -23.49
C THR C 203 -6.71 -39.79 -24.51
N THR C 204 -6.48 -39.31 -25.72
CA THR C 204 -7.35 -39.62 -26.84
C THR C 204 -6.83 -40.79 -27.66
N LEU C 205 -5.57 -41.18 -27.47
CA LEU C 205 -4.98 -42.22 -28.29
C LEU C 205 -5.56 -43.60 -27.95
N ILE C 206 -5.93 -43.82 -26.69
CA ILE C 206 -6.57 -45.07 -26.28
C ILE C 206 -8.03 -44.76 -25.98
N PRO C 207 -8.97 -45.27 -26.78
CA PRO C 207 -10.38 -45.07 -26.44
C PRO C 207 -10.72 -45.68 -25.09
N ASP C 208 -11.42 -44.92 -24.26
CA ASP C 208 -11.95 -45.38 -22.99
C ASP C 208 -10.85 -45.77 -22.00
N ASP C 209 -9.78 -44.99 -21.95
CA ASP C 209 -8.73 -45.20 -20.96
C ASP C 209 -8.97 -44.29 -19.76
N ASN C 210 -9.03 -44.89 -18.58
CA ASN C 210 -9.32 -44.18 -17.34
C ASN C 210 -8.25 -44.45 -16.28
N GLU C 211 -7.05 -44.83 -16.70
CA GLU C 211 -6.07 -45.37 -15.77
C GLU C 211 -5.12 -44.32 -15.21
N GLY C 212 -5.05 -43.14 -15.83
CA GLY C 212 -4.21 -42.07 -15.32
C GLY C 212 -2.75 -42.16 -15.66
N LYS C 213 -2.34 -43.13 -16.49
CA LYS C 213 -0.96 -43.31 -16.90
C LYS C 213 -0.66 -42.67 -18.25
N VAL C 214 -1.50 -42.91 -19.25
CA VAL C 214 -1.41 -42.25 -20.54
C VAL C 214 -2.37 -41.07 -20.50
N LEU C 215 -1.85 -39.86 -20.72
CA LEU C 215 -2.64 -38.66 -20.50
C LEU C 215 -2.43 -37.66 -21.62
N ARG C 216 -3.44 -36.82 -21.80
CA ARG C 216 -3.37 -35.65 -22.67
C ARG C 216 -3.11 -34.44 -21.76
N VAL C 217 -1.94 -33.84 -21.90
CA VAL C 217 -1.51 -32.73 -21.07
C VAL C 217 -1.39 -31.49 -21.93
N ARG C 218 -2.00 -30.39 -21.48
CA ARG C 218 -1.96 -29.12 -22.19
C ARG C 218 -1.14 -28.12 -21.40
N LEU C 219 -0.20 -27.45 -22.07
CA LEU C 219 0.61 -26.39 -21.48
C LEU C 219 0.16 -25.07 -22.09
N ILE C 220 -0.69 -24.35 -21.36
CA ILE C 220 -1.26 -23.09 -21.82
C ILE C 220 -0.39 -21.96 -21.30
N MET C 221 0.11 -21.12 -22.23
CA MET C 221 1.10 -20.11 -21.92
C MET C 221 0.58 -18.74 -22.35
N LYS C 222 0.53 -17.81 -21.40
CA LYS C 222 0.07 -16.46 -21.70
C LYS C 222 1.08 -15.74 -22.59
N GLU C 223 0.56 -14.99 -23.55
CA GLU C 223 1.38 -14.15 -24.42
C GLU C 223 1.50 -12.74 -23.86
N GLY C 224 2.52 -12.03 -24.32
CA GLY C 224 2.71 -10.65 -23.93
C GLY C 224 3.29 -10.43 -22.54
N VAL C 225 3.62 -11.51 -21.83
CA VAL C 225 4.18 -11.41 -20.49
C VAL C 225 5.67 -11.10 -20.60
N LYS C 226 6.10 -10.03 -19.93
CA LYS C 226 7.49 -9.60 -20.03
C LYS C 226 8.43 -10.67 -19.49
N TYR C 227 9.52 -10.91 -20.22
CA TYR C 227 10.57 -11.87 -19.88
C TYR C 227 10.13 -13.32 -20.05
N PHE C 228 9.06 -13.58 -20.79
CA PHE C 228 8.49 -14.93 -20.89
C PHE C 228 8.14 -15.21 -22.35
N SER C 229 9.03 -15.89 -23.06
CA SER C 229 8.76 -16.27 -24.44
C SER C 229 8.15 -17.66 -24.47
N PRO C 230 6.90 -17.81 -24.86
CA PRO C 230 6.28 -19.15 -24.82
C PRO C 230 7.02 -20.15 -25.67
N VAL C 231 7.05 -21.40 -25.19
CA VAL C 231 7.56 -22.50 -25.98
C VAL C 231 6.73 -22.64 -27.26
N TYR C 232 7.38 -23.08 -28.33
CA TYR C 232 6.65 -23.35 -29.56
C TYR C 232 7.30 -24.50 -30.31
N LEU C 233 6.55 -25.02 -31.29
CA LEU C 233 6.94 -26.19 -32.06
C LEU C 233 6.94 -25.81 -33.54
N PHE C 234 8.11 -25.89 -34.17
CA PHE C 234 8.29 -25.70 -35.61
C PHE C 234 8.01 -24.27 -36.04
N ASP C 235 6.74 -23.87 -36.09
CA ASP C 235 6.35 -22.58 -36.64
C ASP C 235 5.53 -21.82 -35.60
N GLU C 236 6.16 -20.83 -34.95
CA GLU C 236 5.56 -20.12 -33.84
C GLU C 236 4.24 -19.47 -34.24
N GLY C 237 3.19 -19.74 -33.46
CA GLY C 237 1.90 -19.11 -33.65
C GLY C 237 0.97 -19.81 -34.62
N SER C 238 1.42 -20.86 -35.31
CA SER C 238 0.55 -21.56 -36.25
C SER C 238 -0.12 -22.72 -35.53
N THR C 239 -0.82 -23.57 -36.29
CA THR C 239 -1.59 -24.68 -35.75
C THR C 239 -0.99 -25.97 -36.32
N ILE C 240 -0.44 -26.80 -35.45
CA ILE C 240 0.38 -27.93 -35.86
C ILE C 240 0.03 -29.14 -35.00
N SER C 241 -0.10 -30.30 -35.64
CA SER C 241 -0.06 -31.57 -34.94
C SER C 241 1.16 -32.33 -35.43
N TRP C 242 1.76 -33.13 -34.54
CA TRP C 242 3.09 -33.67 -34.83
C TRP C 242 3.24 -35.02 -34.13
N ILE C 243 3.36 -36.08 -34.93
CA ILE C 243 3.67 -37.42 -34.40
C ILE C 243 5.15 -37.66 -34.67
N PRO C 244 6.01 -37.64 -33.64
CA PRO C 244 7.45 -37.86 -33.90
C PRO C 244 7.77 -39.27 -34.33
N CYS C 245 6.94 -40.24 -33.96
CA CYS C 245 7.24 -41.64 -34.24
C CYS C 245 7.33 -41.88 -35.74
N GLY C 246 8.37 -42.58 -36.16
CA GLY C 246 8.55 -42.87 -37.56
C GLY C 246 9.66 -43.88 -37.79
N ARG C 247 10.20 -43.82 -39.00
CA ARG C 247 11.25 -44.75 -39.42
C ARG C 247 12.45 -44.67 -38.49
N LYS C 248 12.82 -43.47 -38.05
CA LYS C 248 14.01 -43.25 -37.24
C LYS C 248 13.73 -43.18 -35.74
N LEU C 249 12.46 -43.10 -35.34
CA LEU C 249 12.09 -43.12 -33.93
C LEU C 249 10.86 -44.02 -33.79
N THR C 250 11.07 -45.24 -33.32
CA THR C 250 9.99 -46.20 -33.16
C THR C 250 9.42 -46.11 -31.76
N CYS C 251 8.10 -46.13 -31.67
CA CYS C 251 7.38 -45.99 -30.41
C CYS C 251 6.54 -47.23 -30.16
N SER C 252 6.25 -47.49 -28.89
CA SER C 252 5.31 -48.54 -28.54
C SER C 252 3.89 -48.00 -28.64
N TYR C 253 2.91 -48.87 -28.42
CA TYR C 253 1.55 -48.39 -28.32
C TYR C 253 1.39 -47.58 -27.03
N PRO C 254 0.72 -46.42 -27.09
CA PRO C 254 0.06 -45.80 -28.24
C PRO C 254 0.95 -44.84 -29.01
N GLY C 255 2.11 -44.51 -28.45
CA GLY C 255 3.01 -43.56 -29.07
C GLY C 255 2.87 -42.16 -28.50
N ILE C 256 3.27 -41.20 -29.31
CA ILE C 256 3.33 -39.81 -28.90
C ILE C 256 2.64 -38.96 -29.96
N LYS C 257 1.85 -37.98 -29.52
CA LYS C 257 1.24 -37.03 -30.43
C LYS C 257 1.28 -35.64 -29.80
N PHE C 258 1.75 -34.67 -30.57
CA PHE C 258 1.90 -33.31 -30.11
C PHE C 258 0.96 -32.37 -30.85
N ASN C 259 0.41 -31.41 -30.13
CA ASN C 259 -0.40 -30.36 -30.72
C ASN C 259 0.09 -29.00 -30.27
N TYR C 260 0.08 -28.05 -31.19
CA TYR C 260 0.54 -26.68 -30.95
C TYR C 260 -0.44 -25.75 -31.64
N GLU C 261 -0.98 -24.78 -30.91
CA GLU C 261 -2.02 -23.93 -31.47
C GLU C 261 -2.16 -22.68 -30.62
N PRO C 262 -2.50 -21.54 -31.23
CA PRO C 262 -2.90 -20.38 -30.44
C PRO C 262 -4.33 -20.55 -29.94
N ASP C 263 -4.69 -19.71 -28.98
CA ASP C 263 -6.04 -19.81 -28.42
C ASP C 263 -6.35 -18.53 -27.67
N SER C 264 -7.63 -18.38 -27.32
CA SER C 264 -8.11 -17.34 -26.42
C SER C 264 -8.59 -18.03 -25.16
N TYR C 265 -7.95 -17.70 -24.03
CA TYR C 265 -8.15 -18.40 -22.77
C TYR C 265 -8.51 -17.35 -21.71
N PHE C 266 -9.78 -17.33 -21.30
CA PHE C 266 -10.28 -16.33 -20.37
C PHE C 266 -10.02 -14.92 -20.89
N ASP C 267 -10.29 -14.72 -22.18
CA ASP C 267 -10.17 -13.40 -22.82
C ASP C 267 -8.74 -12.87 -22.77
N HIS C 268 -7.77 -13.79 -22.72
CA HIS C 268 -6.36 -13.48 -22.91
C HIS C 268 -5.84 -14.34 -24.04
N GLU C 269 -4.84 -13.82 -24.76
CA GLU C 269 -4.18 -14.62 -25.79
C GLU C 269 -3.21 -15.61 -25.15
N VAL C 270 -3.22 -16.85 -25.65
CA VAL C 270 -2.33 -17.89 -25.17
C VAL C 270 -1.79 -18.71 -26.33
N SER C 271 -0.64 -19.36 -26.07
CA SER C 271 -0.12 -20.43 -26.89
C SER C 271 -0.30 -21.73 -26.12
N VAL C 272 -0.77 -22.78 -26.79
CA VAL C 272 -0.98 -24.07 -26.14
C VAL C 272 -0.10 -25.11 -26.83
N LEU C 273 0.77 -25.74 -26.05
CA LEU C 273 1.49 -26.92 -26.44
C LEU C 273 0.83 -28.12 -25.76
N GLU C 274 0.69 -29.22 -26.49
CA GLU C 274 -0.02 -30.37 -25.97
C GLU C 274 0.74 -31.64 -26.34
N MET C 275 0.82 -32.55 -25.39
CA MET C 275 1.39 -33.87 -25.63
C MET C 275 0.39 -34.92 -25.17
N ASP C 276 0.02 -35.81 -26.07
CA ASP C 276 -0.78 -36.98 -25.71
C ASP C 276 0.07 -38.22 -25.87
N GLY C 277 -0.11 -39.16 -24.94
CA GLY C 277 0.65 -40.39 -24.93
C GLY C 277 1.67 -40.42 -23.82
N GLN C 278 2.62 -41.33 -23.95
CA GLN C 278 3.72 -41.46 -23.00
C GLN C 278 4.99 -41.83 -23.76
N PHE C 279 6.12 -41.41 -23.19
CA PHE C 279 7.42 -41.90 -23.65
C PHE C 279 7.61 -43.33 -23.19
N ASP C 280 7.74 -44.26 -24.13
CA ASP C 280 8.03 -45.64 -23.75
C ASP C 280 9.52 -45.96 -23.77
N ARG C 281 10.35 -45.03 -24.25
CA ARG C 281 11.79 -45.16 -24.12
C ARG C 281 12.41 -43.77 -24.18
N LEU C 282 13.69 -43.69 -23.80
CA LEU C 282 14.30 -42.40 -23.54
C LEU C 282 14.66 -41.65 -24.82
N ASP C 283 14.87 -42.36 -25.92
CA ASP C 283 15.18 -41.68 -27.18
C ASP C 283 14.07 -40.72 -27.60
N GLU C 284 12.82 -41.06 -27.28
CA GLU C 284 11.70 -40.21 -27.67
C GLU C 284 11.73 -38.89 -26.92
N LEU C 285 12.10 -38.92 -25.64
CA LEU C 285 12.25 -37.68 -24.88
C LEU C 285 13.35 -36.82 -25.45
N ILE C 286 14.51 -37.42 -25.76
CA ILE C 286 15.60 -36.70 -26.38
C ILE C 286 15.17 -36.09 -27.70
N TYR C 287 14.44 -36.85 -28.51
CA TYR C 287 14.00 -36.38 -29.82
C TYR C 287 13.01 -35.23 -29.69
N VAL C 288 12.03 -35.38 -28.80
CA VAL C 288 11.04 -34.33 -28.60
C VAL C 288 11.73 -33.03 -28.18
N GLU C 289 12.61 -33.11 -27.17
CA GLU C 289 13.28 -31.90 -26.70
C GLU C 289 14.05 -31.23 -27.83
N SER C 290 14.73 -32.02 -28.66
CA SER C 290 15.56 -31.46 -29.72
C SER C 290 14.75 -30.68 -30.75
N HIS C 291 13.44 -30.92 -30.84
CA HIS C 291 12.60 -30.28 -31.83
C HIS C 291 11.72 -29.16 -31.27
N LEU C 292 11.62 -29.04 -29.95
CA LEU C 292 10.91 -27.92 -29.38
C LEU C 292 11.79 -26.67 -29.41
N SER C 293 11.14 -25.50 -29.33
CA SER C 293 11.84 -24.23 -29.36
C SER C 293 11.46 -23.38 -28.15
N ASN C 294 12.37 -22.47 -27.79
CA ASN C 294 12.20 -21.57 -26.64
C ASN C 294 11.97 -22.36 -25.35
N LEU C 295 12.92 -23.25 -25.04
CA LEU C 295 12.85 -24.05 -23.83
C LEU C 295 13.56 -23.42 -22.64
N SER C 296 14.36 -22.37 -22.87
CA SER C 296 15.08 -21.68 -21.79
C SER C 296 16.12 -22.61 -21.14
N THR C 297 16.75 -23.44 -21.95
CA THR C 297 17.78 -24.34 -21.47
C THR C 297 19.14 -23.66 -21.56
N LYS C 298 20.06 -24.11 -20.70
CA LYS C 298 21.44 -23.65 -20.76
C LYS C 298 22.27 -24.43 -21.77
N PHE C 299 21.93 -25.70 -22.01
CA PHE C 299 22.68 -26.55 -22.91
C PHE C 299 21.75 -27.59 -23.50
N TYR C 300 22.17 -28.18 -24.62
CA TYR C 300 21.34 -29.14 -25.31
C TYR C 300 21.12 -30.37 -24.44
N GLY C 301 19.86 -30.65 -24.13
CA GLY C 301 19.47 -31.81 -23.36
C GLY C 301 19.13 -31.55 -21.91
N GLU C 302 19.17 -30.28 -21.46
CA GLU C 302 18.98 -30.01 -20.02
C GLU C 302 17.61 -30.47 -19.54
N VAL C 303 16.58 -30.33 -20.37
CA VAL C 303 15.26 -30.83 -19.96
C VAL C 303 15.31 -32.31 -19.68
N THR C 304 15.96 -33.07 -20.56
CA THR C 304 16.13 -34.50 -20.36
C THR C 304 16.90 -34.77 -19.07
N GLN C 305 18.06 -34.14 -18.92
CA GLN C 305 18.88 -34.36 -17.73
C GLN C 305 18.10 -34.05 -16.47
N GLN C 306 17.46 -32.87 -16.42
CA GLN C 306 16.71 -32.48 -15.24
C GLN C 306 15.59 -33.48 -14.95
N MET C 307 14.98 -34.03 -15.99
CA MET C 307 14.00 -35.08 -15.76
C MET C 307 14.66 -36.36 -15.25
N LEU C 308 15.87 -36.68 -15.72
CA LEU C 308 16.51 -37.94 -15.36
C LEU C 308 16.89 -38.02 -13.89
N LYS C 309 17.02 -36.88 -13.21
CA LYS C 309 17.30 -36.89 -11.77
C LYS C 309 16.13 -37.45 -10.96
N HIS C 310 14.93 -37.43 -11.52
CA HIS C 310 13.71 -37.86 -10.83
C HIS C 310 12.95 -38.84 -11.70
N ALA C 311 13.63 -39.88 -12.19
CA ALA C 311 12.95 -40.84 -13.05
C ALA C 311 11.84 -41.58 -12.33
N ASP C 312 11.97 -41.75 -11.01
CA ASP C 312 10.92 -42.40 -10.23
C ASP C 312 9.68 -41.53 -10.08
N PHE C 313 9.79 -40.23 -10.33
CA PHE C 313 8.67 -39.31 -10.12
C PHE C 313 7.45 -39.78 -10.91
N PRO C 314 6.25 -39.63 -10.37
CA PRO C 314 5.04 -39.85 -11.17
C PRO C 314 4.96 -38.86 -12.32
N GLY C 315 4.38 -39.30 -13.43
CA GLY C 315 4.31 -38.47 -14.61
C GLY C 315 5.61 -38.27 -15.34
N SER C 316 6.69 -38.95 -14.92
CA SER C 316 7.96 -38.85 -15.63
C SER C 316 7.91 -39.48 -17.02
N ASN C 317 6.91 -40.33 -17.29
CA ASN C 317 6.80 -41.00 -18.57
C ASN C 317 5.91 -40.25 -19.56
N ASN C 318 5.25 -39.18 -19.15
CA ASN C 318 4.29 -38.50 -20.00
C ASN C 318 4.53 -36.98 -19.93
N GLY C 319 3.54 -36.21 -20.38
CA GLY C 319 3.68 -34.78 -20.50
C GLY C 319 3.69 -34.04 -19.18
N THR C 320 3.25 -34.69 -18.10
CA THR C 320 3.23 -34.03 -16.80
C THR C 320 4.64 -33.60 -16.39
N GLY C 321 5.57 -34.54 -16.35
CA GLY C 321 6.94 -34.19 -16.00
C GLY C 321 7.60 -33.30 -17.02
N LEU C 322 7.37 -33.56 -18.31
CA LEU C 322 7.99 -32.77 -19.37
C LEU C 322 7.61 -31.30 -19.27
N PHE C 323 6.32 -31.02 -19.14
CA PHE C 323 5.87 -29.63 -19.10
C PHE C 323 6.16 -28.97 -17.76
N GLN C 324 6.08 -29.70 -16.66
CA GLN C 324 6.44 -29.14 -15.37
C GLN C 324 7.93 -28.77 -15.33
N THR C 325 8.77 -29.56 -15.98
CA THR C 325 10.19 -29.25 -16.01
C THR C 325 10.48 -28.06 -16.91
N ILE C 326 9.74 -27.96 -18.03
CA ILE C 326 9.90 -26.83 -18.94
C ILE C 326 9.45 -25.55 -18.25
N VAL C 327 8.33 -25.59 -17.54
CA VAL C 327 7.84 -24.42 -16.83
C VAL C 327 8.86 -23.95 -15.79
N GLY C 328 9.53 -24.90 -15.12
CA GLY C 328 10.55 -24.53 -14.16
C GLY C 328 11.71 -23.81 -14.81
N LEU C 329 12.11 -24.25 -16.00
CA LEU C 329 13.20 -23.59 -16.73
C LEU C 329 12.79 -22.19 -17.16
N LYS C 330 11.59 -22.05 -17.72
CA LYS C 330 11.11 -20.73 -18.12
C LYS C 330 11.11 -19.77 -16.93
N ILE C 331 10.67 -20.24 -15.76
CA ILE C 331 10.65 -19.38 -14.58
C ILE C 331 12.06 -18.93 -14.23
N ARG C 332 13.04 -19.85 -14.34
CA ARG C 332 14.41 -19.49 -14.03
C ARG C 332 14.90 -18.39 -14.96
N ASP C 333 14.72 -18.61 -16.26
CA ASP C 333 15.01 -17.59 -17.27
C ASP C 333 14.38 -16.27 -16.93
N LEU C 334 13.13 -16.29 -16.48
CA LEU C 334 12.42 -15.06 -16.18
C LEU C 334 13.00 -14.35 -14.97
N TYR C 335 13.29 -15.10 -13.89
CA TYR C 335 13.83 -14.39 -12.74
C TYR C 335 15.26 -13.94 -13.01
N GLU C 336 16.00 -14.65 -13.86
CA GLU C 336 17.33 -14.15 -14.22
C GLU C 336 17.22 -12.76 -14.85
N GLN C 337 16.25 -12.55 -15.75
CA GLN C 337 16.09 -11.23 -16.38
C GLN C 337 15.56 -10.20 -15.40
N LEU C 338 14.57 -10.58 -14.57
CA LEU C 338 14.19 -9.74 -13.45
C LEU C 338 15.41 -9.37 -12.59
N ILE C 339 16.23 -10.37 -12.24
CA ILE C 339 17.32 -10.16 -11.27
C ILE C 339 18.50 -9.43 -11.95
N ALA C 340 18.87 -9.86 -13.16
CA ALA C 340 19.83 -9.12 -14.00
C ALA C 340 19.56 -7.61 -13.95
N ASN C 341 18.37 -7.20 -14.39
CA ASN C 341 17.92 -5.81 -14.25
C ASN C 341 18.11 -5.27 -12.84
N LYS C 342 17.68 -6.04 -11.82
CA LYS C 342 17.76 -5.59 -10.43
C LYS C 342 19.20 -5.42 -9.99
N ALA C 343 20.05 -6.43 -10.25
CA ALA C 343 21.45 -6.35 -9.82
C ALA C 343 22.20 -5.23 -10.56
N THR C 344 21.99 -5.10 -11.86
CA THR C 344 22.55 -3.97 -12.60
C THR C 344 22.00 -2.64 -12.10
N ALA C 345 20.71 -2.59 -11.78
CA ALA C 345 20.13 -1.37 -11.21
C ALA C 345 20.85 -0.97 -9.93
N ARG C 346 21.18 -1.95 -9.07
CA ARG C 346 21.85 -1.63 -7.81
C ARG C 346 23.23 -1.05 -8.08
N ALA C 347 24.00 -1.69 -8.97
CA ALA C 347 25.38 -1.33 -9.30
C ALA C 347 25.68 0.18 -9.29
N GLU D 5 27.19 27.07 -31.30
CA GLU D 5 28.19 26.01 -31.16
C GLU D 5 27.56 24.62 -31.21
N THR D 6 26.27 24.53 -30.90
CA THR D 6 25.56 23.27 -30.81
C THR D 6 24.46 23.24 -31.88
N ILE D 7 24.57 22.31 -32.82
CA ILE D 7 23.55 22.17 -33.86
C ILE D 7 22.39 21.37 -33.29
N VAL D 8 21.16 21.80 -33.60
CA VAL D 8 19.96 21.19 -33.03
C VAL D 8 19.19 20.49 -34.14
N ILE D 9 18.92 19.20 -33.95
CA ILE D 9 18.15 18.39 -34.88
C ILE D 9 16.85 17.98 -34.21
N GLY D 10 15.74 18.15 -34.92
CA GLY D 10 14.46 17.64 -34.48
C GLY D 10 14.12 16.35 -35.19
N LEU D 11 13.66 15.37 -34.42
CA LEU D 11 13.22 14.08 -34.96
C LEU D 11 11.80 13.80 -34.44
N ALA D 12 10.81 14.01 -35.31
CA ALA D 12 9.42 13.73 -34.97
C ALA D 12 9.09 12.28 -35.29
N ALA D 13 8.64 11.52 -34.29
CA ALA D 13 8.28 10.13 -34.50
C ALA D 13 7.43 9.66 -33.30
N ASP D 14 6.89 8.44 -33.40
CA ASP D 14 6.34 7.69 -32.29
C ASP D 14 7.36 6.66 -31.83
N SER D 15 7.49 6.52 -30.51
CA SER D 15 8.67 5.85 -29.95
C SER D 15 8.74 4.42 -30.46
N GLY D 16 7.60 3.74 -30.45
CA GLY D 16 7.58 2.28 -30.53
C GLY D 16 8.13 1.80 -31.85
N CYS D 17 7.62 2.38 -32.96
CA CYS D 17 7.70 1.74 -34.26
C CYS D 17 8.82 2.41 -35.07
N GLY D 18 10.05 2.11 -34.64
CA GLY D 18 11.24 2.35 -35.40
C GLY D 18 11.86 3.70 -35.15
N LYS D 19 11.30 4.52 -34.27
CA LYS D 19 11.96 5.76 -33.87
C LYS D 19 13.29 5.47 -33.16
N SER D 20 13.33 4.47 -32.29
CA SER D 20 14.60 4.12 -31.65
C SER D 20 15.62 3.65 -32.70
N THR D 21 15.22 2.81 -33.66
CA THR D 21 16.14 2.29 -34.67
C THR D 21 16.67 3.41 -35.54
N PHE D 22 15.77 4.30 -36.03
CA PHE D 22 16.19 5.51 -36.73
C PHE D 22 17.24 6.27 -35.93
N MET D 23 16.92 6.60 -34.68
CA MET D 23 17.85 7.33 -33.83
C MET D 23 19.18 6.62 -33.71
N ARG D 24 19.16 5.29 -33.59
CA ARG D 24 20.38 4.52 -33.47
C ARG D 24 21.23 4.60 -34.74
N ARG D 25 20.58 4.67 -35.92
CA ARG D 25 21.33 4.82 -37.16
C ARG D 25 21.90 6.23 -37.28
N LEU D 26 21.16 7.22 -36.79
CA LEU D 26 21.68 8.59 -36.76
C LEU D 26 22.89 8.67 -35.85
N THR D 27 22.84 8.02 -34.68
CA THR D 27 23.91 8.09 -33.71
C THR D 27 25.23 7.59 -34.28
N SER D 28 25.22 6.41 -34.90
CA SER D 28 26.47 5.84 -35.41
C SER D 28 27.09 6.71 -36.50
N VAL D 29 26.27 7.46 -37.23
CA VAL D 29 26.83 8.42 -38.20
C VAL D 29 27.40 9.62 -37.47
N PHE D 30 26.67 10.16 -36.50
CA PHE D 30 27.08 11.38 -35.82
C PHE D 30 28.33 11.16 -34.96
N GLY D 31 28.55 9.93 -34.48
CA GLY D 31 29.71 9.66 -33.65
C GLY D 31 29.68 8.25 -33.10
N GLY D 32 30.21 8.10 -31.89
CA GLY D 32 30.28 6.82 -31.24
C GLY D 32 28.98 6.41 -30.58
N ALA D 33 29.10 5.40 -29.72
CA ALA D 33 27.94 4.86 -29.03
C ALA D 33 27.37 5.86 -28.04
N ALA D 34 26.04 5.93 -27.98
CA ALA D 34 25.33 6.81 -27.05
C ALA D 34 24.76 5.97 -25.93
N LYS D 35 25.38 6.03 -24.77
CA LYS D 35 24.92 5.35 -23.58
C LYS D 35 24.34 6.35 -22.58
N PRO D 36 23.50 5.90 -21.66
CA PRO D 36 22.92 6.80 -20.65
C PRO D 36 24.01 7.51 -19.86
N PRO D 37 23.67 8.60 -19.16
CA PRO D 37 24.63 9.20 -18.22
C PRO D 37 24.80 8.29 -17.02
N LYS D 38 26.05 7.94 -16.72
CA LYS D 38 26.31 7.08 -15.56
C LYS D 38 25.90 7.80 -14.30
N GLY D 39 25.30 7.05 -13.38
CA GLY D 39 24.72 7.64 -12.19
C GLY D 39 23.48 8.45 -12.54
N GLY D 40 22.92 9.06 -11.51
CA GLY D 40 21.65 9.73 -11.70
C GLY D 40 20.54 8.73 -11.94
N ASN D 41 19.45 9.23 -12.48
CA ASN D 41 18.25 8.42 -12.61
C ASN D 41 18.49 7.25 -13.57
N PRO D 42 18.10 6.03 -13.20
CA PRO D 42 18.21 4.90 -14.13
C PRO D 42 17.06 4.81 -15.10
N ASP D 43 15.98 5.54 -14.86
CA ASP D 43 14.90 5.68 -15.83
C ASP D 43 15.10 6.91 -16.71
N SER D 44 16.29 7.48 -16.70
CA SER D 44 16.63 8.59 -17.58
C SER D 44 16.51 8.15 -19.05
N ASN D 45 15.90 9.01 -19.86
CA ASN D 45 15.74 8.75 -21.29
C ASN D 45 16.83 9.42 -22.12
N THR D 46 17.82 10.01 -21.47
CA THR D 46 18.86 10.75 -22.18
C THR D 46 19.95 9.80 -22.66
N LEU D 47 20.32 9.91 -23.92
CA LEU D 47 21.45 9.20 -24.49
C LEU D 47 22.57 10.19 -24.76
N ILE D 48 23.80 9.83 -24.38
CA ILE D 48 24.94 10.71 -24.48
C ILE D 48 26.08 9.96 -25.15
N SER D 49 26.60 10.54 -26.23
CA SER D 49 27.80 10.04 -26.88
C SER D 49 28.85 11.14 -26.87
N ASP D 50 29.96 10.89 -27.57
CA ASP D 50 31.03 11.89 -27.63
C ASP D 50 30.55 13.17 -28.31
N THR D 51 29.72 13.05 -29.34
CA THR D 51 29.26 14.21 -30.09
C THR D 51 27.80 14.56 -29.86
N THR D 52 26.97 13.61 -29.43
CA THR D 52 25.53 13.78 -29.52
C THR D 52 24.86 13.46 -28.19
N THR D 53 23.93 14.32 -27.80
CA THR D 53 22.98 14.05 -26.74
C THR D 53 21.59 13.95 -27.35
N VAL D 54 20.88 12.88 -27.04
CA VAL D 54 19.53 12.67 -27.50
C VAL D 54 18.59 12.88 -26.31
N ILE D 55 17.70 13.85 -26.43
CA ILE D 55 16.74 14.18 -25.40
C ILE D 55 15.36 13.73 -25.85
N CYS D 56 14.74 12.85 -25.06
CA CYS D 56 13.37 12.44 -25.30
C CYS D 56 12.41 13.54 -24.87
N LEU D 57 11.55 13.98 -25.79
CA LEU D 57 10.66 15.09 -25.50
C LEU D 57 9.57 14.74 -24.48
N ASP D 58 9.40 13.45 -24.16
CA ASP D 58 8.50 13.09 -23.07
C ASP D 58 8.86 13.80 -21.78
N ASP D 59 10.14 14.12 -21.60
CA ASP D 59 10.61 14.76 -20.38
C ASP D 59 9.98 16.12 -20.16
N TYR D 60 9.36 16.71 -21.19
CA TYR D 60 8.67 17.98 -21.08
C TYR D 60 7.15 17.80 -20.94
N HIS D 61 6.70 16.59 -20.61
CA HIS D 61 5.31 16.39 -20.25
C HIS D 61 4.93 17.33 -19.12
N SER D 62 3.92 18.17 -19.36
CA SER D 62 3.37 18.99 -18.28
C SER D 62 2.51 18.16 -17.34
N LEU D 63 1.99 17.05 -17.82
CA LEU D 63 1.18 16.14 -17.03
C LEU D 63 1.83 14.77 -17.03
N ASP D 64 1.80 14.12 -15.88
CA ASP D 64 2.26 12.74 -15.81
C ASP D 64 1.11 11.81 -16.15
N ARG D 65 1.42 10.51 -16.16
CA ARG D 65 0.45 9.51 -16.59
C ARG D 65 -0.82 9.59 -15.75
N TYR D 66 -0.66 9.72 -14.44
CA TYR D 66 -1.84 9.70 -13.59
C TYR D 66 -2.61 11.00 -13.70
N GLY D 67 -1.91 12.12 -13.86
CA GLY D 67 -2.59 13.38 -14.08
C GLY D 67 -3.35 13.44 -15.40
N ARG D 68 -2.81 12.80 -16.41
CA ARG D 68 -3.45 12.77 -17.72
C ARG D 68 -4.81 12.09 -17.72
N LYS D 69 -4.92 11.04 -16.93
CA LYS D 69 -6.15 10.27 -16.81
C LYS D 69 -7.29 11.10 -16.27
N GLU D 70 -7.00 11.96 -15.34
CA GLU D 70 -7.99 12.84 -14.77
C GLU D 70 -8.56 13.79 -15.81
N GLN D 71 -7.73 14.26 -16.72
CA GLN D 71 -8.16 15.15 -17.78
C GLN D 71 -8.73 14.41 -18.98
N LYS D 72 -8.97 15.13 -20.05
CA LYS D 72 -9.55 14.57 -21.25
C LYS D 72 -8.49 14.18 -22.25
N VAL D 73 -7.25 14.15 -21.80
CA VAL D 73 -6.09 14.02 -22.64
C VAL D 73 -5.15 12.84 -22.62
N THR D 74 -4.48 12.71 -23.73
CA THR D 74 -3.42 11.76 -23.98
C THR D 74 -2.07 12.47 -23.93
N ALA D 75 -1.01 11.73 -24.12
CA ALA D 75 0.30 12.35 -24.23
C ALA D 75 0.52 13.05 -25.57
N LEU D 76 -0.31 12.78 -26.57
CA LEU D 76 -0.25 13.51 -27.83
C LEU D 76 -0.84 14.90 -27.70
N ASP D 77 -1.47 15.21 -26.59
CA ASP D 77 -2.19 16.45 -26.41
C ASP D 77 -1.22 17.59 -26.07
N PRO D 78 -1.32 18.74 -26.75
CA PRO D 78 -0.46 19.88 -26.38
C PRO D 78 -0.72 20.38 -24.98
N ARG D 79 -1.95 20.24 -24.47
CA ARG D 79 -2.23 20.58 -23.08
C ARG D 79 -1.38 19.75 -22.12
N ALA D 80 -0.94 18.57 -22.54
CA ALA D 80 -0.15 17.70 -21.68
C ALA D 80 1.36 17.95 -21.79
N ASN D 81 1.78 18.99 -22.49
CA ASN D 81 3.20 19.23 -22.72
C ASN D 81 3.57 20.68 -22.45
N ASP D 82 4.78 20.87 -21.94
CA ASP D 82 5.28 22.19 -21.52
C ASP D 82 6.22 22.70 -22.60
N PHE D 83 5.67 23.40 -23.58
CA PHE D 83 6.50 23.90 -24.66
C PHE D 83 7.34 25.11 -24.25
N ASP D 84 6.93 25.84 -23.21
CA ASP D 84 7.73 26.97 -22.75
C ASP D 84 9.08 26.51 -22.22
N LEU D 85 9.07 25.52 -21.33
CA LEU D 85 10.34 24.97 -20.84
C LEU D 85 11.13 24.36 -21.99
N MET D 86 10.48 23.52 -22.80
CA MET D 86 11.17 22.91 -23.94
C MET D 86 11.84 23.95 -24.82
N TYR D 87 11.15 25.05 -25.11
CA TYR D 87 11.75 26.11 -25.90
C TYR D 87 12.93 26.74 -25.18
N GLU D 88 12.75 27.11 -23.92
CA GLU D 88 13.81 27.81 -23.20
C GLU D 88 15.04 26.92 -23.01
N GLN D 89 14.83 25.62 -22.76
CA GLN D 89 15.97 24.78 -22.45
C GLN D 89 16.74 24.38 -23.72
N VAL D 90 16.03 24.16 -24.83
CA VAL D 90 16.72 23.95 -26.08
C VAL D 90 17.41 25.24 -26.53
N LYS D 91 16.76 26.39 -26.31
CA LYS D 91 17.42 27.67 -26.55
C LYS D 91 18.71 27.79 -25.75
N ALA D 92 18.63 27.47 -24.45
CA ALA D 92 19.82 27.54 -23.60
C ALA D 92 20.88 26.56 -24.08
N LEU D 93 20.48 25.32 -24.38
CA LEU D 93 21.43 24.35 -24.88
C LEU D 93 22.04 24.80 -26.21
N LYS D 94 21.23 25.36 -27.10
CA LYS D 94 21.78 25.84 -28.38
C LYS D 94 22.83 26.91 -28.15
N ASN D 95 22.71 27.69 -27.09
CA ASN D 95 23.61 28.79 -26.84
C ASN D 95 24.74 28.43 -25.89
N GLY D 96 24.89 27.15 -25.56
CA GLY D 96 26.00 26.71 -24.74
C GLY D 96 25.77 26.74 -23.25
N ILE D 97 24.54 26.90 -22.79
CA ILE D 97 24.22 26.95 -21.37
C ILE D 97 23.68 25.59 -20.95
N ALA D 98 24.20 25.06 -19.84
CA ALA D 98 23.71 23.81 -19.30
C ALA D 98 22.29 23.99 -18.79
N VAL D 99 21.58 22.88 -18.63
CA VAL D 99 20.14 22.93 -18.39
C VAL D 99 19.71 21.88 -17.37
N GLU D 100 18.76 22.25 -16.51
CA GLU D 100 18.14 21.32 -15.56
C GLU D 100 16.86 20.80 -16.17
N LYS D 101 16.86 19.55 -16.62
CA LYS D 101 15.70 19.07 -17.36
C LYS D 101 15.02 17.92 -16.63
N PRO D 102 13.71 18.03 -16.36
CA PRO D 102 13.00 16.94 -15.67
C PRO D 102 13.04 15.63 -16.44
N ILE D 103 13.00 14.52 -15.70
CA ILE D 103 13.05 13.18 -16.28
C ILE D 103 11.67 12.55 -16.13
N TYR D 104 11.03 12.27 -17.25
CA TYR D 104 9.75 11.56 -17.23
C TYR D 104 10.03 10.06 -17.17
N ASN D 105 9.72 9.45 -16.03
CA ASN D 105 9.96 8.03 -15.81
C ASN D 105 8.83 7.25 -16.44
N HIS D 106 9.14 6.50 -17.51
CA HIS D 106 8.12 5.73 -18.21
C HIS D 106 7.69 4.50 -17.42
N VAL D 107 8.55 3.98 -16.55
CA VAL D 107 8.16 2.84 -15.73
C VAL D 107 7.13 3.26 -14.70
N THR D 108 7.36 4.39 -14.02
CA THR D 108 6.49 4.82 -12.95
C THR D 108 5.46 5.86 -13.38
N GLY D 109 5.58 6.42 -14.58
CA GLY D 109 4.62 7.40 -15.05
C GLY D 109 4.60 8.69 -14.26
N LEU D 110 5.68 9.01 -13.56
CA LEU D 110 5.79 10.25 -12.79
C LEU D 110 6.95 11.07 -13.34
N LEU D 111 6.85 12.37 -13.17
CA LEU D 111 7.96 13.26 -13.51
C LEU D 111 8.95 13.25 -12.35
N ASP D 112 10.18 12.84 -12.64
CA ASP D 112 11.23 12.73 -11.63
C ASP D 112 11.99 14.05 -11.53
N PRO D 113 12.80 14.21 -10.48
CA PRO D 113 13.64 15.39 -10.39
C PRO D 113 14.54 15.52 -11.61
N PRO D 114 14.91 16.74 -11.97
CA PRO D 114 15.63 16.96 -13.22
C PRO D 114 17.07 16.45 -13.16
N GLU D 115 17.69 16.47 -14.34
CA GLU D 115 19.10 16.13 -14.52
C GLU D 115 19.76 17.28 -15.27
N LEU D 116 21.02 17.56 -14.91
CA LEU D 116 21.77 18.64 -15.54
C LEU D 116 22.29 18.15 -16.89
N ILE D 117 21.89 18.82 -17.96
CA ILE D 117 22.31 18.47 -19.32
C ILE D 117 23.31 19.51 -19.79
N GLN D 118 24.56 19.08 -19.99
CA GLN D 118 25.59 19.93 -20.57
C GLN D 118 25.40 20.03 -22.08
N PRO D 119 25.74 21.17 -22.68
CA PRO D 119 25.46 21.38 -24.10
C PRO D 119 26.31 20.46 -24.97
N PRO D 120 25.69 19.62 -25.78
CA PRO D 120 26.45 18.72 -26.66
C PRO D 120 26.82 19.40 -27.97
N LYS D 121 27.78 18.79 -28.66
CA LYS D 121 28.09 19.27 -30.01
C LYS D 121 26.86 19.22 -30.90
N ILE D 122 26.12 18.11 -30.83
CA ILE D 122 24.92 17.89 -31.63
C ILE D 122 23.78 17.55 -30.67
N LEU D 123 22.72 18.35 -30.70
CA LEU D 123 21.53 18.10 -29.90
C LEU D 123 20.44 17.57 -30.81
N VAL D 124 19.89 16.41 -30.48
CA VAL D 124 18.78 15.83 -31.19
C VAL D 124 17.61 15.71 -30.22
N ILE D 125 16.54 16.45 -30.49
CA ILE D 125 15.29 16.29 -29.76
C ILE D 125 14.39 15.37 -30.56
N GLU D 126 13.93 14.31 -29.93
CA GLU D 126 13.09 13.32 -30.57
C GLU D 126 11.89 13.03 -29.68
N GLY D 127 10.74 12.83 -30.31
CA GLY D 127 9.50 12.60 -29.59
C GLY D 127 8.31 12.95 -30.46
N LEU D 128 7.21 13.27 -29.78
CA LEU D 128 5.97 13.56 -30.48
C LEU D 128 5.94 14.98 -31.04
N HIS D 129 6.51 15.95 -30.33
CA HIS D 129 6.27 17.37 -30.66
C HIS D 129 7.54 18.19 -30.86
N PRO D 130 8.49 17.76 -31.70
CA PRO D 130 9.66 18.62 -31.93
C PRO D 130 9.36 19.83 -32.79
N MET D 131 8.42 19.73 -33.73
CA MET D 131 8.09 20.84 -34.62
C MET D 131 6.80 21.54 -34.24
N PHE D 132 6.19 21.17 -33.12
CA PHE D 132 4.84 21.66 -32.83
C PHE D 132 4.84 23.14 -32.48
N ASP D 133 5.76 23.58 -31.63
CA ASP D 133 5.86 24.97 -31.25
C ASP D 133 6.78 25.71 -32.21
N GLU D 134 6.42 26.96 -32.53
CA GLU D 134 7.16 27.69 -33.54
C GLU D 134 8.53 28.14 -33.02
N ARG D 135 8.59 28.57 -31.75
CA ARG D 135 9.85 28.98 -31.16
C ARG D 135 10.87 27.85 -31.19
N VAL D 136 10.45 26.65 -30.77
CA VAL D 136 11.30 25.46 -30.87
C VAL D 136 11.65 25.20 -32.34
N ARG D 137 10.67 25.36 -33.23
CA ARG D 137 10.88 25.09 -34.65
C ARG D 137 12.01 25.94 -35.20
N ASP D 138 11.99 27.25 -34.93
CA ASP D 138 13.04 28.15 -35.42
C ASP D 138 14.40 27.79 -34.86
N LEU D 139 14.47 27.08 -33.74
CA LEU D 139 15.76 26.72 -33.15
C LEU D 139 16.42 25.52 -33.82
N LEU D 140 15.69 24.77 -34.64
CA LEU D 140 16.26 23.59 -35.28
C LEU D 140 17.05 23.96 -36.52
N ASP D 141 18.15 23.25 -36.75
CA ASP D 141 18.92 23.35 -37.98
C ASP D 141 18.60 22.25 -38.97
N PHE D 142 17.81 21.25 -38.58
CA PHE D 142 17.31 20.23 -39.47
C PHE D 142 16.15 19.54 -38.78
N SER D 143 15.18 19.08 -39.57
CA SER D 143 13.99 18.43 -39.03
C SER D 143 13.71 17.14 -39.77
N ILE D 144 13.37 16.10 -39.02
CA ILE D 144 13.02 14.80 -39.55
C ILE D 144 11.63 14.43 -39.07
N TYR D 145 10.82 13.87 -39.96
CA TYR D 145 9.53 13.29 -39.60
C TYR D 145 9.48 11.86 -40.12
N LEU D 146 9.24 10.92 -39.22
CA LEU D 146 9.08 9.52 -39.57
C LEU D 146 7.58 9.24 -39.65
N ASP D 147 7.10 8.96 -40.87
CA ASP D 147 5.67 8.83 -41.14
C ASP D 147 5.36 7.37 -41.46
N ILE D 148 5.00 6.62 -40.44
CA ILE D 148 4.56 5.24 -40.60
C ILE D 148 3.06 5.24 -40.88
N SER D 149 2.66 4.58 -41.96
CA SER D 149 1.25 4.58 -42.28
C SER D 149 0.49 3.71 -41.28
N ASN D 150 -0.80 3.99 -41.15
CA ASN D 150 -1.63 3.26 -40.19
C ASN D 150 -1.60 1.77 -40.46
N GLU D 151 -1.62 1.37 -41.73
CA GLU D 151 -1.62 -0.04 -42.09
C GLU D 151 -0.32 -0.71 -41.72
N VAL D 152 0.79 0.03 -41.77
CA VAL D 152 2.10 -0.53 -41.43
C VAL D 152 2.30 -0.55 -39.91
N LYS D 153 1.82 0.47 -39.20
CA LYS D 153 1.84 0.45 -37.74
C LYS D 153 1.18 -0.82 -37.22
N PHE D 154 0.00 -1.14 -37.76
CA PHE D 154 -0.73 -2.31 -37.32
C PHE D 154 -0.01 -3.59 -37.69
N ALA D 155 0.58 -3.62 -38.90
CA ALA D 155 1.35 -4.78 -39.32
C ALA D 155 2.49 -5.06 -38.34
N TRP D 156 3.23 -4.02 -37.96
CA TRP D 156 4.34 -4.20 -37.04
C TRP D 156 3.86 -4.66 -35.66
N LYS D 157 2.67 -4.23 -35.24
CA LYS D 157 2.18 -4.61 -33.93
C LYS D 157 1.83 -6.10 -33.87
N ILE D 158 1.28 -6.63 -34.96
CA ILE D 158 0.95 -8.05 -35.01
C ILE D 158 2.20 -8.88 -35.27
N GLN D 159 3.08 -8.41 -36.15
CA GLN D 159 4.20 -9.22 -36.63
C GLN D 159 5.42 -9.19 -35.71
N ARG D 160 5.77 -8.03 -35.14
CA ARG D 160 7.07 -7.89 -34.49
C ARG D 160 7.02 -7.62 -32.99
N ASP D 161 5.95 -7.02 -32.47
CA ASP D 161 5.90 -6.67 -31.05
C ASP D 161 5.48 -7.86 -30.21
N MET D 162 6.38 -8.31 -29.34
CA MET D 162 6.03 -9.40 -28.42
C MET D 162 5.18 -8.91 -27.25
N ALA D 163 5.32 -7.63 -26.88
CA ALA D 163 4.45 -7.06 -25.85
C ALA D 163 3.00 -6.96 -26.33
N GLU D 164 2.79 -6.77 -27.63
CA GLU D 164 1.44 -6.70 -28.17
C GLU D 164 0.76 -8.05 -28.27
N ARG D 165 1.52 -9.15 -28.15
CA ARG D 165 0.96 -10.48 -28.40
C ARG D 165 -0.14 -10.85 -27.42
N GLY D 166 -0.15 -10.27 -26.22
CA GLY D 166 -1.22 -10.55 -25.28
C GLY D 166 -2.55 -9.96 -25.68
N HIS D 167 -2.56 -8.93 -26.52
CA HIS D 167 -3.77 -8.20 -26.85
C HIS D 167 -4.48 -8.85 -28.04
N SER D 168 -5.81 -8.87 -27.97
CA SER D 168 -6.61 -9.26 -29.11
C SER D 168 -6.49 -8.24 -30.23
N LEU D 169 -6.88 -8.64 -31.43
CA LEU D 169 -6.81 -7.72 -32.57
C LEU D 169 -7.73 -6.52 -32.35
N GLU D 170 -8.91 -6.76 -31.75
CA GLU D 170 -9.82 -5.65 -31.47
C GLU D 170 -9.17 -4.62 -30.57
N SER D 171 -8.58 -5.06 -29.46
CA SER D 171 -7.91 -4.12 -28.56
C SER D 171 -6.72 -3.46 -29.24
N ILE D 172 -6.03 -4.17 -30.13
CA ILE D 172 -4.94 -3.55 -30.89
C ILE D 172 -5.50 -2.53 -31.87
N LYS D 173 -6.55 -2.89 -32.61
CA LYS D 173 -7.07 -1.95 -33.59
C LYS D 173 -7.85 -0.83 -32.91
N ALA D 174 -8.55 -1.12 -31.81
CA ALA D 174 -9.26 -0.07 -31.10
C ALA D 174 -8.29 0.93 -30.48
N SER D 175 -7.17 0.45 -29.94
CA SER D 175 -6.18 1.36 -29.37
C SER D 175 -5.65 2.33 -30.41
N ILE D 176 -5.56 1.89 -31.66
CA ILE D 176 -5.15 2.79 -32.74
C ILE D 176 -6.26 3.82 -33.01
N GLU D 177 -7.52 3.37 -32.97
CA GLU D 177 -8.65 4.30 -33.04
C GLU D 177 -8.53 5.40 -32.00
N ALA D 178 -8.18 5.05 -30.77
CA ALA D 178 -8.36 5.94 -29.63
C ALA D 178 -7.40 7.11 -29.66
N ARG D 179 -6.20 6.94 -30.20
CA ARG D 179 -5.24 8.03 -30.30
C ARG D 179 -5.34 8.80 -31.61
N LYS D 180 -6.11 8.28 -32.58
CA LYS D 180 -6.06 8.84 -33.92
C LYS D 180 -6.49 10.30 -34.00
N PRO D 181 -7.56 10.75 -33.34
CA PRO D 181 -7.90 12.19 -33.43
C PRO D 181 -6.78 13.12 -33.00
N ASP D 182 -6.15 12.89 -31.84
CA ASP D 182 -5.02 13.72 -31.45
C ASP D 182 -3.88 13.58 -32.44
N PHE D 183 -3.62 12.35 -32.89
CA PHE D 183 -2.52 12.13 -33.81
C PHE D 183 -2.70 12.93 -35.09
N ASP D 184 -3.91 12.88 -35.67
CA ASP D 184 -4.18 13.65 -36.88
C ASP D 184 -4.16 15.15 -36.60
N ALA D 185 -4.63 15.56 -35.42
CA ALA D 185 -4.74 16.98 -35.13
C ALA D 185 -3.40 17.61 -34.76
N PHE D 186 -2.53 16.87 -34.10
CA PHE D 186 -1.35 17.50 -33.53
C PHE D 186 -0.03 16.96 -34.06
N ILE D 187 0.11 15.65 -34.20
CA ILE D 187 1.39 15.08 -34.59
C ILE D 187 1.59 15.18 -36.10
N ASP D 188 0.69 14.53 -36.85
CA ASP D 188 0.80 14.47 -38.31
C ASP D 188 1.03 15.82 -39.00
N PRO D 189 0.39 16.93 -38.61
CA PRO D 189 0.66 18.21 -39.28
C PRO D 189 2.10 18.68 -39.19
N GLN D 190 2.89 18.20 -38.23
CA GLN D 190 4.26 18.65 -38.13
C GLN D 190 5.08 18.31 -39.36
N LYS D 191 4.55 17.47 -40.26
CA LYS D 191 5.29 17.04 -41.44
C LYS D 191 5.67 18.20 -42.34
N GLN D 192 4.87 19.25 -42.38
CA GLN D 192 5.13 20.36 -43.30
C GLN D 192 6.45 21.06 -42.99
N TYR D 193 6.91 20.97 -41.74
CA TYR D 193 8.11 21.66 -41.31
C TYR D 193 9.36 20.79 -41.36
N ALA D 194 9.23 19.54 -41.77
CA ALA D 194 10.38 18.65 -41.83
C ALA D 194 11.13 18.87 -43.13
N ASP D 195 12.46 18.94 -43.04
CA ASP D 195 13.28 19.02 -44.24
C ASP D 195 13.37 17.65 -44.92
N ALA D 196 13.26 16.58 -44.14
CA ALA D 196 13.29 15.22 -44.65
C ALA D 196 12.21 14.42 -43.95
N VAL D 197 11.28 13.85 -44.73
CA VAL D 197 10.25 12.98 -44.21
C VAL D 197 10.47 11.59 -44.79
N ILE D 198 10.42 10.56 -43.96
CA ILE D 198 10.46 9.18 -44.43
C ILE D 198 9.08 8.58 -44.18
N GLU D 199 8.39 8.26 -45.27
CA GLU D 199 7.03 7.76 -45.23
C GLU D 199 7.06 6.26 -45.54
N VAL D 200 6.48 5.46 -44.67
CA VAL D 200 6.59 4.01 -44.74
C VAL D 200 5.21 3.46 -45.12
N LEU D 201 5.11 2.89 -46.32
CA LEU D 201 3.87 2.42 -46.92
C LEU D 201 3.95 0.93 -47.23
N PRO D 202 2.81 0.24 -47.27
CA PRO D 202 2.82 -1.16 -47.73
C PRO D 202 3.20 -1.26 -49.20
N THR D 203 3.81 -2.38 -49.54
CA THR D 203 4.41 -2.57 -50.86
C THR D 203 3.34 -2.62 -51.95
N THR D 204 3.72 -2.18 -53.15
CA THR D 204 2.90 -2.44 -54.31
C THR D 204 3.38 -3.64 -55.11
N LEU D 205 4.59 -4.13 -54.83
CA LEU D 205 5.10 -5.26 -55.60
C LEU D 205 4.34 -6.53 -55.31
N ILE D 206 3.92 -6.70 -54.06
CA ILE D 206 3.11 -7.84 -53.63
C ILE D 206 1.71 -7.33 -53.30
N PRO D 207 0.69 -7.69 -54.06
CA PRO D 207 -0.66 -7.21 -53.77
C PRO D 207 -1.20 -7.82 -52.49
N ASP D 208 -1.75 -6.97 -51.62
CA ASP D 208 -2.36 -7.36 -50.35
C ASP D 208 -1.34 -7.86 -49.34
N ASP D 209 -0.08 -7.44 -49.47
CA ASP D 209 0.87 -7.71 -48.39
C ASP D 209 0.56 -6.81 -47.21
N ASN D 210 0.50 -7.40 -46.02
CA ASN D 210 0.14 -6.69 -44.81
C ASN D 210 1.10 -7.03 -43.67
N GLU D 211 2.29 -7.53 -44.00
CA GLU D 211 3.17 -8.10 -43.01
C GLU D 211 4.32 -7.19 -42.63
N GLY D 212 4.42 -6.01 -43.24
CA GLY D 212 5.35 -5.01 -42.77
C GLY D 212 6.81 -5.32 -42.98
N LYS D 213 7.14 -6.36 -43.76
CA LYS D 213 8.53 -6.66 -44.08
C LYS D 213 8.93 -6.19 -45.47
N VAL D 214 8.07 -6.38 -46.47
CA VAL D 214 8.28 -5.77 -47.78
C VAL D 214 7.57 -4.41 -47.78
N LEU D 215 8.33 -3.34 -47.96
CA LEU D 215 7.80 -2.00 -47.76
C LEU D 215 8.07 -1.10 -48.95
N ARG D 216 7.13 -0.19 -49.20
CA ARG D 216 7.31 0.94 -50.09
C ARG D 216 7.54 2.17 -49.22
N VAL D 217 8.74 2.72 -49.24
CA VAL D 217 9.07 3.81 -48.34
C VAL D 217 9.59 4.99 -49.17
N ARG D 218 9.08 6.19 -48.87
CA ARG D 218 9.36 7.40 -49.60
C ARG D 218 10.27 8.30 -48.79
N LEU D 219 11.37 8.75 -49.40
CA LEU D 219 12.21 9.78 -48.82
C LEU D 219 11.82 11.10 -49.49
N ILE D 220 11.16 11.96 -48.73
CA ILE D 220 10.65 13.23 -49.22
C ILE D 220 11.60 14.32 -48.70
N MET D 221 12.30 14.98 -49.62
CA MET D 221 13.35 15.93 -49.27
C MET D 221 12.92 17.33 -49.72
N LYS D 222 12.92 18.25 -48.78
CA LYS D 222 12.47 19.62 -49.07
C LYS D 222 13.53 20.36 -49.87
N GLU D 223 13.11 21.03 -50.93
CA GLU D 223 14.01 21.80 -51.76
C GLU D 223 14.20 23.22 -51.21
N GLY D 224 15.29 23.85 -51.65
CA GLY D 224 15.60 25.21 -51.24
C GLY D 224 16.20 25.34 -49.86
N VAL D 225 16.61 24.24 -49.25
CA VAL D 225 17.13 24.23 -47.89
C VAL D 225 18.64 24.41 -47.96
N LYS D 226 19.15 25.43 -47.26
CA LYS D 226 20.57 25.76 -47.35
C LYS D 226 21.41 24.64 -46.76
N TYR D 227 22.49 24.30 -47.45
CA TYR D 227 23.43 23.25 -47.11
C TYR D 227 22.84 21.85 -47.23
N PHE D 228 21.69 21.71 -47.89
CA PHE D 228 21.00 20.41 -48.02
C PHE D 228 20.65 20.18 -49.49
N SER D 229 21.53 19.49 -50.22
CA SER D 229 21.28 19.16 -51.61
C SER D 229 20.61 17.81 -51.69
N PRO D 230 19.33 17.73 -52.04
CA PRO D 230 18.60 16.45 -51.93
C PRO D 230 19.22 15.37 -52.81
N VAL D 231 18.97 14.12 -52.41
CA VAL D 231 19.39 12.97 -53.19
C VAL D 231 18.60 12.93 -54.50
N TYR D 232 19.25 12.44 -55.55
CA TYR D 232 18.57 12.21 -56.81
C TYR D 232 19.13 10.97 -57.49
N LEU D 233 18.37 10.47 -58.47
CA LEU D 233 18.66 9.24 -59.19
C LEU D 233 18.78 9.58 -60.67
N PHE D 234 19.99 9.43 -61.22
CA PHE D 234 20.27 9.57 -62.65
C PHE D 234 20.17 11.00 -63.17
N ASP D 235 19.02 11.66 -63.02
CA ASP D 235 18.80 12.95 -63.67
C ASP D 235 17.93 13.80 -62.76
N GLU D 236 18.57 14.77 -62.11
CA GLU D 236 17.91 15.58 -61.09
C GLU D 236 16.68 16.28 -61.66
N GLY D 237 15.57 16.20 -60.92
CA GLY D 237 14.37 16.89 -61.30
C GLY D 237 13.46 16.15 -62.26
N SER D 238 13.94 15.09 -62.89
CA SER D 238 13.09 14.33 -63.79
C SER D 238 12.24 13.35 -62.99
N THR D 239 11.38 12.61 -63.69
CA THR D 239 10.52 11.59 -63.09
C THR D 239 10.99 10.25 -63.61
N ILE D 240 11.59 9.43 -62.74
CA ILE D 240 12.25 8.21 -63.14
C ILE D 240 11.67 7.02 -62.39
N SER D 241 11.47 5.93 -63.12
CA SER D 241 11.20 4.61 -62.54
C SER D 241 12.38 3.71 -62.89
N TRP D 242 12.91 2.99 -61.91
CA TRP D 242 14.14 2.22 -62.09
C TRP D 242 14.02 0.85 -61.45
N ILE D 243 14.21 -0.19 -62.25
CA ILE D 243 14.29 -1.55 -61.76
C ILE D 243 15.72 -2.03 -61.99
N PRO D 244 16.52 -2.21 -60.94
CA PRO D 244 17.93 -2.59 -61.14
C PRO D 244 18.06 -4.06 -61.48
N CYS D 245 17.18 -4.89 -60.95
CA CYS D 245 17.30 -6.33 -61.09
C CYS D 245 17.20 -6.75 -62.55
N GLY D 246 18.03 -7.72 -62.92
CA GLY D 246 18.03 -8.24 -64.27
C GLY D 246 19.23 -9.12 -64.55
N ARG D 247 19.85 -8.92 -65.72
CA ARG D 247 20.95 -9.78 -66.12
C ARG D 247 22.20 -9.53 -65.29
N LYS D 248 22.54 -8.26 -65.03
CA LYS D 248 23.76 -7.92 -64.31
C LYS D 248 23.59 -7.87 -62.80
N LEU D 249 22.36 -7.83 -62.29
CA LEU D 249 22.11 -7.84 -60.86
C LEU D 249 20.95 -8.79 -60.59
N THR D 250 21.27 -10.01 -60.18
CA THR D 250 20.23 -10.98 -59.88
C THR D 250 19.60 -10.67 -58.52
N CYS D 251 18.29 -10.85 -58.43
CA CYS D 251 17.57 -10.61 -57.19
C CYS D 251 16.57 -11.72 -56.95
N SER D 252 16.14 -11.83 -55.68
CA SER D 252 15.09 -12.76 -55.31
C SER D 252 13.74 -12.11 -55.55
N TYR D 253 12.71 -12.86 -55.25
CA TYR D 253 11.36 -12.33 -55.25
C TYR D 253 11.13 -11.54 -53.96
N PRO D 254 10.42 -10.39 -54.02
CA PRO D 254 9.78 -9.77 -55.18
C PRO D 254 10.63 -8.75 -55.94
N GLY D 255 11.88 -8.57 -55.54
CA GLY D 255 12.75 -7.66 -56.23
C GLY D 255 12.75 -6.26 -55.64
N ILE D 256 13.38 -5.37 -56.40
CA ILE D 256 13.59 -3.98 -56.01
C ILE D 256 12.99 -3.08 -57.08
N LYS D 257 12.34 -2.00 -56.66
CA LYS D 257 11.83 -1.01 -57.59
C LYS D 257 12.04 0.38 -56.98
N PHE D 258 12.52 1.30 -57.81
CA PHE D 258 12.88 2.63 -57.36
C PHE D 258 12.13 3.69 -58.15
N ASN D 259 11.64 4.69 -57.43
CA ASN D 259 10.98 5.83 -58.05
C ASN D 259 11.63 7.11 -57.57
N TYR D 260 11.79 8.04 -58.51
CA TYR D 260 12.34 9.35 -58.22
C TYR D 260 11.45 10.37 -58.92
N GLU D 261 10.92 11.32 -58.16
CA GLU D 261 9.96 12.25 -58.69
C GLU D 261 9.98 13.55 -57.90
N PRO D 262 9.79 14.68 -58.56
CA PRO D 262 9.51 15.92 -57.83
C PRO D 262 8.06 15.96 -57.42
N ASP D 263 7.78 16.77 -56.41
CA ASP D 263 6.40 16.91 -55.98
C ASP D 263 6.24 18.21 -55.23
N SER D 264 4.99 18.51 -54.89
CA SER D 264 4.63 19.59 -53.98
C SER D 264 4.08 18.95 -52.71
N TYR D 265 4.49 19.46 -51.56
CA TYR D 265 4.22 18.81 -50.28
C TYR D 265 3.93 19.92 -49.28
N PHE D 266 2.64 20.13 -48.98
CA PHE D 266 2.20 21.24 -48.14
C PHE D 266 2.67 22.58 -48.73
N ASP D 267 2.55 22.72 -50.05
CA ASP D 267 2.87 23.93 -50.79
C ASP D 267 4.35 24.29 -50.76
N HIS D 268 5.21 23.34 -50.41
CA HIS D 268 6.64 23.45 -50.60
C HIS D 268 7.07 22.50 -51.71
N GLU D 269 8.11 22.88 -52.45
CA GLU D 269 8.63 21.98 -53.48
C GLU D 269 9.58 20.97 -52.85
N VAL D 270 9.40 19.70 -53.20
CA VAL D 270 10.19 18.61 -52.63
C VAL D 270 10.63 17.69 -53.76
N SER D 271 11.65 16.89 -53.44
CA SER D 271 12.08 15.77 -54.27
C SER D 271 11.84 14.50 -53.50
N VAL D 272 11.34 13.46 -54.19
CA VAL D 272 10.97 12.21 -53.54
C VAL D 272 11.74 11.07 -54.20
N LEU D 273 12.50 10.35 -53.39
CA LEU D 273 13.11 9.08 -53.78
C LEU D 273 12.31 7.97 -53.12
N GLU D 274 12.00 6.94 -53.89
CA GLU D 274 11.14 5.87 -53.44
C GLU D 274 11.84 4.54 -53.68
N MET D 275 11.81 3.65 -52.69
CA MET D 275 12.25 2.28 -52.89
C MET D 275 11.14 1.36 -52.46
N ASP D 276 10.73 0.48 -53.38
CA ASP D 276 9.78 -0.58 -53.04
C ASP D 276 10.47 -1.92 -53.22
N GLY D 277 10.21 -2.84 -52.30
CA GLY D 277 10.81 -4.15 -52.36
C GLY D 277 11.71 -4.42 -51.18
N GLN D 278 12.61 -5.37 -51.38
CA GLN D 278 13.43 -5.91 -50.30
C GLN D 278 14.80 -6.28 -50.85
N PHE D 279 15.86 -5.84 -50.17
CA PHE D 279 17.18 -6.36 -50.46
C PHE D 279 17.28 -7.81 -49.98
N ASP D 280 17.77 -8.70 -50.85
CA ASP D 280 18.05 -10.07 -50.44
C ASP D 280 19.51 -10.46 -50.59
N ARG D 281 20.33 -9.65 -51.25
CA ARG D 281 21.76 -9.89 -51.34
C ARG D 281 22.49 -8.57 -51.18
N LEU D 282 23.73 -8.65 -50.69
CA LEU D 282 24.50 -7.44 -50.43
C LEU D 282 24.85 -6.72 -51.73
N ASP D 283 24.98 -7.46 -52.84
CA ASP D 283 25.26 -6.83 -54.12
C ASP D 283 24.18 -5.81 -54.49
N GLU D 284 22.92 -6.11 -54.17
CA GLU D 284 21.82 -5.21 -54.51
C GLU D 284 21.98 -3.86 -53.82
N LEU D 285 22.21 -3.87 -52.51
CA LEU D 285 22.43 -2.62 -51.79
C LEU D 285 23.63 -1.86 -52.37
N ILE D 286 24.75 -2.57 -52.56
CA ILE D 286 25.94 -1.94 -53.13
C ILE D 286 25.62 -1.33 -54.50
N TYR D 287 24.92 -2.09 -55.34
CA TYR D 287 24.55 -1.60 -56.66
C TYR D 287 23.74 -0.31 -56.55
N VAL D 288 22.73 -0.30 -55.68
CA VAL D 288 21.86 0.86 -55.57
C VAL D 288 22.64 2.08 -55.09
N GLU D 289 23.39 1.93 -53.99
CA GLU D 289 24.18 3.06 -53.48
C GLU D 289 25.10 3.61 -54.56
N SER D 290 25.67 2.74 -55.40
CA SER D 290 26.61 3.20 -56.39
C SER D 290 25.96 4.00 -57.50
N HIS D 291 24.65 3.89 -57.66
CA HIS D 291 23.97 4.58 -58.75
C HIS D 291 23.18 5.79 -58.27
N LEU D 292 23.05 5.98 -56.96
CA LEU D 292 22.42 7.20 -56.46
C LEU D 292 23.43 8.34 -56.46
N SER D 293 22.91 9.57 -56.37
CA SER D 293 23.75 10.77 -56.33
C SER D 293 23.38 11.64 -55.14
N ASN D 294 24.26 12.58 -54.83
CA ASN D 294 24.10 13.49 -53.70
C ASN D 294 23.83 12.72 -52.41
N LEU D 295 24.72 11.76 -52.10
CA LEU D 295 24.57 10.94 -50.91
C LEU D 295 25.27 11.53 -49.69
N SER D 296 26.17 12.50 -49.89
CA SER D 296 26.98 13.06 -48.81
C SER D 296 27.89 12.01 -48.17
N THR D 297 28.30 11.02 -48.96
CA THR D 297 29.23 10.01 -48.48
C THR D 297 30.66 10.54 -48.49
N LYS D 298 31.47 10.02 -47.57
CA LYS D 298 32.88 10.38 -47.50
C LYS D 298 33.75 9.53 -48.42
N PHE D 299 33.18 8.46 -48.99
CA PHE D 299 33.91 7.51 -49.81
C PHE D 299 32.93 6.47 -50.34
N TYR D 300 33.35 5.79 -51.41
CA TYR D 300 32.53 4.77 -52.05
C TYR D 300 32.07 3.72 -51.06
N GLY D 301 30.77 3.48 -51.04
CA GLY D 301 30.21 2.40 -50.27
C GLY D 301 29.92 2.71 -48.82
N GLU D 302 29.98 3.98 -48.41
CA GLU D 302 29.86 4.30 -46.99
C GLU D 302 28.47 3.95 -46.45
N VAL D 303 27.44 4.18 -47.24
CA VAL D 303 26.09 3.79 -46.83
C VAL D 303 26.05 2.30 -46.51
N THR D 304 26.54 1.48 -47.45
CA THR D 304 26.62 0.03 -47.24
C THR D 304 27.41 -0.29 -45.98
N GLN D 305 28.63 0.23 -45.89
CA GLN D 305 29.46 -0.01 -44.73
C GLN D 305 28.77 0.48 -43.45
N GLN D 306 28.26 1.71 -43.48
CA GLN D 306 27.56 2.24 -42.33
C GLN D 306 26.30 1.44 -42.01
N MET D 307 25.65 0.86 -43.02
CA MET D 307 24.50 0.01 -42.74
C MET D 307 24.91 -1.31 -42.12
N LEU D 308 26.05 -1.85 -42.54
CA LEU D 308 26.48 -3.17 -42.07
C LEU D 308 26.81 -3.16 -40.60
N LYS D 309 27.28 -2.02 -40.07
CA LYS D 309 27.52 -1.88 -38.65
C LYS D 309 26.36 -2.39 -37.81
N HIS D 310 25.15 -2.29 -38.34
CA HIS D 310 23.92 -2.60 -37.62
C HIS D 310 23.05 -3.53 -38.44
N ALA D 311 23.65 -4.65 -38.87
CA ALA D 311 22.95 -5.56 -39.77
C ALA D 311 21.70 -6.17 -39.13
N ASP D 312 21.71 -6.41 -37.82
CA ASP D 312 20.54 -7.00 -37.19
C ASP D 312 19.49 -5.96 -36.80
N PHE D 313 19.72 -4.68 -37.11
CA PHE D 313 18.69 -3.67 -36.95
C PHE D 313 17.47 -4.04 -37.79
N PRO D 314 16.26 -3.79 -37.32
CA PRO D 314 15.08 -3.99 -38.17
C PRO D 314 15.06 -2.96 -39.31
N GLY D 315 14.45 -3.37 -40.42
CA GLY D 315 14.44 -2.54 -41.60
C GLY D 315 15.75 -2.49 -42.36
N SER D 316 16.72 -3.33 -42.01
CA SER D 316 18.04 -3.28 -42.66
C SER D 316 17.99 -3.72 -44.12
N ASN D 317 16.94 -4.43 -44.53
CA ASN D 317 16.87 -4.97 -45.88
C ASN D 317 15.83 -4.30 -46.76
N ASN D 318 15.32 -3.13 -46.36
CA ASN D 318 14.38 -2.40 -47.20
C ASN D 318 14.74 -0.92 -47.16
N GLY D 319 13.88 -0.08 -47.73
CA GLY D 319 14.18 1.33 -47.85
C GLY D 319 14.23 2.07 -46.52
N THR D 320 13.63 1.51 -45.47
CA THR D 320 13.62 2.17 -44.17
C THR D 320 15.04 2.36 -43.63
N GLY D 321 15.79 1.27 -43.50
CA GLY D 321 17.16 1.40 -43.06
C GLY D 321 18.03 2.15 -44.05
N LEU D 322 17.76 2.00 -45.34
CA LEU D 322 18.57 2.66 -46.35
C LEU D 322 18.44 4.17 -46.26
N PHE D 323 17.21 4.68 -46.25
CA PHE D 323 17.00 6.13 -46.28
C PHE D 323 17.30 6.80 -44.95
N GLN D 324 17.11 6.10 -43.83
CA GLN D 324 17.51 6.67 -42.55
C GLN D 324 19.02 6.87 -42.48
N THR D 325 19.78 5.87 -42.95
CA THR D 325 21.24 6.04 -43.05
C THR D 325 21.58 7.26 -43.91
N ILE D 326 20.91 7.42 -45.05
CA ILE D 326 21.21 8.53 -45.95
C ILE D 326 20.86 9.86 -45.30
N VAL D 327 19.72 9.91 -44.59
CA VAL D 327 19.36 11.12 -43.86
C VAL D 327 20.45 11.48 -42.85
N GLY D 328 21.05 10.48 -42.22
CA GLY D 328 22.14 10.76 -41.30
C GLY D 328 23.32 11.39 -41.99
N LEU D 329 23.68 10.88 -43.16
CA LEU D 329 24.82 11.43 -43.90
C LEU D 329 24.52 12.83 -44.41
N LYS D 330 23.29 13.08 -44.86
CA LYS D 330 22.94 14.43 -45.29
C LYS D 330 23.02 15.41 -44.13
N ILE D 331 22.54 15.01 -42.96
CA ILE D 331 22.61 15.88 -41.79
C ILE D 331 24.07 16.14 -41.43
N ARG D 332 24.90 15.09 -41.41
CA ARG D 332 26.32 15.28 -41.13
C ARG D 332 26.92 16.27 -42.09
N ASP D 333 26.66 16.08 -43.38
CA ASP D 333 27.05 17.03 -44.41
C ASP D 333 26.60 18.43 -44.05
N LEU D 334 25.36 18.56 -43.58
CA LEU D 334 24.80 19.87 -43.29
C LEU D 334 25.52 20.52 -42.11
N TYR D 335 25.67 19.79 -40.99
CA TYR D 335 26.28 20.46 -39.84
C TYR D 335 27.78 20.64 -40.01
N GLU D 336 28.42 19.88 -40.90
CA GLU D 336 29.80 20.19 -41.25
C GLU D 336 29.90 21.58 -41.87
N GLN D 337 29.07 21.84 -42.88
CA GLN D 337 29.03 23.16 -43.51
C GLN D 337 28.57 24.22 -42.52
N LEU D 338 27.56 23.91 -41.71
CA LEU D 338 27.02 24.89 -40.77
C LEU D 338 28.07 25.29 -39.73
N ILE D 339 28.83 24.31 -39.24
CA ILE D 339 29.87 24.61 -38.25
C ILE D 339 30.99 25.42 -38.88
N ALA D 340 31.49 24.98 -40.03
CA ALA D 340 32.55 25.71 -40.71
C ALA D 340 32.14 27.16 -40.98
N ASN D 341 30.96 27.34 -41.56
CA ASN D 341 30.39 28.69 -41.72
C ASN D 341 30.40 29.45 -40.40
N LYS D 342 29.96 28.79 -39.33
CA LYS D 342 29.94 29.43 -38.01
C LYS D 342 31.35 29.77 -37.54
N ALA D 343 32.28 28.83 -37.68
CA ALA D 343 33.66 29.09 -37.26
C ALA D 343 34.26 30.24 -38.04
N THR D 344 34.01 30.31 -39.35
CA THR D 344 34.51 31.42 -40.16
C THR D 344 33.95 32.74 -39.67
N ALA D 345 32.66 32.78 -39.32
CA ALA D 345 32.08 33.99 -38.78
C ALA D 345 32.74 34.38 -37.46
N ARG D 346 33.04 33.39 -36.61
CA ARG D 346 33.72 33.67 -35.35
C ARG D 346 35.10 34.28 -35.61
N ALA D 347 35.83 33.73 -36.57
CA ALA D 347 37.15 34.27 -36.91
C ALA D 347 37.05 35.74 -37.29
N GLU D 348 36.12 36.08 -38.18
CA GLU D 348 35.91 37.47 -38.57
C GLU D 348 35.47 38.31 -37.37
N ALA D 349 34.60 37.75 -36.52
CA ALA D 349 34.10 38.51 -35.37
C ALA D 349 35.23 38.86 -34.41
N LYS D 350 36.18 37.96 -34.22
CA LYS D 350 37.30 38.20 -33.30
C LYS D 350 38.48 38.91 -33.97
N ALA D 351 38.55 38.90 -35.29
CA ALA D 351 39.64 39.57 -36.00
C ALA D 351 39.34 41.05 -36.21
#